data_6M79
#
_entry.id   6M79
#
_cell.length_a   1.00
_cell.length_b   1.00
_cell.length_c   1.00
_cell.angle_alpha   90.00
_cell.angle_beta   90.00
_cell.angle_gamma   90.00
#
_symmetry.space_group_name_H-M   'P 1'
#
loop_
_entity.id
_entity.type
_entity.pdbx_description
1 polymer Cryptochrome-2
2 non-polymer 'ADENOSINE MONOPHOSPHATE'
3 non-polymer 'FLAVIN-ADENINE DINUCLEOTIDE'
#
_entity_poly.entity_id   1
_entity_poly.type   'polypeptide(L)'
_entity_poly.pdbx_seq_one_letter_code
;MKMDKKTIVWFRRDLRIEDNPALAAAAHEGSVFPVFIWCPEEEGQFYPGRASRWWMKQSLAHLSQSLKALGSDLTLIQTH
NTISAILDCIRVTGPTKVVFNHLYDPVSLVRDHTVKEKLVERGISVQSYNGDLLYEPWEIYCEKGKPFTSFNSYWKKCLD
MSIESVMLPPPWRLMPITAAAEAIWACSIEELGLENEAEKPSNALLTRAWSPGWSNADKLLNEFIEKQLIDYAKNSKKVV
GNSTSLLSPYLHFGEISVRHVFQCARMKQIIWARDKNSEGEESADLFLRGIGLREYSRYICFNFPFTHEQSLLSHLRFFP
WDADVDKFKAWRQGRTGYPLVDAGMRELWATGWMHNRIRVIVSSFGVKFLLLPWKWGMKYFWDTLLDADLECDILGWQYI
SGSIPDGHELDRLDNPALQGAKYDPEGEYIRQWLPELARLPTEWIHHPWDAPLTVLKASGVELGTNYAKPIVDIDTAREL
LAKAISRTREAQIMIGAAPDEIVADSFEALGANTIKEPGLCPSVSSNDQQVPSVVRYNGSKRVKPEEEEERDMKKSRGFD
ERELFSTAESSSSSSVFFVSQSCSLASEGKNLEGIQDSSDQITTSLGKNGCK
;
_entity_poly.pdbx_strand_id   A,B,C,D
#
# COMPACT_ATOMS: atom_id res chain seq x y z
N LYS A 5 -12.07 42.75 -34.73
CA LYS A 5 -11.12 41.78 -34.21
C LYS A 5 -11.68 40.37 -34.35
N LYS A 6 -11.54 39.79 -35.54
CA LYS A 6 -12.00 38.44 -35.79
C LYS A 6 -10.84 37.63 -36.38
N THR A 7 -10.55 36.49 -35.75
CA THR A 7 -9.40 35.67 -36.11
C THR A 7 -9.83 34.24 -36.36
N ILE A 8 -9.15 33.60 -37.30
CA ILE A 8 -9.35 32.19 -37.60
C ILE A 8 -8.12 31.44 -37.15
N VAL A 9 -8.31 30.48 -36.25
CA VAL A 9 -7.23 29.65 -35.74
C VAL A 9 -7.25 28.33 -36.50
N TRP A 10 -6.11 27.95 -37.06
CA TRP A 10 -6.02 26.73 -37.85
C TRP A 10 -5.33 25.65 -37.05
N PHE A 11 -5.97 24.49 -36.90
CA PHE A 11 -5.41 23.36 -36.16
C PHE A 11 -4.95 22.30 -37.13
N ARG A 12 -3.69 21.90 -37.05
CA ARG A 12 -3.20 20.79 -37.87
C ARG A 12 -2.63 19.64 -37.05
N ARG A 13 -1.63 19.88 -36.22
CA ARG A 13 -1.01 18.81 -35.44
C ARG A 13 -0.58 19.28 -34.06
N ASP A 14 -1.42 20.07 -33.40
CA ASP A 14 -1.10 20.68 -32.11
C ASP A 14 -2.30 20.55 -31.19
N LEU A 15 -2.83 19.36 -31.08
CA LEU A 15 -4.14 19.14 -30.48
C LEU A 15 -4.08 19.28 -28.95
N ARG A 16 -3.72 20.47 -28.50
CA ARG A 16 -3.67 20.78 -27.09
C ARG A 16 -4.07 22.22 -26.89
N ILE A 17 -4.28 22.61 -25.63
CA ILE A 17 -4.62 24.00 -25.32
C ILE A 17 -3.58 24.69 -24.45
N GLU A 18 -2.67 23.95 -23.84
CA GLU A 18 -1.58 24.55 -23.07
C GLU A 18 -0.39 24.78 -23.98
N ASP A 19 0.30 25.90 -23.80
CA ASP A 19 1.50 26.22 -24.56
C ASP A 19 1.23 26.15 -26.05
N ASN A 20 0.10 26.70 -26.45
CA ASN A 20 -0.26 26.80 -27.87
C ASN A 20 -0.15 28.26 -28.28
N PRO A 21 0.92 28.64 -28.99
CA PRO A 21 1.15 30.07 -29.23
C PRO A 21 0.11 30.73 -30.12
N ALA A 22 -0.30 30.07 -31.21
CA ALA A 22 -1.28 30.68 -32.09
C ALA A 22 -2.61 30.90 -31.39
N LEU A 23 -3.09 29.90 -30.66
CA LEU A 23 -4.33 30.05 -29.94
C LEU A 23 -4.23 31.12 -28.87
N ALA A 24 -3.12 31.17 -28.13
CA ALA A 24 -2.97 32.18 -27.11
C ALA A 24 -2.96 33.58 -27.70
N ALA A 25 -2.28 33.77 -28.83
CA ALA A 25 -2.27 35.07 -29.50
C ALA A 25 -3.67 35.48 -29.92
N ALA A 26 -4.39 34.60 -30.62
CA ALA A 26 -5.71 34.96 -31.11
C ALA A 26 -6.67 35.26 -29.97
N ALA A 27 -6.65 34.43 -28.93
CA ALA A 27 -7.57 34.62 -27.81
C ALA A 27 -7.29 35.93 -27.08
N HIS A 28 -6.03 36.28 -26.89
CA HIS A 28 -5.72 37.57 -26.30
C HIS A 28 -6.08 38.73 -27.20
N GLU A 29 -6.05 38.52 -28.52
CA GLU A 29 -6.36 39.59 -29.45
C GLU A 29 -7.85 39.91 -29.49
N GLY A 30 -8.71 38.88 -29.54
CA GLY A 30 -10.12 39.14 -29.73
C GLY A 30 -11.04 37.92 -29.82
N SER A 31 -11.88 37.87 -30.84
CA SER A 31 -12.80 36.75 -31.03
C SER A 31 -12.22 35.75 -32.02
N VAL A 32 -12.51 34.46 -31.76
CA VAL A 32 -11.81 33.35 -32.40
C VAL A 32 -12.80 32.43 -33.10
N PHE A 33 -12.31 31.72 -34.10
CA PHE A 33 -13.12 30.75 -34.85
C PHE A 33 -12.26 29.54 -35.21
N PRO A 34 -12.15 28.57 -34.31
CA PRO A 34 -11.24 27.43 -34.55
C PRO A 34 -11.72 26.58 -35.70
N VAL A 35 -10.77 25.96 -36.42
CA VAL A 35 -11.16 25.13 -37.54
C VAL A 35 -10.12 24.03 -37.76
N PHE A 36 -10.61 22.87 -38.19
CA PHE A 36 -9.80 21.74 -38.62
C PHE A 36 -10.23 21.34 -40.01
N ILE A 37 -9.26 21.21 -40.91
CA ILE A 37 -9.50 20.96 -42.32
C ILE A 37 -8.75 19.70 -42.73
N TRP A 38 -9.48 18.71 -43.23
CA TRP A 38 -8.92 17.42 -43.61
C TRP A 38 -9.01 17.28 -45.12
N CYS A 39 -7.89 17.02 -45.78
CA CYS A 39 -7.83 16.96 -47.25
C CYS A 39 -6.94 15.81 -47.69
N PRO A 40 -7.51 14.65 -48.01
CA PRO A 40 -6.68 13.50 -48.39
C PRO A 40 -5.82 13.72 -49.61
N GLU A 41 -6.30 14.47 -50.59
CA GLU A 41 -5.62 14.49 -51.89
C GLU A 41 -4.29 15.22 -51.82
N GLU A 42 -4.17 16.24 -50.96
CA GLU A 42 -2.93 17.01 -50.92
C GLU A 42 -1.80 16.24 -50.26
N GLU A 43 -2.12 15.22 -49.46
CA GLU A 43 -1.08 14.53 -48.69
C GLU A 43 -0.16 13.72 -49.59
N GLY A 44 -0.68 13.13 -50.65
CA GLY A 44 0.14 12.40 -51.59
C GLY A 44 0.35 10.96 -51.15
N GLN A 45 1.60 10.58 -50.91
CA GLN A 45 1.92 9.26 -50.40
C GLN A 45 2.30 9.29 -48.92
N PHE A 46 2.31 10.48 -48.31
CA PHE A 46 2.46 10.59 -46.87
C PHE A 46 1.13 10.52 -46.15
N TYR A 47 0.15 9.87 -46.77
CA TYR A 47 -1.16 9.70 -46.16
C TYR A 47 -1.03 8.83 -44.91
N PRO A 48 -1.59 9.25 -43.78
CA PRO A 48 -1.43 8.48 -42.54
C PRO A 48 -2.08 7.11 -42.61
N GLY A 49 -1.55 6.20 -41.79
CA GLY A 49 -2.02 4.82 -41.75
C GLY A 49 -3.05 4.58 -40.66
N ARG A 50 -3.51 3.32 -40.62
CA ARG A 50 -4.71 2.96 -39.86
C ARG A 50 -4.55 3.22 -38.37
N ALA A 51 -3.43 2.78 -37.81
CA ALA A 51 -3.18 2.98 -36.40
C ALA A 51 -3.07 4.46 -36.05
N SER A 52 -2.70 5.29 -37.02
CA SER A 52 -2.63 6.73 -36.80
C SER A 52 -4.00 7.39 -36.88
N ARG A 53 -4.82 6.96 -37.83
CA ARG A 53 -6.15 7.53 -37.97
C ARG A 53 -7.01 7.21 -36.75
N TRP A 54 -6.87 6.01 -36.19
CA TRP A 54 -7.62 5.67 -34.99
C TRP A 54 -7.30 6.65 -33.85
N TRP A 55 -6.01 6.86 -33.57
CA TRP A 55 -5.62 7.78 -32.51
C TRP A 55 -6.06 9.19 -32.81
N MET A 56 -6.00 9.59 -34.08
CA MET A 56 -6.39 10.95 -34.44
C MET A 56 -7.87 11.19 -34.17
N LYS A 57 -8.72 10.21 -34.48
CA LYS A 57 -10.16 10.39 -34.22
C LYS A 57 -10.45 10.52 -32.74
N GLN A 58 -9.85 9.67 -31.91
CA GLN A 58 -10.09 9.78 -30.48
C GLN A 58 -9.62 11.13 -29.94
N SER A 59 -8.45 11.57 -30.38
CA SER A 59 -7.95 12.86 -29.91
C SER A 59 -8.82 14.00 -30.38
N LEU A 60 -9.38 13.91 -31.58
CA LEU A 60 -10.26 14.97 -32.07
C LEU A 60 -11.54 15.06 -31.25
N ALA A 61 -12.13 13.93 -30.87
CA ALA A 61 -13.31 13.99 -30.03
C ALA A 61 -12.99 14.62 -28.67
N HIS A 62 -11.88 14.21 -28.07
CA HIS A 62 -11.45 14.79 -26.79
C HIS A 62 -11.29 16.29 -26.90
N LEU A 63 -10.60 16.75 -27.95
CA LEU A 63 -10.37 18.18 -28.13
C LEU A 63 -11.67 18.95 -28.36
N SER A 64 -12.60 18.37 -29.12
CA SER A 64 -13.86 19.05 -29.38
C SER A 64 -14.64 19.27 -28.09
N GLN A 65 -14.72 18.25 -27.24
CA GLN A 65 -15.39 18.46 -25.96
C GLN A 65 -14.68 19.53 -25.14
N SER A 66 -13.35 19.51 -25.16
CA SER A 66 -12.59 20.49 -24.38
C SER A 66 -12.90 21.90 -24.83
N LEU A 67 -12.99 22.13 -26.14
CA LEU A 67 -13.27 23.47 -26.66
C LEU A 67 -14.71 23.88 -26.34
N LYS A 68 -15.66 22.96 -26.51
CA LYS A 68 -17.05 23.31 -26.24
C LYS A 68 -17.27 23.66 -24.78
N ALA A 69 -16.53 23.05 -23.87
CA ALA A 69 -16.65 23.46 -22.47
C ALA A 69 -16.18 24.89 -22.26
N LEU A 70 -15.10 25.29 -22.93
CA LEU A 70 -14.57 26.63 -22.76
C LEU A 70 -15.50 27.69 -23.31
N GLY A 71 -16.19 27.42 -24.42
CA GLY A 71 -17.17 28.40 -24.89
C GLY A 71 -17.20 28.64 -26.38
N SER A 72 -16.38 27.91 -27.12
CA SER A 72 -16.44 27.94 -28.58
C SER A 72 -16.59 26.50 -29.05
N ASP A 73 -16.43 26.26 -30.34
CA ASP A 73 -16.61 24.90 -30.84
C ASP A 73 -15.72 24.65 -32.04
N LEU A 74 -15.23 23.43 -32.14
CA LEU A 74 -14.43 23.02 -33.28
C LEU A 74 -15.33 22.78 -34.48
N THR A 75 -14.84 23.12 -35.66
CA THR A 75 -15.56 22.92 -36.90
C THR A 75 -14.70 22.08 -37.83
N LEU A 76 -15.29 21.05 -38.40
CA LEU A 76 -14.55 20.09 -39.21
C LEU A 76 -15.00 20.18 -40.66
N ILE A 77 -14.03 20.32 -41.56
CA ILE A 77 -14.33 20.45 -42.99
C ILE A 77 -13.51 19.44 -43.76
N GLN A 78 -14.18 18.60 -44.55
CA GLN A 78 -13.53 17.73 -45.52
C GLN A 78 -13.75 18.29 -46.91
N THR A 79 -12.66 18.49 -47.64
CA THR A 79 -12.72 19.25 -48.89
C THR A 79 -11.77 18.65 -49.91
N HIS A 80 -11.70 19.31 -51.06
CA HIS A 80 -10.74 19.02 -52.11
C HIS A 80 -9.71 20.12 -52.28
N ASN A 81 -9.93 21.27 -51.66
CA ASN A 81 -9.03 22.41 -51.75
C ASN A 81 -9.02 23.11 -50.40
N THR A 82 -7.85 23.57 -49.99
CA THR A 82 -7.73 24.25 -48.70
C THR A 82 -7.98 25.75 -48.84
N ILE A 83 -7.50 26.34 -49.93
CA ILE A 83 -7.73 27.76 -50.17
C ILE A 83 -9.22 28.04 -50.28
N SER A 84 -9.94 27.15 -50.96
CA SER A 84 -11.38 27.33 -51.10
C SER A 84 -12.07 27.32 -49.75
N ALA A 85 -11.70 26.38 -48.87
CA ALA A 85 -12.33 26.30 -47.57
C ALA A 85 -12.03 27.53 -46.73
N ILE A 86 -10.78 27.98 -46.74
CA ILE A 86 -10.44 29.16 -45.95
C ILE A 86 -11.19 30.38 -46.48
N LEU A 87 -11.25 30.54 -47.80
CA LEU A 87 -11.94 31.67 -48.38
C LEU A 87 -13.44 31.64 -48.08
N ASP A 88 -14.04 30.44 -48.11
CA ASP A 88 -15.44 30.33 -47.74
C ASP A 88 -15.68 30.73 -46.29
N CYS A 89 -14.81 30.27 -45.38
CA CYS A 89 -14.96 30.67 -43.98
C CYS A 89 -14.83 32.18 -43.85
N ILE A 90 -13.91 32.78 -44.59
CA ILE A 90 -13.75 34.23 -44.58
C ILE A 90 -15.04 34.91 -45.05
N ARG A 91 -15.56 34.46 -46.19
CA ARG A 91 -16.76 35.08 -46.77
C ARG A 91 -17.95 34.95 -45.85
N VAL A 92 -18.03 33.88 -45.05
CA VAL A 92 -19.18 33.69 -44.20
C VAL A 92 -19.08 34.40 -42.85
N THR A 93 -17.88 34.48 -42.27
CA THR A 93 -17.80 35.06 -40.93
C THR A 93 -17.27 36.49 -40.91
N GLY A 94 -16.65 36.96 -41.98
CA GLY A 94 -16.10 38.29 -42.01
C GLY A 94 -14.96 38.52 -41.03
N PRO A 95 -13.88 37.77 -41.18
CA PRO A 95 -12.77 37.87 -40.23
C PRO A 95 -11.77 38.94 -40.63
N THR A 96 -10.68 39.00 -39.88
CA THR A 96 -9.59 39.90 -40.22
C THR A 96 -8.24 39.20 -40.26
N LYS A 97 -8.04 38.14 -39.49
CA LYS A 97 -6.71 37.54 -39.34
C LYS A 97 -6.78 36.02 -39.40
N VAL A 98 -5.63 35.42 -39.74
CA VAL A 98 -5.47 33.97 -39.77
C VAL A 98 -4.14 33.61 -39.09
N VAL A 99 -4.17 32.65 -38.17
CA VAL A 99 -2.96 32.26 -37.45
C VAL A 99 -2.83 30.74 -37.43
N PHE A 100 -1.57 30.27 -37.45
CA PHE A 100 -1.30 28.84 -37.31
C PHE A 100 0.13 28.62 -36.82
N ASN A 101 0.57 27.36 -36.83
CA ASN A 101 1.86 26.92 -36.31
C ASN A 101 2.67 26.23 -37.40
N HIS A 102 3.97 26.08 -37.14
CA HIS A 102 4.93 25.63 -38.13
C HIS A 102 5.03 24.11 -38.17
N LEU A 103 5.25 23.58 -39.36
CA LEU A 103 5.60 22.19 -39.57
C LEU A 103 6.75 22.14 -40.56
N TYR A 104 7.53 21.07 -40.50
CA TYR A 104 8.75 20.97 -41.30
C TYR A 104 8.71 19.82 -42.29
N ASP A 105 7.53 19.28 -42.58
CA ASP A 105 7.38 18.33 -43.66
C ASP A 105 7.49 19.05 -45.00
N PRO A 106 7.95 18.38 -46.06
CA PRO A 106 7.97 19.02 -47.38
C PRO A 106 6.62 19.57 -47.82
N VAL A 107 5.59 18.74 -47.75
CA VAL A 107 4.25 19.16 -48.12
C VAL A 107 3.80 20.32 -47.24
N SER A 108 4.12 20.27 -45.96
CA SER A 108 3.72 21.35 -45.06
C SER A 108 4.36 22.66 -45.47
N LEU A 109 5.66 22.63 -45.81
CA LEU A 109 6.33 23.87 -46.19
C LEU A 109 5.70 24.47 -47.44
N VAL A 110 5.47 23.64 -48.45
CA VAL A 110 4.88 24.15 -49.69
C VAL A 110 3.50 24.73 -49.43
N ARG A 111 2.67 24.01 -48.69
CA ARG A 111 1.30 24.46 -48.46
C ARG A 111 1.29 25.75 -47.64
N ASP A 112 2.15 25.86 -46.64
CA ASP A 112 2.19 27.08 -45.85
C ASP A 112 2.60 28.28 -46.68
N HIS A 113 3.62 28.11 -47.54
CA HIS A 113 4.03 29.22 -48.38
C HIS A 113 2.92 29.65 -49.31
N THR A 114 2.26 28.68 -49.95
CA THR A 114 1.19 29.02 -50.88
C THR A 114 0.06 29.76 -50.17
N VAL A 115 -0.32 29.29 -48.98
CA VAL A 115 -1.38 29.95 -48.24
C VAL A 115 -0.99 31.39 -47.91
N LYS A 116 0.21 31.57 -47.38
CA LYS A 116 0.66 32.91 -47.01
C LYS A 116 0.58 33.87 -48.19
N GLU A 117 1.10 33.44 -49.34
CA GLU A 117 1.10 34.33 -50.50
C GLU A 117 -0.31 34.63 -50.98
N LYS A 118 -1.11 33.60 -51.24
CA LYS A 118 -2.43 33.82 -51.82
C LYS A 118 -3.37 34.51 -50.85
N LEU A 119 -3.04 34.57 -49.57
CA LEU A 119 -3.87 35.31 -48.63
C LEU A 119 -3.43 36.76 -48.51
N VAL A 120 -2.12 37.01 -48.55
CA VAL A 120 -1.66 38.40 -48.47
C VAL A 120 -2.01 39.17 -49.72
N GLU A 121 -2.33 38.47 -50.82
CA GLU A 121 -2.80 39.18 -52.00
C GLU A 121 -4.07 39.98 -51.73
N ARG A 122 -5.01 39.41 -50.98
CA ARG A 122 -6.32 40.03 -50.79
C ARG A 122 -6.40 40.91 -49.57
N GLY A 123 -5.25 41.35 -49.03
CA GLY A 123 -5.28 42.29 -47.93
C GLY A 123 -5.70 41.72 -46.60
N ILE A 124 -5.55 40.41 -46.39
CA ILE A 124 -5.81 39.78 -45.10
C ILE A 124 -4.48 39.35 -44.52
N SER A 125 -4.23 39.73 -43.27
CA SER A 125 -2.95 39.47 -42.63
C SER A 125 -2.90 38.05 -42.09
N VAL A 126 -1.71 37.45 -42.17
CA VAL A 126 -1.49 36.08 -41.72
C VAL A 126 -0.35 36.07 -40.71
N GLN A 127 -0.25 34.99 -39.95
CA GLN A 127 0.82 34.89 -38.97
C GLN A 127 1.03 33.42 -38.60
N SER A 128 2.29 33.05 -38.43
CA SER A 128 2.67 31.69 -38.08
C SER A 128 3.63 31.72 -36.91
N TYR A 129 3.62 30.67 -36.11
CA TYR A 129 4.45 30.60 -34.93
C TYR A 129 5.29 29.33 -34.93
N ASN A 130 5.93 29.05 -33.80
CA ASN A 130 6.78 27.87 -33.63
C ASN A 130 6.30 27.10 -32.41
N GLY A 131 5.87 25.86 -32.61
CA GLY A 131 5.28 25.13 -31.52
C GLY A 131 5.80 23.73 -31.27
N ASP A 132 6.77 23.27 -32.07
CA ASP A 132 7.18 21.87 -31.99
C ASP A 132 8.68 21.66 -31.82
N LEU A 133 9.47 22.70 -31.60
CA LEU A 133 10.91 22.52 -31.53
C LEU A 133 11.51 23.36 -30.41
N LEU A 134 12.75 23.03 -30.06
CA LEU A 134 13.52 23.83 -29.11
C LEU A 134 14.29 24.94 -29.82
N TYR A 135 15.07 24.58 -30.84
CA TYR A 135 15.77 25.55 -31.68
C TYR A 135 15.36 25.34 -33.12
N GLU A 136 15.08 26.42 -33.84
CA GLU A 136 14.75 26.29 -35.25
C GLU A 136 15.98 25.84 -36.03
N PRO A 137 15.79 25.09 -37.11
CA PRO A 137 16.94 24.51 -37.81
C PRO A 137 17.90 25.51 -38.41
N TRP A 138 17.47 26.76 -38.59
CA TRP A 138 18.34 27.78 -39.19
C TRP A 138 19.08 28.60 -38.17
N GLU A 139 19.13 28.15 -36.91
CA GLU A 139 19.66 28.98 -35.83
C GLU A 139 20.97 28.47 -35.28
N ILE A 140 21.36 27.25 -35.61
CA ILE A 140 22.58 26.64 -35.09
C ILE A 140 23.53 26.39 -36.24
N TYR A 141 24.76 26.92 -36.13
CA TYR A 141 25.77 26.77 -37.16
C TYR A 141 27.14 26.83 -36.51
N CYS A 142 28.15 26.43 -37.27
CA CYS A 142 29.52 26.40 -36.77
C CYS A 142 30.21 27.73 -37.03
N GLU A 143 31.47 27.83 -36.58
CA GLU A 143 32.18 29.12 -36.58
C GLU A 143 32.28 29.71 -37.98
N LYS A 144 32.46 28.86 -39.00
CA LYS A 144 32.50 29.31 -40.38
C LYS A 144 31.10 29.44 -41.00
N GLY A 145 30.05 29.45 -40.18
CA GLY A 145 28.70 29.58 -40.68
C GLY A 145 28.20 28.34 -41.38
N LYS A 146 28.77 27.19 -41.08
CA LYS A 146 28.42 25.94 -41.73
C LYS A 146 27.57 25.07 -40.82
N PRO A 147 26.68 24.27 -41.39
CA PRO A 147 25.95 23.28 -40.58
C PRO A 147 26.87 22.19 -40.05
N PHE A 148 26.52 21.67 -38.88
CA PHE A 148 27.26 20.57 -38.29
C PHE A 148 27.01 19.29 -39.09
N THR A 149 27.85 18.29 -38.84
CA THR A 149 27.74 17.01 -39.53
C THR A 149 27.66 15.80 -38.62
N SER A 150 27.90 15.94 -37.32
CA SER A 150 27.86 14.81 -36.42
C SER A 150 27.04 15.17 -35.18
N PHE A 151 26.34 14.16 -34.66
CA PHE A 151 25.43 14.40 -33.56
C PHE A 151 26.16 14.90 -32.32
N ASN A 152 27.39 14.41 -32.08
CA ASN A 152 28.08 14.78 -30.86
C ASN A 152 28.41 16.27 -30.83
N SER A 153 29.01 16.78 -31.90
CA SER A 153 29.30 18.20 -31.98
C SER A 153 28.02 19.01 -31.97
N TYR A 154 27.01 18.57 -32.72
CA TYR A 154 25.74 19.30 -32.73
C TYR A 154 25.18 19.45 -31.32
N TRP A 155 25.09 18.34 -30.58
CA TRP A 155 24.47 18.38 -29.27
C TRP A 155 25.33 19.14 -28.28
N LYS A 156 26.66 19.10 -28.44
CA LYS A 156 27.53 19.90 -27.58
C LYS A 156 27.26 21.39 -27.78
N LYS A 157 27.15 21.82 -29.03
CA LYS A 157 26.83 23.21 -29.30
C LYS A 157 25.46 23.59 -28.73
N CYS A 158 24.46 22.73 -28.94
CA CYS A 158 23.12 23.03 -28.47
C CYS A 158 23.07 23.14 -26.96
N LEU A 159 23.79 22.25 -26.26
CA LEU A 159 23.88 22.36 -24.81
C LEU A 159 24.56 23.66 -24.39
N ASP A 160 25.61 24.04 -25.11
CA ASP A 160 26.34 25.25 -24.74
C ASP A 160 25.46 26.49 -24.86
N MET A 161 24.67 26.58 -25.92
CA MET A 161 23.84 27.76 -26.12
C MET A 161 22.73 27.86 -25.08
N SER A 162 21.93 28.91 -25.16
CA SER A 162 20.83 29.12 -24.24
C SER A 162 19.51 29.24 -24.99
N ILE A 163 18.44 28.72 -24.39
CA ILE A 163 17.13 28.66 -25.04
C ILE A 163 16.52 30.06 -25.12
N GLU A 164 15.75 30.30 -26.17
CA GLU A 164 15.17 31.61 -26.47
C GLU A 164 13.66 31.50 -26.61
N SER A 165 13.01 30.80 -25.68
CA SER A 165 11.58 30.58 -25.76
C SER A 165 10.96 30.63 -24.37
N VAL A 166 9.76 31.18 -24.28
CA VAL A 166 9.00 31.21 -23.03
C VAL A 166 7.78 30.32 -23.18
N MET A 167 7.12 30.03 -22.06
CA MET A 167 5.93 29.20 -22.06
C MET A 167 4.70 30.06 -21.78
N LEU A 168 3.59 29.69 -22.41
CA LEU A 168 2.37 30.47 -22.40
C LEU A 168 1.26 29.75 -21.65
N PRO A 169 0.52 30.42 -20.80
CA PRO A 169 -0.59 29.78 -20.09
C PRO A 169 -1.76 29.54 -21.03
N PRO A 170 -2.66 28.62 -20.69
CA PRO A 170 -3.82 28.36 -21.56
C PRO A 170 -4.79 29.52 -21.53
N PRO A 171 -5.53 29.73 -22.62
CA PRO A 171 -6.57 30.78 -22.61
C PRO A 171 -7.67 30.46 -21.61
N TRP A 172 -8.21 31.50 -21.00
CA TRP A 172 -9.22 31.32 -19.96
C TRP A 172 -10.61 31.06 -20.54
N ARG A 173 -11.07 31.93 -21.42
CA ARG A 173 -12.35 31.78 -22.09
C ARG A 173 -12.21 32.22 -23.53
N LEU A 174 -13.19 31.84 -24.35
CA LEU A 174 -13.19 32.21 -25.76
C LEU A 174 -14.50 32.90 -26.09
N MET A 175 -14.41 34.03 -26.80
CA MET A 175 -15.60 34.75 -27.23
C MET A 175 -16.09 34.14 -28.55
N PRO A 176 -17.29 33.57 -28.59
CA PRO A 176 -17.71 32.81 -29.77
C PRO A 176 -17.93 33.68 -31.00
N ILE A 177 -18.29 33.01 -32.09
CA ILE A 177 -18.62 33.68 -33.34
C ILE A 177 -19.71 32.89 -34.05
N ILE A 184 -21.31 26.18 -46.22
CA ILE A 184 -20.00 26.10 -45.60
C ILE A 184 -19.51 24.65 -45.62
N TRP A 185 -20.46 23.72 -45.62
CA TRP A 185 -20.19 22.28 -45.71
C TRP A 185 -19.38 21.76 -44.51
N ALA A 186 -19.74 22.22 -43.32
CA ALA A 186 -19.21 21.62 -42.11
C ALA A 186 -19.83 20.25 -41.88
N CYS A 187 -19.07 19.34 -41.28
CA CYS A 187 -19.60 17.99 -41.06
C CYS A 187 -19.26 17.54 -39.65
N SER A 188 -19.45 16.25 -39.39
CA SER A 188 -19.29 15.65 -38.08
C SER A 188 -18.18 14.61 -38.10
N ILE A 189 -17.70 14.27 -36.90
CA ILE A 189 -16.52 13.41 -36.76
C ILE A 189 -16.70 12.06 -37.43
N GLU A 190 -17.93 11.69 -37.77
CA GLU A 190 -18.18 10.38 -38.36
C GLU A 190 -18.17 10.39 -39.88
N GLU A 191 -18.37 11.55 -40.51
CA GLU A 191 -18.35 11.62 -41.97
C GLU A 191 -16.99 11.97 -42.53
N LEU A 192 -15.99 12.21 -41.67
CA LEU A 192 -14.62 12.38 -42.15
C LEU A 192 -14.07 11.11 -42.78
N GLY A 193 -14.70 9.96 -42.53
CA GLY A 193 -14.23 8.71 -43.10
C GLY A 193 -12.86 8.31 -42.60
N LEU A 194 -12.61 8.48 -41.31
CA LEU A 194 -11.30 8.14 -40.76
C LEU A 194 -11.09 6.63 -40.61
N GLU A 195 -12.17 5.87 -40.39
CA GLU A 195 -12.07 4.44 -40.14
C GLU A 195 -12.89 3.67 -41.15
N ASN A 196 -12.38 2.50 -41.56
CA ASN A 196 -13.14 1.63 -42.44
C ASN A 196 -14.34 1.05 -41.69
N GLU A 197 -15.12 0.25 -42.40
CA GLU A 197 -16.33 -0.33 -41.83
C GLU A 197 -16.11 -1.71 -41.24
N ALA A 198 -15.27 -2.54 -41.84
CA ALA A 198 -15.05 -3.87 -41.32
C ALA A 198 -14.13 -3.87 -40.12
N GLU A 199 -13.29 -2.85 -39.97
CA GLU A 199 -12.19 -2.86 -39.00
C GLU A 199 -12.47 -2.01 -37.78
N LYS A 200 -13.73 -1.79 -37.47
CA LYS A 200 -14.00 -1.07 -36.24
C LYS A 200 -13.92 -1.99 -35.03
N PRO A 201 -14.56 -3.17 -35.04
CA PRO A 201 -14.44 -4.07 -33.89
C PRO A 201 -13.02 -4.54 -33.62
N SER A 202 -12.21 -4.74 -34.65
CA SER A 202 -10.83 -5.15 -34.42
C SER A 202 -9.99 -4.01 -33.86
N ASN A 203 -10.13 -2.81 -34.42
CA ASN A 203 -9.39 -1.67 -33.92
C ASN A 203 -9.76 -1.33 -32.49
N ALA A 204 -10.99 -1.64 -32.09
CA ALA A 204 -11.43 -1.26 -30.75
C ALA A 204 -10.59 -1.90 -29.66
N LEU A 205 -9.87 -2.98 -29.97
CA LEU A 205 -9.15 -3.72 -28.95
C LEU A 205 -7.95 -2.94 -28.40
N LEU A 206 -7.37 -2.03 -29.18
CA LEU A 206 -6.19 -1.29 -28.72
C LEU A 206 -6.45 -0.49 -27.46
N THR A 207 -7.71 -0.14 -27.18
CA THR A 207 -8.04 0.52 -25.92
C THR A 207 -7.60 -0.27 -24.71
N ARG A 208 -7.23 -1.53 -24.88
CA ARG A 208 -6.72 -2.31 -23.76
C ARG A 208 -5.41 -1.76 -23.21
N ALA A 209 -4.60 -1.12 -24.05
CA ALA A 209 -3.28 -0.65 -23.61
C ALA A 209 -3.14 0.87 -23.59
N TRP A 210 -3.74 1.58 -24.53
CA TRP A 210 -3.53 3.01 -24.69
C TRP A 210 -4.81 3.77 -24.39
N SER A 211 -4.69 5.08 -24.21
CA SER A 211 -5.84 5.95 -24.01
C SER A 211 -5.50 7.38 -24.43
N PRO A 212 -5.90 7.78 -25.63
CA PRO A 212 -5.46 9.07 -26.17
C PRO A 212 -6.11 10.26 -25.50
N GLY A 213 -5.50 11.43 -25.71
CA GLY A 213 -6.00 12.69 -25.18
C GLY A 213 -4.97 13.46 -24.37
N TRP A 214 -4.99 14.78 -24.51
CA TRP A 214 -3.98 15.58 -23.83
C TRP A 214 -4.14 15.54 -22.32
N SER A 215 -5.35 15.41 -21.83
CA SER A 215 -5.54 15.23 -20.40
C SER A 215 -4.87 13.97 -19.88
N ASN A 216 -4.70 12.96 -20.74
CA ASN A 216 -4.01 11.74 -20.36
C ASN A 216 -2.50 11.84 -20.55
N ALA A 217 -2.05 12.61 -21.54
CA ALA A 217 -0.62 12.82 -21.71
C ALA A 217 -0.02 13.50 -20.48
N ASP A 218 -0.70 14.52 -19.95
CA ASP A 218 -0.18 15.18 -18.75
C ASP A 218 -0.10 14.21 -17.58
N LYS A 219 -1.14 13.41 -17.39
CA LYS A 219 -1.17 12.45 -16.29
C LYS A 219 -0.07 11.42 -16.42
N LEU A 220 0.28 11.02 -17.64
CA LEU A 220 1.37 10.07 -17.82
C LEU A 220 2.73 10.69 -17.53
N LEU A 221 2.96 11.90 -18.03
CA LEU A 221 4.28 12.52 -17.86
C LEU A 221 4.59 12.77 -16.40
N ASN A 222 3.62 13.26 -15.63
CA ASN A 222 3.87 13.56 -14.23
C ASN A 222 4.32 12.32 -13.48
N GLU A 223 3.62 11.21 -13.69
CA GLU A 223 3.97 9.97 -13.00
C GLU A 223 5.32 9.45 -13.42
N PHE A 224 5.64 9.49 -14.73
CA PHE A 224 6.97 9.05 -15.14
C PHE A 224 8.05 9.86 -14.46
N ILE A 225 7.96 11.19 -14.54
CA ILE A 225 9.02 12.02 -13.97
C ILE A 225 9.14 11.79 -12.48
N GLU A 226 8.04 11.67 -11.75
CA GLU A 226 8.14 11.56 -10.30
C GLU A 226 8.63 10.21 -9.80
N LYS A 227 8.47 9.12 -10.57
CA LYS A 227 8.77 7.82 -9.98
C LYS A 227 9.63 6.87 -10.81
N GLN A 228 9.95 7.18 -12.07
CA GLN A 228 10.67 6.21 -12.88
C GLN A 228 11.95 6.72 -13.49
N LEU A 229 12.18 8.04 -13.51
CA LEU A 229 13.36 8.57 -14.20
C LEU A 229 14.64 8.06 -13.58
N ILE A 230 14.67 7.94 -12.25
CA ILE A 230 15.90 7.67 -11.54
C ILE A 230 16.51 6.33 -11.90
N ASP A 231 15.72 5.41 -12.48
CA ASP A 231 16.20 4.09 -12.87
C ASP A 231 16.36 3.94 -14.37
N TYR A 232 16.30 5.04 -15.11
CA TYR A 232 16.34 4.98 -16.57
C TYR A 232 17.66 4.40 -17.05
N ALA A 233 18.77 4.81 -16.42
CA ALA A 233 20.09 4.37 -16.87
C ALA A 233 20.26 2.87 -16.75
N LYS A 234 19.46 2.22 -15.91
CA LYS A 234 19.58 0.78 -15.77
C LYS A 234 18.53 0.03 -16.57
N ASN A 235 17.26 0.41 -16.45
CA ASN A 235 16.21 -0.28 -17.17
C ASN A 235 16.28 -0.05 -18.67
N SER A 236 17.02 0.96 -19.12
CA SER A 236 17.00 1.35 -20.52
C SER A 236 17.77 0.41 -21.43
N LYS A 237 18.15 -0.77 -20.96
CA LYS A 237 18.77 -1.75 -21.83
C LYS A 237 18.08 -3.10 -21.80
N LYS A 238 16.98 -3.22 -21.07
CA LYS A 238 16.24 -4.47 -20.96
C LYS A 238 14.89 -4.31 -21.65
N VAL A 239 14.57 -5.27 -22.51
CA VAL A 239 13.45 -5.13 -23.43
C VAL A 239 12.15 -5.70 -22.87
N VAL A 240 12.16 -6.18 -21.63
CA VAL A 240 10.99 -6.87 -21.10
C VAL A 240 10.28 -5.97 -20.10
N GLY A 241 8.96 -6.12 -20.06
CA GLY A 241 8.16 -5.32 -19.15
C GLY A 241 7.82 -3.98 -19.76
N ASN A 242 7.98 -2.91 -18.97
CA ASN A 242 7.89 -1.55 -19.49
C ASN A 242 8.96 -0.74 -18.77
N SER A 243 10.01 -0.38 -19.51
CA SER A 243 11.15 0.29 -18.93
C SER A 243 11.27 1.76 -19.34
N THR A 244 11.00 2.07 -20.60
CA THR A 244 11.15 3.43 -21.10
C THR A 244 9.93 4.26 -20.70
N SER A 245 9.76 5.43 -21.30
CA SER A 245 8.75 6.38 -20.85
C SER A 245 7.42 6.27 -21.59
N LEU A 246 7.42 5.83 -22.84
CA LEU A 246 6.21 5.65 -23.65
C LEU A 246 5.50 6.98 -23.92
N LEU A 247 6.22 7.92 -24.53
CA LEU A 247 5.65 9.22 -24.86
C LEU A 247 5.60 9.51 -26.36
N SER A 248 6.07 8.61 -27.21
CA SER A 248 6.19 8.94 -28.63
C SER A 248 4.86 9.22 -29.32
N PRO A 249 3.80 8.41 -29.15
CA PRO A 249 2.54 8.77 -29.81
C PRO A 249 1.97 10.08 -29.29
N TYR A 250 2.20 10.43 -28.03
CA TYR A 250 1.71 11.71 -27.54
C TYR A 250 2.51 12.87 -28.09
N LEU A 251 3.82 12.70 -28.30
CA LEU A 251 4.61 13.76 -28.88
C LEU A 251 4.37 13.95 -30.36
N HIS A 252 3.99 12.89 -31.07
CA HIS A 252 3.79 13.02 -32.50
C HIS A 252 2.61 13.92 -32.84
N PHE A 253 1.55 13.87 -32.04
CA PHE A 253 0.35 14.67 -32.25
C PHE A 253 0.37 15.97 -31.47
N GLY A 254 1.46 16.27 -30.78
CA GLY A 254 1.56 17.54 -30.12
C GLY A 254 0.64 17.73 -28.94
N GLU A 255 0.25 16.65 -28.28
CA GLU A 255 -0.61 16.78 -27.10
C GLU A 255 0.18 17.13 -25.85
N ILE A 256 1.50 17.13 -25.91
CA ILE A 256 2.35 17.55 -24.80
C ILE A 256 3.45 18.43 -25.37
N SER A 257 4.04 19.27 -24.53
CA SER A 257 5.01 20.25 -24.98
C SER A 257 6.44 19.77 -24.71
N VAL A 258 7.24 19.70 -25.78
CA VAL A 258 8.61 19.22 -25.64
C VAL A 258 9.41 20.14 -24.72
N ARG A 259 9.10 21.44 -24.73
CA ARG A 259 9.72 22.36 -23.78
C ARG A 259 9.34 22.02 -22.35
N HIS A 260 8.10 21.60 -22.13
CA HIS A 260 7.67 21.17 -20.80
C HIS A 260 8.46 19.96 -20.33
N VAL A 261 8.61 18.97 -21.20
CA VAL A 261 9.38 17.78 -20.86
C VAL A 261 10.82 18.15 -20.52
N PHE A 262 11.41 19.00 -21.35
CA PHE A 262 12.79 19.42 -21.17
C PHE A 262 12.98 20.10 -19.83
N GLN A 263 12.09 21.02 -19.48
CA GLN A 263 12.23 21.72 -18.21
C GLN A 263 12.14 20.76 -17.02
N CYS A 264 11.18 19.83 -17.07
CA CYS A 264 11.05 18.91 -15.94
C CYS A 264 12.31 18.07 -15.73
N ALA A 265 12.84 17.52 -16.82
CA ALA A 265 14.03 16.70 -16.71
C ALA A 265 15.23 17.52 -16.21
N ARG A 266 15.39 18.73 -16.74
CA ARG A 266 16.52 19.56 -16.30
C ARG A 266 16.44 19.90 -14.83
N MET A 267 15.25 20.22 -14.32
CA MET A 267 15.12 20.55 -12.91
C MET A 267 15.49 19.35 -12.02
N LYS A 268 15.03 18.15 -12.39
CA LYS A 268 15.44 16.97 -11.64
C LYS A 268 16.95 16.81 -11.65
N GLN A 269 17.57 17.02 -12.81
CA GLN A 269 19.02 16.86 -12.91
C GLN A 269 19.76 17.84 -12.02
N ILE A 270 19.29 19.08 -11.93
CA ILE A 270 19.97 20.07 -11.09
C ILE A 270 19.97 19.61 -9.64
N ILE A 271 18.82 19.16 -9.14
CA ILE A 271 18.78 18.74 -7.74
C ILE A 271 19.70 17.55 -7.51
N TRP A 272 19.64 16.55 -8.40
CA TRP A 272 20.48 15.36 -8.20
C TRP A 272 21.96 15.70 -8.25
N ALA A 273 22.36 16.56 -9.17
CA ALA A 273 23.76 16.96 -9.24
C ALA A 273 24.17 17.74 -8.01
N ARG A 274 23.27 18.52 -7.41
CA ARG A 274 23.63 19.22 -6.19
C ARG A 274 23.92 18.24 -5.05
N ASP A 275 23.09 17.21 -4.89
CA ASP A 275 23.23 16.34 -3.74
C ASP A 275 24.10 15.11 -4.02
N LYS A 276 24.90 15.14 -5.08
CA LYS A 276 25.90 14.11 -5.37
C LYS A 276 25.28 12.73 -5.55
N ASN A 277 24.42 12.60 -6.56
CA ASN A 277 23.78 11.35 -6.90
C ASN A 277 24.23 10.98 -8.31
N SER A 278 25.29 10.17 -8.40
CA SER A 278 25.87 9.85 -9.70
C SER A 278 24.89 9.11 -10.60
N GLU A 279 24.16 8.14 -10.04
CA GLU A 279 23.16 7.43 -10.83
C GLU A 279 22.09 8.37 -11.35
N GLY A 280 21.64 9.31 -10.51
CA GLY A 280 20.68 10.29 -10.98
C GLY A 280 21.21 11.09 -12.15
N GLU A 281 22.46 11.54 -12.05
CA GLU A 281 23.04 12.32 -13.15
C GLU A 281 23.08 11.51 -14.43
N GLU A 282 23.51 10.25 -14.34
CA GLU A 282 23.59 9.41 -15.53
C GLU A 282 22.23 9.24 -16.17
N SER A 283 21.21 8.96 -15.36
CA SER A 283 19.87 8.76 -15.89
C SER A 283 19.36 10.03 -16.59
N ALA A 284 19.51 11.18 -15.94
CA ALA A 284 19.01 12.42 -16.53
C ALA A 284 19.73 12.75 -17.82
N ASP A 285 21.06 12.57 -17.87
CA ASP A 285 21.80 12.85 -19.08
C ASP A 285 21.36 11.94 -20.22
N LEU A 286 21.16 10.66 -19.93
CA LEU A 286 20.69 9.75 -20.98
C LEU A 286 19.33 10.18 -21.53
N PHE A 287 18.41 10.53 -20.64
CA PHE A 287 17.09 10.93 -21.10
C PHE A 287 17.16 12.18 -21.98
N LEU A 288 17.96 13.18 -21.57
CA LEU A 288 18.04 14.40 -22.36
C LEU A 288 18.74 14.17 -23.69
N ARG A 289 19.72 13.28 -23.76
CA ARG A 289 20.30 12.92 -25.04
C ARG A 289 19.25 12.30 -25.97
N GLY A 290 18.42 11.42 -25.41
CA GLY A 290 17.31 10.89 -26.19
C GLY A 290 16.40 11.99 -26.71
N ILE A 291 16.10 12.97 -25.86
CA ILE A 291 15.24 14.08 -26.30
C ILE A 291 15.89 14.84 -27.45
N GLY A 292 17.20 15.10 -27.35
CA GLY A 292 17.88 15.87 -28.36
C GLY A 292 18.02 15.18 -29.70
N LEU A 293 17.96 13.85 -29.72
CA LEU A 293 18.03 13.15 -31.00
C LEU A 293 16.87 13.53 -31.93
N ARG A 294 15.71 13.89 -31.38
CA ARG A 294 14.58 14.31 -32.21
C ARG A 294 14.87 15.64 -32.90
N GLU A 295 15.36 16.61 -32.12
CA GLU A 295 15.83 17.86 -32.68
C GLU A 295 16.81 17.62 -33.82
N TYR A 296 17.80 16.76 -33.59
CA TYR A 296 18.79 16.49 -34.62
C TYR A 296 18.13 15.91 -35.87
N SER A 297 17.15 15.04 -35.70
CA SER A 297 16.48 14.44 -36.86
C SER A 297 15.80 15.50 -37.71
N ARG A 298 15.06 16.41 -37.08
CA ARG A 298 14.41 17.48 -37.85
C ARG A 298 15.44 18.38 -38.49
N TYR A 299 16.54 18.66 -37.78
CA TYR A 299 17.60 19.51 -38.30
C TYR A 299 18.18 18.97 -39.59
N ILE A 300 18.55 17.68 -39.59
CA ILE A 300 19.18 17.13 -40.78
C ILE A 300 18.17 17.05 -41.93
N CYS A 301 16.91 16.77 -41.63
CA CYS A 301 15.92 16.74 -42.69
C CYS A 301 15.72 18.11 -43.32
N PHE A 302 15.75 19.17 -42.50
CA PHE A 302 15.61 20.51 -43.06
C PHE A 302 16.84 20.92 -43.87
N ASN A 303 18.03 20.62 -43.38
CA ASN A 303 19.23 21.16 -44.01
C ASN A 303 19.69 20.34 -45.21
N PHE A 304 19.37 19.04 -45.24
CA PHE A 304 19.82 18.21 -46.35
C PHE A 304 18.66 17.43 -46.94
N PRO A 305 17.83 18.04 -47.79
CA PRO A 305 16.68 17.40 -48.42
C PRO A 305 17.03 16.13 -49.17
N PRO A 320 20.03 -5.07 -56.01
CA PRO A 320 20.04 -6.52 -56.24
C PRO A 320 19.29 -7.28 -55.14
N TRP A 321 18.09 -6.80 -54.80
CA TRP A 321 17.23 -7.48 -53.84
C TRP A 321 16.62 -8.73 -54.47
N ASP A 322 16.11 -9.60 -53.61
CA ASP A 322 15.28 -10.73 -54.03
C ASP A 322 13.82 -10.34 -53.87
N ALA A 323 13.11 -10.21 -54.97
CA ALA A 323 11.69 -9.85 -54.94
C ALA A 323 10.85 -11.07 -54.55
N ASP A 324 11.00 -11.49 -53.29
CA ASP A 324 10.36 -12.69 -52.79
C ASP A 324 9.21 -12.29 -51.87
N VAL A 325 8.01 -12.80 -52.17
CA VAL A 325 6.82 -12.36 -51.46
C VAL A 325 6.60 -13.18 -50.18
N ASP A 326 6.81 -14.49 -50.25
CA ASP A 326 6.57 -15.33 -49.09
C ASP A 326 7.57 -15.08 -48.00
N LYS A 327 8.81 -14.73 -48.35
CA LYS A 327 9.79 -14.35 -47.35
C LYS A 327 9.32 -13.14 -46.55
N PHE A 328 8.79 -12.14 -47.25
CA PHE A 328 8.25 -10.97 -46.60
C PHE A 328 7.07 -11.32 -45.70
N LYS A 329 6.19 -12.20 -46.19
CA LYS A 329 5.02 -12.59 -45.40
C LYS A 329 5.45 -13.30 -44.12
N ALA A 330 6.41 -14.21 -44.22
CA ALA A 330 6.90 -14.90 -43.04
C ALA A 330 7.54 -13.93 -42.06
N TRP A 331 8.31 -12.98 -42.59
CA TRP A 331 8.88 -11.94 -41.73
C TRP A 331 7.78 -11.25 -40.95
N ARG A 332 6.73 -10.80 -41.64
CA ARG A 332 5.74 -9.98 -40.96
C ARG A 332 4.81 -10.77 -40.05
N GLN A 333 4.66 -12.08 -40.27
CA GLN A 333 3.84 -12.87 -39.37
C GLN A 333 4.62 -13.47 -38.21
N GLY A 334 5.93 -13.64 -38.33
CA GLY A 334 6.73 -14.10 -37.21
C GLY A 334 7.06 -15.58 -37.22
N ARG A 335 7.49 -16.08 -38.38
CA ARG A 335 7.79 -17.49 -38.57
C ARG A 335 9.20 -17.67 -39.13
N THR A 336 10.11 -16.78 -38.74
CA THR A 336 11.49 -16.85 -39.22
C THR A 336 12.28 -17.97 -38.56
N GLY A 337 12.11 -18.14 -37.25
CA GLY A 337 12.90 -19.08 -36.48
C GLY A 337 13.75 -18.45 -35.40
N TYR A 338 14.01 -17.14 -35.46
CA TYR A 338 14.87 -16.47 -34.49
C TYR A 338 14.02 -15.88 -33.38
N PRO A 339 14.24 -16.29 -32.13
CA PRO A 339 13.30 -15.92 -31.07
C PRO A 339 13.09 -14.43 -30.88
N LEU A 340 14.13 -13.61 -30.98
CA LEU A 340 13.95 -12.19 -30.74
C LEU A 340 13.13 -11.53 -31.84
N VAL A 341 13.39 -11.92 -33.08
CA VAL A 341 12.59 -11.43 -34.20
C VAL A 341 11.13 -11.85 -34.05
N ASP A 342 10.90 -13.12 -33.68
CA ASP A 342 9.54 -13.62 -33.55
C ASP A 342 8.77 -12.86 -32.48
N ALA A 343 9.39 -12.69 -31.30
CA ALA A 343 8.67 -12.00 -30.23
C ALA A 343 8.48 -10.53 -30.56
N GLY A 344 9.41 -9.90 -31.27
CA GLY A 344 9.22 -8.52 -31.65
C GLY A 344 8.04 -8.31 -32.58
N MET A 345 7.94 -9.15 -33.61
CA MET A 345 6.81 -9.00 -34.52
C MET A 345 5.51 -9.37 -33.83
N ARG A 346 5.54 -10.36 -32.94
CA ARG A 346 4.35 -10.77 -32.22
C ARG A 346 3.82 -9.65 -31.32
N GLU A 347 4.70 -8.92 -30.64
CA GLU A 347 4.23 -7.80 -29.82
C GLU A 347 3.82 -6.61 -30.67
N LEU A 348 4.50 -6.39 -31.80
CA LEU A 348 4.14 -5.27 -32.66
C LEU A 348 2.70 -5.40 -33.15
N TRP A 349 2.35 -6.54 -33.72
CA TRP A 349 0.99 -6.65 -34.27
C TRP A 349 -0.08 -6.56 -33.20
N ALA A 350 0.23 -6.84 -31.94
CA ALA A 350 -0.79 -6.90 -30.90
C ALA A 350 -0.91 -5.64 -30.06
N THR A 351 0.13 -4.81 -29.99
CA THR A 351 0.02 -3.58 -29.20
C THR A 351 0.45 -2.32 -29.93
N GLY A 352 0.94 -2.43 -31.17
CA GLY A 352 1.37 -1.25 -31.89
C GLY A 352 2.56 -0.54 -31.31
N TRP A 353 3.59 -1.28 -30.91
CA TRP A 353 4.75 -0.69 -30.23
C TRP A 353 5.84 -1.76 -30.13
N MET A 354 7.08 -1.33 -29.92
CA MET A 354 8.22 -2.22 -29.69
C MET A 354 9.41 -1.40 -29.25
N HIS A 355 10.30 -2.03 -28.48
CA HIS A 355 11.45 -1.36 -27.87
C HIS A 355 12.48 -0.97 -28.94
N ASN A 356 13.37 -0.05 -28.57
N ASN A 356 13.37 -0.05 -28.57
CA ASN A 356 14.35 0.47 -29.52
CA ASN A 356 14.36 0.47 -29.51
C ASN A 356 15.32 -0.61 -29.97
C ASN A 356 15.33 -0.60 -29.96
N ARG A 357 15.77 -1.45 -29.05
CA ARG A 357 16.66 -2.53 -29.44
C ARG A 357 15.95 -3.50 -30.37
N ILE A 358 14.66 -3.74 -30.16
CA ILE A 358 13.93 -4.63 -31.05
C ILE A 358 13.75 -3.98 -32.42
N ARG A 359 13.56 -2.67 -32.47
CA ARG A 359 13.50 -1.99 -33.76
C ARG A 359 14.80 -2.17 -34.51
N VAL A 360 15.93 -1.93 -33.84
CA VAL A 360 17.23 -2.14 -34.46
C VAL A 360 17.36 -3.57 -34.97
N ILE A 361 17.02 -4.54 -34.13
CA ILE A 361 17.24 -5.95 -34.44
C ILE A 361 16.40 -6.37 -35.65
N VAL A 362 15.11 -6.07 -35.62
CA VAL A 362 14.22 -6.53 -36.69
C VAL A 362 14.58 -5.83 -38.00
N SER A 363 14.83 -4.52 -37.97
CA SER A 363 15.16 -3.83 -39.21
C SER A 363 16.45 -4.38 -39.81
N SER A 364 17.49 -4.53 -38.98
CA SER A 364 18.74 -5.06 -39.48
C SER A 364 18.57 -6.46 -40.02
N PHE A 365 17.76 -7.28 -39.36
CA PHE A 365 17.50 -8.62 -39.89
C PHE A 365 16.87 -8.54 -41.26
N GLY A 366 15.86 -7.68 -41.42
CA GLY A 366 15.13 -7.63 -42.66
C GLY A 366 15.99 -7.24 -43.85
N VAL A 367 16.97 -6.38 -43.64
CA VAL A 367 17.83 -5.93 -44.73
C VAL A 367 19.01 -6.87 -44.95
N LYS A 368 19.71 -7.26 -43.87
CA LYS A 368 20.98 -7.95 -44.02
C LYS A 368 20.85 -9.46 -44.09
N PHE A 369 19.66 -10.01 -43.80
CA PHE A 369 19.52 -11.46 -43.81
C PHE A 369 18.73 -11.97 -45.00
N LEU A 370 17.53 -11.45 -45.20
CA LEU A 370 16.68 -11.88 -46.30
C LEU A 370 16.81 -11.01 -47.54
N LEU A 371 17.63 -9.95 -47.46
CA LEU A 371 17.90 -9.07 -48.61
C LEU A 371 16.61 -8.55 -49.22
N LEU A 372 15.81 -7.84 -48.41
CA LEU A 372 14.52 -7.32 -48.82
C LEU A 372 14.65 -5.88 -49.29
N PRO A 373 13.80 -5.43 -50.22
CA PRO A 373 13.74 -4.00 -50.53
C PRO A 373 13.26 -3.20 -49.34
N TRP A 374 14.09 -2.27 -48.88
CA TRP A 374 13.84 -1.56 -47.63
C TRP A 374 12.55 -0.76 -47.66
N LYS A 375 12.02 -0.47 -48.85
CA LYS A 375 10.77 0.27 -48.94
C LYS A 375 9.64 -0.50 -48.29
N TRP A 376 9.61 -1.81 -48.45
CA TRP A 376 8.55 -2.61 -47.85
C TRP A 376 8.59 -2.54 -46.33
N GLY A 377 9.78 -2.63 -45.75
CA GLY A 377 9.90 -2.51 -44.31
C GLY A 377 9.45 -1.15 -43.83
N MET A 378 9.86 -0.10 -44.53
CA MET A 378 9.43 1.24 -44.16
C MET A 378 7.91 1.35 -44.21
N LYS A 379 7.28 0.80 -45.25
CA LYS A 379 5.84 0.94 -45.39
C LYS A 379 5.07 0.14 -44.34
N TYR A 380 5.51 -1.08 -44.04
CA TYR A 380 4.82 -1.85 -42.99
C TYR A 380 4.94 -1.18 -41.64
N PHE A 381 6.12 -0.65 -41.32
CA PHE A 381 6.24 0.14 -40.10
C PHE A 381 5.31 1.34 -40.14
N TRP A 382 5.17 1.96 -41.31
CA TRP A 382 4.30 3.12 -41.46
C TRP A 382 2.85 2.78 -41.11
N ASP A 383 2.37 1.63 -41.56
CA ASP A 383 0.97 1.27 -41.34
C ASP A 383 0.71 0.70 -39.94
N THR A 384 1.68 0.04 -39.31
CA THR A 384 1.40 -0.59 -38.02
C THR A 384 1.77 0.27 -36.81
N LEU A 385 2.88 0.99 -36.86
CA LEU A 385 3.35 1.72 -35.69
C LEU A 385 2.35 2.79 -35.27
N LEU A 386 2.06 2.86 -33.98
CA LEU A 386 1.11 3.85 -33.49
C LEU A 386 1.63 5.27 -33.52
N ASP A 387 2.91 5.47 -33.82
CA ASP A 387 3.52 6.80 -33.78
C ASP A 387 4.34 7.08 -35.02
N ALA A 388 3.85 6.67 -36.18
CA ALA A 388 4.64 6.76 -37.40
C ALA A 388 4.99 8.21 -37.72
N ASP A 389 6.27 8.53 -37.66
CA ASP A 389 6.77 9.89 -37.81
C ASP A 389 7.87 9.89 -38.86
N LEU A 390 7.77 10.82 -39.80
CA LEU A 390 8.60 10.76 -41.00
C LEU A 390 10.08 10.96 -40.69
N GLU A 391 10.41 12.00 -39.95
CA GLU A 391 11.82 12.33 -39.70
C GLU A 391 12.49 11.26 -38.86
N CYS A 392 11.86 10.85 -37.76
CA CYS A 392 12.44 9.83 -36.90
C CYS A 392 12.58 8.51 -37.65
N ASP A 393 11.58 8.15 -38.45
CA ASP A 393 11.66 6.93 -39.24
C ASP A 393 12.86 6.97 -40.17
N ILE A 394 13.03 8.06 -40.92
CA ILE A 394 14.13 8.16 -41.87
C ILE A 394 15.48 8.12 -41.15
N LEU A 395 15.60 8.85 -40.05
CA LEU A 395 16.86 8.87 -39.32
C LEU A 395 17.23 7.48 -38.83
N GLY A 396 16.28 6.75 -38.25
CA GLY A 396 16.56 5.41 -37.76
C GLY A 396 16.97 4.47 -38.86
N TRP A 397 16.26 4.52 -39.99
CA TRP A 397 16.63 3.61 -41.08
C TRP A 397 17.99 3.94 -41.67
N GLN A 398 18.34 5.21 -41.79
CA GLN A 398 19.69 5.56 -42.23
C GLN A 398 20.73 5.02 -41.27
N TYR A 399 20.51 5.20 -39.96
CA TYR A 399 21.46 4.71 -38.98
C TYR A 399 21.69 3.21 -39.12
N ILE A 400 20.62 2.42 -39.15
CA ILE A 400 20.81 0.98 -39.18
C ILE A 400 21.39 0.55 -40.53
N SER A 401 21.05 1.24 -41.61
CA SER A 401 21.51 0.84 -42.93
C SER A 401 22.93 1.28 -43.23
N GLY A 402 23.54 2.09 -42.38
CA GLY A 402 24.94 2.38 -42.51
C GLY A 402 25.28 3.50 -43.48
N SER A 403 24.30 4.33 -43.82
CA SER A 403 24.56 5.50 -44.64
C SER A 403 25.07 6.67 -43.81
N ILE A 404 25.23 6.48 -42.52
CA ILE A 404 25.79 7.50 -41.63
C ILE A 404 27.08 6.94 -41.02
N PRO A 405 28.18 7.69 -41.06
CA PRO A 405 29.43 7.16 -40.48
C PRO A 405 29.31 6.83 -38.99
N ASP A 406 28.44 7.54 -38.26
CA ASP A 406 28.14 7.20 -36.88
C ASP A 406 27.09 6.10 -36.80
N GLY A 407 27.53 4.86 -36.65
CA GLY A 407 26.61 3.74 -36.58
C GLY A 407 27.34 2.42 -36.73
N HIS A 408 26.58 1.41 -37.14
CA HIS A 408 27.14 0.09 -37.41
C HIS A 408 27.14 -0.17 -38.91
N GLU A 409 28.33 -0.41 -39.46
CA GLU A 409 28.49 -0.56 -40.90
C GLU A 409 27.81 -1.84 -41.39
N LEU A 410 27.40 -1.85 -42.66
CA LEU A 410 26.60 -2.95 -43.20
C LEU A 410 27.34 -4.27 -43.12
N ASP A 411 28.67 -4.25 -43.03
CA ASP A 411 29.47 -5.46 -43.15
C ASP A 411 29.19 -6.47 -42.04
N ARG A 412 29.03 -6.00 -40.80
CA ARG A 412 29.06 -6.89 -39.64
C ARG A 412 27.66 -7.27 -39.19
N LEU A 413 27.45 -8.57 -38.98
CA LEU A 413 26.23 -9.14 -38.44
C LEU A 413 26.49 -9.59 -37.01
N ASP A 414 25.51 -9.41 -36.14
CA ASP A 414 25.69 -9.69 -34.72
C ASP A 414 25.24 -11.10 -34.39
N ASN A 415 25.70 -11.58 -33.24
CA ASN A 415 25.49 -12.96 -32.83
C ASN A 415 24.32 -13.05 -31.86
N PRO A 416 23.32 -13.88 -32.14
CA PRO A 416 22.13 -13.94 -31.28
C PRO A 416 22.44 -14.27 -29.84
N ALA A 417 23.40 -15.15 -29.57
CA ALA A 417 23.74 -15.48 -28.20
C ALA A 417 24.21 -14.25 -27.43
N LEU A 418 25.07 -13.44 -28.05
CA LEU A 418 25.58 -12.25 -27.39
C LEU A 418 24.47 -11.21 -27.24
N GLN A 419 23.63 -11.04 -28.27
CA GLN A 419 22.50 -10.13 -28.15
C GLN A 419 21.63 -10.49 -26.96
N GLY A 420 21.27 -11.76 -26.85
CA GLY A 420 20.45 -12.22 -25.75
C GLY A 420 21.12 -12.05 -24.42
N ALA A 421 22.39 -12.46 -24.29
CA ALA A 421 23.07 -12.29 -23.02
C ALA A 421 23.10 -10.83 -22.60
N LYS A 422 23.22 -9.92 -23.57
CA LYS A 422 23.32 -8.50 -23.25
C LYS A 422 21.97 -7.91 -22.84
N TYR A 423 20.90 -8.24 -23.56
CA TYR A 423 19.63 -7.54 -23.37
C TYR A 423 18.55 -8.33 -22.66
N ASP A 424 18.54 -9.65 -22.81
CA ASP A 424 17.49 -10.52 -22.26
C ASP A 424 18.16 -11.61 -21.43
N PRO A 425 18.72 -11.27 -20.27
CA PRO A 425 19.60 -12.20 -19.57
C PRO A 425 18.92 -13.44 -19.01
N GLU A 426 17.59 -13.45 -18.90
CA GLU A 426 16.90 -14.56 -18.26
C GLU A 426 15.82 -15.21 -19.11
N GLY A 427 15.60 -14.75 -20.34
CA GLY A 427 14.66 -15.41 -21.21
C GLY A 427 13.21 -15.08 -20.98
N GLU A 428 12.89 -14.11 -20.12
CA GLU A 428 11.49 -13.78 -19.84
C GLU A 428 10.77 -13.25 -21.07
N TYR A 429 11.41 -12.33 -21.79
CA TYR A 429 10.81 -11.77 -22.98
C TYR A 429 10.48 -12.87 -23.97
N ILE A 430 11.35 -13.87 -24.07
CA ILE A 430 11.09 -14.97 -24.99
C ILE A 430 9.92 -15.82 -24.50
N ARG A 431 9.95 -16.21 -23.23
CA ARG A 431 8.95 -17.15 -22.74
C ARG A 431 7.57 -16.53 -22.60
N GLN A 432 7.46 -15.21 -22.57
CA GLN A 432 6.13 -14.61 -22.49
C GLN A 432 5.43 -14.54 -23.83
N TRP A 433 6.12 -14.10 -24.88
CA TRP A 433 5.49 -13.98 -26.18
C TRP A 433 5.57 -15.25 -27.01
N LEU A 434 6.40 -16.23 -26.63
CA LEU A 434 6.49 -17.52 -27.31
C LEU A 434 6.35 -18.64 -26.28
N PRO A 435 5.13 -18.89 -25.77
CA PRO A 435 4.98 -19.82 -24.66
C PRO A 435 5.40 -21.25 -24.97
N GLU A 436 5.31 -21.70 -26.21
CA GLU A 436 5.69 -23.07 -26.54
C GLU A 436 7.18 -23.33 -26.35
N LEU A 437 7.93 -22.34 -25.86
CA LEU A 437 9.32 -22.48 -25.50
C LEU A 437 9.54 -22.13 -24.03
N ALA A 438 8.65 -22.57 -23.15
CA ALA A 438 8.72 -22.18 -21.76
C ALA A 438 9.54 -23.12 -20.89
N ARG A 439 10.08 -24.20 -21.45
CA ARG A 439 10.91 -25.12 -20.67
C ARG A 439 12.20 -25.48 -21.40
N LEU A 440 12.80 -24.54 -22.11
CA LEU A 440 14.17 -24.58 -22.61
C LEU A 440 15.08 -23.87 -21.62
N PRO A 441 16.24 -24.42 -21.29
CA PRO A 441 17.12 -23.79 -20.31
C PRO A 441 17.61 -22.44 -20.81
N THR A 442 17.90 -21.56 -19.85
CA THR A 442 18.32 -20.20 -20.18
C THR A 442 19.62 -20.16 -20.98
N GLU A 443 20.37 -21.26 -21.01
CA GLU A 443 21.61 -21.27 -21.76
C GLU A 443 21.38 -21.34 -23.27
N TRP A 444 20.42 -22.14 -23.72
CA TRP A 444 20.22 -22.38 -25.14
C TRP A 444 18.96 -21.74 -25.70
N ILE A 445 18.30 -20.87 -24.94
CA ILE A 445 16.98 -20.40 -25.36
C ILE A 445 17.05 -19.45 -26.55
N HIS A 446 18.22 -18.91 -26.87
CA HIS A 446 18.31 -17.92 -27.94
C HIS A 446 18.85 -18.47 -29.25
N HIS A 447 19.54 -19.61 -29.26
CA HIS A 447 20.07 -20.21 -30.47
C HIS A 447 19.79 -21.71 -30.48
N PRO A 448 18.52 -22.10 -30.62
CA PRO A 448 18.16 -23.51 -30.41
C PRO A 448 18.87 -24.48 -31.33
N TRP A 449 19.19 -24.07 -32.56
CA TRP A 449 19.84 -25.00 -33.47
C TRP A 449 21.21 -25.45 -32.97
N ASP A 450 21.63 -24.95 -31.82
CA ASP A 450 22.86 -25.41 -31.20
C ASP A 450 22.65 -26.54 -30.21
N ALA A 451 21.56 -26.49 -29.44
CA ALA A 451 21.40 -27.42 -28.34
C ALA A 451 21.23 -28.85 -28.86
N PRO A 452 21.82 -29.83 -28.19
CA PRO A 452 21.75 -31.21 -28.69
C PRO A 452 20.35 -31.80 -28.57
N LEU A 453 20.12 -32.85 -29.35
CA LEU A 453 18.81 -33.48 -29.41
C LEU A 453 18.40 -34.08 -28.07
N THR A 454 19.36 -34.43 -27.22
CA THR A 454 19.00 -34.88 -25.87
C THR A 454 18.27 -33.79 -25.10
N VAL A 455 18.79 -32.56 -25.13
CA VAL A 455 18.11 -31.47 -24.47
C VAL A 455 16.81 -31.10 -25.20
N LEU A 456 16.81 -31.15 -26.52
CA LEU A 456 15.57 -30.85 -27.24
C LEU A 456 14.52 -31.93 -27.10
N LYS A 457 14.87 -33.08 -26.53
CA LYS A 457 13.87 -34.09 -26.17
C LYS A 457 13.42 -33.95 -24.72
N ALA A 458 14.37 -33.66 -23.82
CA ALA A 458 13.99 -33.43 -22.43
C ALA A 458 13.06 -32.24 -22.32
N SER A 459 13.31 -31.19 -23.10
CA SER A 459 12.36 -30.11 -23.23
C SER A 459 11.23 -30.57 -24.14
N GLY A 460 10.15 -29.81 -24.17
CA GLY A 460 9.09 -30.21 -25.07
C GLY A 460 9.28 -29.78 -26.49
N VAL A 461 10.29 -28.96 -26.75
CA VAL A 461 10.43 -28.30 -28.04
C VAL A 461 10.71 -29.32 -29.14
N GLU A 462 10.16 -29.08 -30.33
CA GLU A 462 10.36 -29.98 -31.44
C GLU A 462 10.38 -29.18 -32.73
N LEU A 463 11.56 -28.92 -33.27
CA LEU A 463 11.71 -28.09 -34.45
C LEU A 463 11.07 -28.78 -35.65
N GLY A 464 10.40 -27.98 -36.49
CA GLY A 464 9.69 -28.49 -37.64
C GLY A 464 8.23 -28.80 -37.36
N THR A 465 7.90 -29.27 -36.16
CA THR A 465 6.54 -29.70 -35.84
C THR A 465 5.75 -28.66 -35.04
N ASN A 466 6.35 -28.07 -34.01
CA ASN A 466 5.69 -26.97 -33.31
C ASN A 466 6.59 -25.76 -33.10
N TYR A 467 7.67 -25.65 -33.87
CA TYR A 467 8.46 -24.43 -33.97
C TYR A 467 9.38 -24.56 -35.18
N ALA A 468 9.60 -23.46 -35.88
CA ALA A 468 10.20 -23.50 -37.20
C ALA A 468 11.73 -23.54 -37.14
N LYS A 469 12.30 -24.37 -38.00
CA LYS A 469 13.74 -24.38 -38.23
C LYS A 469 14.14 -23.11 -38.96
N PRO A 470 15.35 -22.60 -38.73
CA PRO A 470 15.71 -21.27 -39.24
C PRO A 470 15.49 -21.16 -40.74
N ILE A 471 14.89 -20.04 -41.16
CA ILE A 471 14.40 -19.92 -42.53
C ILE A 471 15.55 -19.85 -43.51
N VAL A 472 16.64 -19.18 -43.16
CA VAL A 472 17.84 -19.15 -43.97
C VAL A 472 19.03 -19.30 -43.04
N ASP A 473 20.02 -20.09 -43.45
N ASP A 473 20.01 -20.09 -43.45
CA ASP A 473 21.20 -20.29 -42.61
CA ASP A 473 21.19 -20.28 -42.62
C ASP A 473 21.99 -18.99 -42.48
C ASP A 473 21.97 -18.98 -42.48
N ILE A 474 22.52 -18.75 -41.29
CA ILE A 474 23.23 -17.52 -41.01
C ILE A 474 24.51 -17.41 -41.85
N ASP A 475 25.24 -18.52 -42.00
CA ASP A 475 26.53 -18.49 -42.67
C ASP A 475 26.40 -18.13 -44.15
N THR A 476 25.43 -18.74 -44.84
CA THR A 476 25.28 -18.47 -46.27
C THR A 476 24.87 -17.02 -46.53
N ALA A 477 23.97 -16.49 -45.72
CA ALA A 477 23.59 -15.08 -45.86
C ALA A 477 24.78 -14.18 -45.60
N ARG A 478 25.61 -14.52 -44.62
CA ARG A 478 26.82 -13.73 -44.37
C ARG A 478 27.74 -13.76 -45.58
N GLU A 479 27.87 -14.91 -46.24
CA GLU A 479 28.70 -15.00 -47.43
C GLU A 479 28.14 -14.16 -48.57
N LEU A 480 26.82 -14.21 -48.79
CA LEU A 480 26.23 -13.39 -49.85
C LEU A 480 26.42 -11.90 -49.58
N LEU A 481 26.20 -11.46 -48.34
CA LEU A 481 26.48 -10.07 -48.01
C LEU A 481 27.96 -9.75 -48.15
N ALA A 482 28.83 -10.72 -47.89
CA ALA A 482 30.26 -10.52 -48.09
C ALA A 482 30.57 -10.31 -49.57
N LYS A 483 29.85 -10.99 -50.45
CA LYS A 483 29.97 -10.70 -51.88
C LYS A 483 29.63 -9.23 -52.15
N ALA A 484 28.47 -8.80 -51.68
CA ALA A 484 28.00 -7.45 -52.00
C ALA A 484 28.85 -6.37 -51.33
N LYS B 5 30.11 43.47 -19.65
CA LYS B 5 28.85 42.89 -19.20
C LYS B 5 28.97 42.30 -17.81
N LYS B 6 28.89 43.16 -16.79
CA LYS B 6 28.97 42.73 -15.40
C LYS B 6 27.75 43.26 -14.66
N THR B 7 27.03 42.36 -14.00
CA THR B 7 25.77 42.68 -13.34
C THR B 7 25.80 42.22 -11.90
N ILE B 8 25.14 42.99 -11.04
CA ILE B 8 24.97 42.65 -9.63
C ILE B 8 23.51 42.32 -9.41
N VAL B 9 23.25 41.11 -8.95
CA VAL B 9 21.90 40.64 -8.65
C VAL B 9 21.67 40.79 -7.15
N TRP B 10 20.59 41.46 -6.78
CA TRP B 10 20.29 41.71 -5.38
C TRP B 10 19.17 40.79 -4.93
N PHE B 11 19.41 40.02 -3.86
CA PHE B 11 18.43 39.09 -3.31
C PHE B 11 17.86 39.66 -2.02
N ARG B 12 16.53 39.80 -1.95
CA ARG B 12 15.90 40.23 -0.71
C ARG B 12 14.88 39.23 -0.18
N ARG B 13 13.86 38.88 -0.96
CA ARG B 13 12.82 37.96 -0.48
C ARG B 13 12.32 37.05 -1.59
N ASP B 14 13.23 36.54 -2.42
CA ASP B 14 12.87 35.74 -3.59
C ASP B 14 13.79 34.55 -3.67
N LEU B 15 13.92 33.83 -2.56
CA LEU B 15 14.98 32.83 -2.40
C LEU B 15 14.71 31.58 -3.21
N ARG B 16 14.63 31.75 -4.53
CA ARG B 16 14.42 30.64 -5.44
C ARG B 16 15.19 30.91 -6.71
N ILE B 17 15.28 29.90 -7.58
CA ILE B 17 15.95 30.07 -8.87
C ILE B 17 15.02 29.88 -10.05
N GLU B 18 13.84 29.31 -9.86
CA GLU B 18 12.85 29.18 -10.94
C GLU B 18 11.97 30.41 -10.94
N ASP B 19 11.61 30.88 -12.13
CA ASP B 19 10.71 32.01 -12.30
C ASP B 19 11.21 33.22 -11.53
N ASN B 20 12.51 33.47 -11.62
CA ASN B 20 13.12 34.64 -10.99
C ASN B 20 13.51 35.59 -12.10
N PRO B 21 12.76 36.67 -12.33
CA PRO B 21 13.00 37.50 -13.51
C PRO B 21 14.33 38.24 -13.49
N ALA B 22 14.71 38.81 -12.35
CA ALA B 22 15.96 39.55 -12.30
C ALA B 22 17.16 38.64 -12.56
N LEU B 23 17.18 37.47 -11.92
CA LEU B 23 18.28 36.54 -12.14
C LEU B 23 18.30 36.06 -13.58
N ALA B 24 17.13 35.75 -14.16
CA ALA B 24 17.11 35.29 -15.54
C ALA B 24 17.62 36.35 -16.49
N ALA B 25 17.23 37.60 -16.28
CA ALA B 25 17.72 38.70 -17.11
C ALA B 25 19.24 38.83 -17.03
N ALA B 26 19.77 38.88 -15.81
CA ALA B 26 21.21 39.08 -15.65
C ALA B 26 21.99 37.92 -16.25
N ALA B 27 21.55 36.69 -15.99
CA ALA B 27 22.27 35.53 -16.49
C ALA B 27 22.27 35.48 -18.00
N HIS B 28 21.15 35.81 -18.63
CA HIS B 28 21.13 35.86 -20.09
C HIS B 28 21.97 37.02 -20.63
N GLU B 29 22.11 38.09 -19.85
CA GLU B 29 22.89 39.24 -20.32
C GLU B 29 24.39 38.96 -20.30
N GLY B 30 24.89 38.36 -19.22
CA GLY B 30 26.34 38.23 -19.09
C GLY B 30 26.85 37.58 -17.82
N SER B 31 27.81 38.21 -17.16
CA SER B 31 28.39 37.68 -15.92
C SER B 31 27.71 38.31 -14.70
N VAL B 32 27.57 37.52 -13.64
CA VAL B 32 26.70 37.84 -12.52
C VAL B 32 27.48 37.82 -11.21
N PHE B 33 26.98 38.56 -10.23
CA PHE B 33 27.60 38.61 -8.90
C PHE B 33 26.50 38.71 -7.84
N PRO B 34 25.95 37.57 -7.42
CA PRO B 34 24.82 37.60 -6.49
C PRO B 34 25.22 38.15 -5.13
N VAL B 35 24.27 38.79 -4.46
CA VAL B 35 24.59 39.35 -3.15
C VAL B 35 23.34 39.41 -2.28
N PHE B 36 23.52 39.19 -0.99
CA PHE B 36 22.50 39.36 0.04
C PHE B 36 23.05 40.32 1.09
N ILE B 37 22.25 41.32 1.43
CA ILE B 37 22.66 42.40 2.32
C ILE B 37 21.66 42.49 3.46
N TRP B 38 22.14 42.32 4.69
CA TRP B 38 21.29 42.32 5.88
C TRP B 38 21.61 43.57 6.70
N CYS B 39 20.60 44.37 7.01
CA CYS B 39 20.79 45.63 7.71
C CYS B 39 19.69 45.83 8.74
N PRO B 40 19.95 45.51 10.01
CA PRO B 40 18.90 45.62 11.03
C PRO B 40 18.36 47.02 11.22
N GLU B 41 19.20 48.05 11.10
CA GLU B 41 18.80 49.38 11.53
C GLU B 41 17.76 49.99 10.61
N GLU B 42 17.78 49.66 9.33
CA GLU B 42 16.85 50.28 8.39
C GLU B 42 15.44 49.73 8.56
N GLU B 43 15.30 48.54 9.14
CA GLU B 43 13.99 47.90 9.21
C GLU B 43 13.04 48.64 10.14
N GLY B 44 13.55 49.18 11.24
CA GLY B 44 12.72 49.96 12.14
C GLY B 44 12.03 49.08 13.16
N GLN B 45 10.70 49.08 13.15
CA GLN B 45 9.92 48.20 14.01
C GLN B 45 9.31 47.03 13.26
N PHE B 46 9.55 46.95 11.94
CA PHE B 46 9.18 45.78 11.17
C PHE B 46 10.30 44.75 11.15
N TYR B 47 11.12 44.76 12.19
CA TYR B 47 12.19 43.78 12.31
C TYR B 47 11.59 42.39 12.49
N PRO B 48 12.04 41.39 11.72
CA PRO B 48 11.45 40.07 11.81
C PRO B 48 11.68 39.40 13.16
N GLY B 49 10.76 38.48 13.49
CA GLY B 49 10.79 37.78 14.76
C GLY B 49 11.50 36.44 14.69
N ARG B 50 11.55 35.78 15.85
CA ARG B 50 12.44 34.64 16.05
C ARG B 50 12.10 33.47 15.13
N ALA B 51 10.81 33.13 15.05
CA ALA B 51 10.40 32.04 14.19
C ALA B 51 10.66 32.35 12.72
N SER B 52 10.73 33.62 12.36
CA SER B 52 11.04 34.00 10.99
C SER B 52 12.54 33.95 10.71
N ARG B 53 13.36 34.38 11.67
CA ARG B 53 14.80 34.33 11.48
C ARG B 53 15.29 32.90 11.38
N TRP B 54 14.71 31.98 12.15
CA TRP B 54 15.10 30.58 12.04
C TRP B 54 14.88 30.06 10.62
N TRP B 55 13.70 30.25 10.07
CA TRP B 55 13.40 29.80 8.72
C TRP B 55 14.29 30.49 7.70
N MET B 56 14.57 31.77 7.91
CA MET B 56 15.40 32.50 6.96
C MET B 56 16.81 31.93 6.90
N LYS B 57 17.39 31.59 8.06
CA LYS B 57 18.73 31.02 8.06
C LYS B 57 18.79 29.68 7.33
N GLN B 58 17.83 28.79 7.59
CA GLN B 58 17.84 27.51 6.90
C GLN B 58 17.69 27.70 5.39
N SER B 59 16.80 28.59 4.97
CA SER B 59 16.62 28.83 3.55
C SER B 59 17.86 29.43 2.93
N LEU B 60 18.58 30.29 3.65
CA LEU B 60 19.79 30.88 3.11
C LEU B 60 20.87 29.83 2.90
N ALA B 61 21.03 28.89 3.83
CA ALA B 61 22.01 27.83 3.62
C ALA B 61 21.65 26.98 2.40
N HIS B 62 20.38 26.61 2.29
CA HIS B 62 19.93 25.84 1.13
C HIS B 62 20.24 26.57 -0.18
N LEU B 63 19.91 27.86 -0.23
CA LEU B 63 20.15 28.63 -1.45
C LEU B 63 21.62 28.77 -1.76
N SER B 64 22.46 28.94 -0.74
CA SER B 64 23.90 29.06 -0.99
C SER B 64 24.47 27.80 -1.61
N GLN B 65 24.09 26.64 -1.08
CA GLN B 65 24.55 25.39 -1.71
C GLN B 65 24.05 25.30 -3.15
N SER B 66 22.79 25.68 -3.38
CA SER B 66 22.24 25.61 -4.72
C SER B 66 23.04 26.47 -5.70
N LEU B 67 23.40 27.67 -5.28
CA LEU B 67 24.16 28.55 -6.17
C LEU B 67 25.57 28.03 -6.41
N LYS B 68 26.23 27.56 -5.36
CA LYS B 68 27.58 27.06 -5.51
C LYS B 68 27.65 25.85 -6.43
N ALA B 69 26.60 25.02 -6.44
CA ALA B 69 26.59 23.92 -7.40
C ALA B 69 26.53 24.43 -8.83
N LEU B 70 25.75 25.47 -9.09
CA LEU B 70 25.62 26.00 -10.44
C LEU B 70 26.90 26.63 -10.95
N GLY B 71 27.66 27.30 -10.09
CA GLY B 71 28.95 27.80 -10.54
C GLY B 71 29.31 29.20 -10.08
N SER B 72 28.46 29.81 -9.26
CA SER B 72 28.79 31.07 -8.62
C SER B 72 28.58 30.88 -7.13
N ASP B 73 28.60 31.97 -6.37
CA ASP B 73 28.46 31.82 -4.92
C ASP B 73 27.76 33.04 -4.34
N LEU B 74 26.96 32.80 -3.32
CA LEU B 74 26.29 33.86 -2.60
C LEU B 74 27.27 34.55 -1.68
N THR B 75 27.12 35.86 -1.55
CA THR B 75 27.96 36.67 -0.68
C THR B 75 27.08 37.40 0.31
N LEU B 76 27.43 37.34 1.58
CA LEU B 76 26.59 37.89 2.64
C LEU B 76 27.29 39.06 3.30
N ILE B 77 26.59 40.19 3.40
CA ILE B 77 27.15 41.39 3.97
C ILE B 77 26.23 41.92 5.06
N GLN B 78 26.76 42.10 6.26
CA GLN B 78 26.06 42.79 7.33
C GLN B 78 26.67 44.16 7.50
N THR B 79 25.84 45.20 7.46
CA THR B 79 26.34 46.56 7.37
C THR B 79 25.46 47.50 8.17
N HIS B 80 25.79 48.79 8.09
CA HIS B 80 24.98 49.86 8.64
C HIS B 80 24.36 50.73 7.56
N ASN B 81 24.80 50.58 6.31
CA ASN B 81 24.31 51.35 5.19
C ASN B 81 24.27 50.45 3.97
N THR B 82 23.22 50.60 3.16
CA THR B 82 23.08 49.77 1.97
C THR B 82 23.78 50.39 0.77
N ILE B 83 23.70 51.72 0.65
CA ILE B 83 24.36 52.41 -0.44
C ILE B 83 25.86 52.19 -0.35
N SER B 84 26.42 52.24 0.87
CA SER B 84 27.84 52.02 1.04
C SER B 84 28.25 50.64 0.57
N ALA B 85 27.47 49.62 0.93
CA ALA B 85 27.81 48.26 0.54
C ALA B 85 27.74 48.08 -0.96
N ILE B 86 26.69 48.62 -1.60
CA ILE B 86 26.58 48.48 -3.04
C ILE B 86 27.73 49.21 -3.73
N LEU B 87 28.07 50.41 -3.26
CA LEU B 87 29.17 51.16 -3.87
C LEU B 87 30.50 50.45 -3.68
N ASP B 88 30.72 49.84 -2.52
CA ASP B 88 31.94 49.07 -2.32
C ASP B 88 32.01 47.89 -3.28
N CYS B 89 30.92 47.16 -3.44
CA CYS B 89 30.93 46.06 -4.39
C CYS B 89 31.22 46.55 -5.80
N ILE B 90 30.66 47.71 -6.16
CA ILE B 90 30.94 48.30 -7.46
C ILE B 90 32.43 48.61 -7.61
N ARG B 91 33.00 49.29 -6.61
CA ARG B 91 34.39 49.69 -6.66
C ARG B 91 35.33 48.49 -6.73
N VAL B 92 34.93 47.37 -6.14
CA VAL B 92 35.81 46.20 -6.14
C VAL B 92 35.67 45.33 -7.39
N THR B 93 34.48 45.19 -7.94
CA THR B 93 34.33 44.26 -9.06
C THR B 93 34.26 44.95 -10.43
N GLY B 94 33.99 46.25 -10.48
CA GLY B 94 33.88 46.96 -11.73
C GLY B 94 32.71 46.50 -12.57
N PRO B 95 31.50 46.66 -12.06
CA PRO B 95 30.31 46.18 -12.77
C PRO B 95 29.75 47.23 -13.72
N THR B 96 28.62 46.91 -14.32
CA THR B 96 27.91 47.86 -15.16
C THR B 96 26.45 48.02 -14.77
N LYS B 97 25.81 46.98 -14.24
CA LYS B 97 24.37 47.00 -14.04
C LYS B 97 23.99 46.45 -12.67
N VAL B 98 22.80 46.84 -12.20
CA VAL B 98 22.22 46.35 -10.95
C VAL B 98 20.76 46.00 -11.19
N VAL B 99 20.34 44.82 -10.76
CA VAL B 99 18.96 44.38 -10.97
C VAL B 99 18.38 43.81 -9.68
N PHE B 100 17.07 44.00 -9.49
CA PHE B 100 16.37 43.41 -8.36
C PHE B 100 14.87 43.30 -8.65
N ASN B 101 14.09 42.95 -7.62
CA ASN B 101 12.66 42.69 -7.72
C ASN B 101 11.88 43.61 -6.79
N HIS B 102 10.58 43.69 -7.02
CA HIS B 102 9.73 44.66 -6.35
C HIS B 102 9.18 44.14 -5.03
N LEU B 103 9.05 45.04 -4.07
CA LEU B 103 8.34 44.79 -2.83
C LEU B 103 7.42 45.96 -2.56
N TYR B 104 6.36 45.71 -1.79
CA TYR B 104 5.33 46.72 -1.58
C TYR B 104 5.21 47.14 -0.12
N ASP B 105 6.20 46.84 0.70
CA ASP B 105 6.26 47.38 2.05
C ASP B 105 6.61 48.86 1.99
N PRO B 106 6.17 49.66 2.97
CA PRO B 106 6.56 51.08 2.99
C PRO B 106 8.07 51.29 2.96
N VAL B 107 8.79 50.61 3.86
CA VAL B 107 10.24 50.71 3.91
C VAL B 107 10.84 50.27 2.58
N SER B 108 10.30 49.21 1.99
CA SER B 108 10.83 48.72 0.72
C SER B 108 10.68 49.77 -0.37
N LEU B 109 9.52 50.43 -0.44
CA LEU B 109 9.32 51.45 -1.47
C LEU B 109 10.31 52.59 -1.32
N VAL B 110 10.46 53.09 -0.10
CA VAL B 110 11.38 54.21 0.13
C VAL B 110 12.80 53.81 -0.24
N ARG B 111 13.24 52.64 0.23
CA ARG B 111 14.62 52.21 -0.03
C ARG B 111 14.87 52.01 -1.51
N ASP B 112 13.91 51.41 -2.22
CA ASP B 112 14.09 51.19 -3.66
C ASP B 112 14.20 52.52 -4.39
N HIS B 113 13.35 53.49 -4.06
CA HIS B 113 13.43 54.78 -4.74
C HIS B 113 14.77 55.45 -4.48
N THR B 114 15.22 55.44 -3.22
CA THR B 114 16.49 56.07 -2.90
C THR B 114 17.64 55.42 -3.65
N VAL B 115 17.65 54.09 -3.70
CA VAL B 115 18.71 53.39 -4.41
C VAL B 115 18.71 53.77 -5.89
N LYS B 116 17.53 53.72 -6.52
CA LYS B 116 17.44 54.03 -7.94
C LYS B 116 18.00 55.42 -8.24
N GLU B 117 17.60 56.41 -7.44
CA GLU B 117 18.05 57.78 -7.69
C GLU B 117 19.57 57.91 -7.48
N LYS B 118 20.06 57.51 -6.30
CA LYS B 118 21.46 57.73 -5.99
C LYS B 118 22.39 56.87 -6.85
N LEU B 119 21.85 55.87 -7.54
CA LEU B 119 22.68 55.10 -8.45
C LEU B 119 22.67 55.68 -9.85
N VAL B 120 21.53 56.19 -10.31
CA VAL B 120 21.48 56.78 -11.64
C VAL B 120 22.26 58.08 -11.69
N GLU B 121 22.56 58.68 -10.53
CA GLU B 121 23.41 59.86 -10.53
C GLU B 121 24.79 59.57 -11.11
N ARG B 122 25.38 58.42 -10.77
CA ARG B 122 26.75 58.12 -11.14
C ARG B 122 26.86 57.36 -12.46
N GLY B 123 25.83 57.38 -13.29
CA GLY B 123 25.94 56.78 -14.60
C GLY B 123 25.93 55.27 -14.62
N ILE B 124 25.37 54.63 -13.60
CA ILE B 124 25.19 53.18 -13.57
C ILE B 124 23.71 52.88 -13.70
N SER B 125 23.37 52.00 -14.65
CA SER B 125 21.98 51.72 -14.96
C SER B 125 21.42 50.71 -13.97
N VAL B 126 20.14 50.88 -13.62
CA VAL B 126 19.45 50.02 -12.67
C VAL B 126 18.20 49.46 -13.33
N GLN B 127 17.66 48.40 -12.75
CA GLN B 127 16.45 47.81 -13.30
C GLN B 127 15.76 46.98 -12.22
N SER B 128 14.43 47.05 -12.20
CA SER B 128 13.62 46.32 -11.24
C SER B 128 12.50 45.58 -11.97
N TYR B 129 12.08 44.46 -11.41
CA TYR B 129 11.06 43.65 -12.05
C TYR B 129 9.90 43.39 -11.08
N ASN B 130 9.01 42.47 -11.47
CA ASN B 130 7.85 42.11 -10.67
C ASN B 130 7.85 40.62 -10.46
N GLY B 131 7.93 40.18 -9.21
CA GLY B 131 8.08 38.77 -8.94
C GLY B 131 7.13 38.16 -7.93
N ASP B 132 6.23 38.96 -7.35
CA ASP B 132 5.42 38.46 -6.24
C ASP B 132 3.93 38.65 -6.41
N LEU B 133 3.44 39.10 -7.57
CA LEU B 133 2.02 39.37 -7.72
C LEU B 133 1.51 38.90 -9.07
N LEU B 134 0.19 38.82 -9.17
CA LEU B 134 -0.48 38.52 -10.44
C LEU B 134 -0.75 39.79 -11.23
N TYR B 135 -1.40 40.77 -10.61
CA TYR B 135 -1.63 42.08 -11.21
C TYR B 135 -1.05 43.14 -10.30
N GLU B 136 -0.34 44.11 -10.88
CA GLU B 136 0.17 45.20 -10.07
C GLU B 136 -0.97 46.06 -9.56
N PRO B 137 -0.82 46.66 -8.39
CA PRO B 137 -1.95 47.37 -7.77
C PRO B 137 -2.45 48.57 -8.57
N TRP B 138 -1.66 49.09 -9.50
CA TRP B 138 -2.06 50.26 -10.28
C TRP B 138 -2.70 49.89 -11.60
N GLU B 139 -3.09 48.63 -11.78
CA GLU B 139 -3.53 48.16 -13.09
C GLU B 139 -5.02 47.84 -13.14
N ILE B 140 -5.69 47.77 -11.98
CA ILE B 140 -7.10 47.42 -11.92
C ILE B 140 -7.86 48.63 -11.37
N TYR B 141 -8.88 49.08 -12.11
CA TYR B 141 -9.70 50.20 -11.71
C TYR B 141 -11.08 50.06 -12.31
N CYS B 142 -12.01 50.86 -11.81
CA CYS B 142 -13.39 50.80 -12.26
C CYS B 142 -13.61 51.74 -13.45
N LYS B 146 -11.70 54.67 -10.89
CA LYS B 146 -11.63 54.65 -9.43
C LYS B 146 -11.23 53.28 -8.92
N PRO B 147 -10.54 53.21 -7.80
CA PRO B 147 -10.28 51.91 -7.16
C PRO B 147 -11.55 51.29 -6.62
N PHE B 148 -11.58 49.96 -6.62
CA PHE B 148 -12.71 49.23 -6.06
C PHE B 148 -12.71 49.35 -4.54
N THR B 149 -13.83 48.98 -3.93
CA THR B 149 -13.98 49.07 -2.48
C THR B 149 -14.43 47.78 -1.82
N SER B 150 -14.85 46.77 -2.57
CA SER B 150 -15.30 45.51 -1.98
C SER B 150 -14.64 44.34 -2.69
N PHE B 151 -14.36 43.31 -1.92
CA PHE B 151 -13.64 42.16 -2.45
C PHE B 151 -14.40 41.49 -3.57
N ASN B 152 -15.73 41.43 -3.48
CA ASN B 152 -16.51 40.70 -4.49
C ASN B 152 -16.37 41.35 -5.86
N SER B 153 -16.60 42.66 -5.94
CA SER B 153 -16.45 43.36 -7.20
C SER B 153 -15.00 43.31 -7.68
N TYR B 154 -14.05 43.50 -6.76
CA TYR B 154 -12.64 43.43 -7.15
C TYR B 154 -12.31 42.10 -7.81
N TRP B 155 -12.70 40.99 -7.16
CA TRP B 155 -12.33 39.68 -7.66
C TRP B 155 -13.09 39.34 -8.94
N LYS B 156 -14.32 39.84 -9.08
CA LYS B 156 -15.06 39.65 -10.32
C LYS B 156 -14.33 40.32 -11.49
N LYS B 157 -13.88 41.56 -11.28
CA LYS B 157 -13.12 42.25 -12.33
C LYS B 157 -11.83 41.51 -12.65
N CYS B 158 -11.11 41.07 -11.61
CA CYS B 158 -9.84 40.39 -11.84
C CYS B 158 -10.03 39.09 -12.60
N LEU B 159 -11.08 38.34 -12.27
CA LEU B 159 -11.40 37.13 -13.04
C LEU B 159 -11.73 37.47 -14.47
N ASP B 160 -12.48 38.55 -14.70
CA ASP B 160 -12.87 38.90 -16.06
C ASP B 160 -11.66 39.23 -16.91
N MET B 161 -10.70 39.97 -16.37
CA MET B 161 -9.54 40.37 -17.15
C MET B 161 -8.67 39.17 -17.50
N SER B 162 -7.59 39.42 -18.24
CA SER B 162 -6.65 38.38 -18.62
C SER B 162 -5.25 38.71 -18.14
N ILE B 163 -4.49 37.68 -17.76
CA ILE B 163 -3.17 37.85 -17.16
C ILE B 163 -2.17 38.29 -18.24
N GLU B 164 -1.19 39.08 -17.83
CA GLU B 164 -0.21 39.69 -18.73
C GLU B 164 1.20 39.33 -18.29
N SER B 165 1.44 38.07 -17.97
CA SER B 165 2.75 37.63 -17.48
C SER B 165 3.08 36.26 -18.03
N VAL B 166 4.36 36.05 -18.32
CA VAL B 166 4.85 34.75 -18.76
C VAL B 166 5.77 34.19 -17.69
N MET B 167 6.11 32.91 -17.81
CA MET B 167 6.99 32.25 -16.86
C MET B 167 8.34 31.98 -17.50
N LEU B 168 9.39 32.08 -16.69
CA LEU B 168 10.77 32.01 -17.15
C LEU B 168 11.46 30.76 -16.64
N PRO B 169 12.21 30.06 -17.48
CA PRO B 169 12.93 28.88 -17.02
C PRO B 169 14.12 29.27 -16.17
N PRO B 170 14.65 28.36 -15.35
CA PRO B 170 15.80 28.69 -14.51
C PRO B 170 17.05 28.84 -15.36
N PRO B 171 18.01 29.66 -14.92
CA PRO B 171 19.28 29.76 -15.64
C PRO B 171 20.05 28.45 -15.60
N TRP B 172 20.76 28.16 -16.68
CA TRP B 172 21.46 26.89 -16.80
C TRP B 172 22.79 26.90 -16.05
N ARG B 173 23.64 27.89 -16.34
CA ARG B 173 24.92 28.04 -15.65
C ARG B 173 25.17 29.51 -15.42
N LEU B 174 26.12 29.81 -14.54
CA LEU B 174 26.49 31.18 -14.23
C LEU B 174 27.98 31.37 -14.44
N MET B 175 28.35 32.45 -15.12
CA MET B 175 29.76 32.77 -15.33
C MET B 175 30.27 33.54 -14.13
N PRO B 176 31.23 33.01 -13.39
CA PRO B 176 31.61 33.63 -12.11
C PRO B 176 32.30 34.99 -12.28
N ILE B 177 32.63 35.58 -11.15
CA ILE B 177 33.36 36.84 -11.09
C ILE B 177 34.28 36.85 -9.87
N ILE B 184 35.97 44.46 1.73
CA ILE B 184 34.60 44.27 1.28
C ILE B 184 33.72 43.86 2.46
N TRP B 185 34.34 43.21 3.45
CA TRP B 185 33.68 42.82 4.70
C TRP B 185 32.57 41.80 4.46
N ALA B 186 32.83 40.83 3.60
CA ALA B 186 31.93 39.69 3.47
C ALA B 186 32.07 38.78 4.68
N CYS B 187 30.99 38.12 5.08
CA CYS B 187 31.05 37.25 6.25
C CYS B 187 30.34 35.93 5.95
N SER B 188 30.11 35.16 6.99
CA SER B 188 29.54 33.82 6.91
C SER B 188 28.19 33.75 7.61
N ILE B 189 27.43 32.70 7.29
CA ILE B 189 26.05 32.59 7.75
C ILE B 189 25.94 32.60 9.26
N GLU B 190 27.05 32.40 9.97
CA GLU B 190 27.00 32.35 11.42
C GLU B 190 27.27 33.68 12.10
N GLU B 191 27.91 34.63 11.40
CA GLU B 191 28.16 35.93 12.00
C GLU B 191 27.08 36.95 11.69
N LEU B 192 26.06 36.58 10.90
CA LEU B 192 24.92 37.46 10.71
C LEU B 192 24.14 37.67 12.00
N GLY B 193 24.35 36.83 13.01
CA GLY B 193 23.64 36.97 14.27
C GLY B 193 22.16 36.77 14.14
N LEU B 194 21.73 35.78 13.37
CA LEU B 194 20.31 35.54 13.17
C LEU B 194 19.66 34.89 14.38
N GLU B 195 20.39 34.10 15.15
CA GLU B 195 19.84 33.35 16.26
C GLU B 195 20.56 33.69 17.56
N ASN B 196 19.82 33.75 18.64
CA ASN B 196 20.43 33.96 19.95
C ASN B 196 21.25 32.74 20.36
N GLU B 197 21.88 32.83 21.52
CA GLU B 197 22.75 31.76 22.00
C GLU B 197 22.03 30.76 22.89
N ALA B 198 21.10 31.22 23.73
CA ALA B 198 20.41 30.31 24.62
C ALA B 198 19.33 29.52 23.91
N GLU B 199 18.82 30.02 22.78
CA GLU B 199 17.61 29.49 22.16
C GLU B 199 17.92 28.67 20.93
N LYS B 200 19.10 28.12 20.83
CA LYS B 200 19.35 27.24 19.70
C LYS B 200 18.78 25.85 19.95
N PRO B 201 19.05 25.21 21.11
CA PRO B 201 18.46 23.88 21.35
C PRO B 201 16.95 23.87 21.38
N SER B 202 16.30 24.94 21.86
CA SER B 202 14.84 24.97 21.86
C SER B 202 14.29 25.16 20.45
N ASN B 203 14.88 26.08 19.68
CA ASN B 203 14.43 26.30 18.31
C ASN B 203 14.62 25.07 17.45
N ALA B 204 15.62 24.24 17.77
CA ALA B 204 15.90 23.10 16.93
C ALA B 204 14.73 22.13 16.84
N LEU B 205 13.79 22.20 17.79
CA LEU B 205 12.72 21.22 17.83
C LEU B 205 11.73 21.37 16.69
N LEU B 206 11.59 22.58 16.12
CA LEU B 206 10.61 22.79 15.06
C LEU B 206 10.88 21.93 13.84
N THR B 207 12.10 21.46 13.64
CA THR B 207 12.38 20.53 12.56
C THR B 207 11.53 19.28 12.62
N ARG B 208 10.83 19.04 13.74
CA ARG B 208 9.93 17.90 13.82
C ARG B 208 8.78 18.01 12.85
N ALA B 209 8.34 19.22 12.50
CA ALA B 209 7.17 19.40 11.66
C ALA B 209 7.47 20.01 10.29
N TRP B 210 8.41 20.94 10.21
CA TRP B 210 8.66 21.70 9.00
C TRP B 210 10.03 21.36 8.44
N SER B 211 10.27 21.75 7.18
CA SER B 211 11.58 21.57 6.56
C SER B 211 11.74 22.59 5.42
N PRO B 212 12.45 23.69 5.69
CA PRO B 212 12.51 24.79 4.72
C PRO B 212 13.36 24.48 3.50
N GLY B 213 13.15 25.28 2.45
CA GLY B 213 13.91 25.17 1.22
C GLY B 213 13.02 25.05 -0.01
N TRP B 214 13.45 25.68 -1.11
CA TRP B 214 12.61 25.68 -2.31
C TRP B 214 12.48 24.31 -2.92
N SER B 215 13.50 23.47 -2.79
CA SER B 215 13.37 22.09 -3.23
C SER B 215 12.29 21.34 -2.48
N ASN B 216 11.98 21.75 -1.26
CA ASN B 216 10.90 21.14 -0.49
C ASN B 216 9.56 21.79 -0.77
N ALA B 217 9.54 23.08 -1.09
CA ALA B 217 8.27 23.72 -1.47
C ALA B 217 7.69 23.08 -2.72
N ASP B 218 8.53 22.82 -3.73
CA ASP B 218 8.03 22.16 -4.93
C ASP B 218 7.46 20.79 -4.62
N LYS B 219 8.17 20.01 -3.82
CA LYS B 219 7.73 18.67 -3.46
C LYS B 219 6.41 18.69 -2.71
N LEU B 220 6.18 19.71 -1.89
CA LEU B 220 4.91 19.81 -1.18
C LEU B 220 3.77 20.18 -2.10
N LEU B 221 3.99 21.16 -2.99
CA LEU B 221 2.91 21.62 -3.85
C LEU B 221 2.42 20.52 -4.78
N ASN B 222 3.35 19.77 -5.37
CA ASN B 222 2.94 18.73 -6.32
C ASN B 222 2.03 17.72 -5.65
N GLU B 223 2.39 17.27 -4.45
CA GLU B 223 1.59 16.29 -3.74
C GLU B 223 0.23 16.85 -3.35
N PHE B 224 0.19 18.10 -2.86
CA PHE B 224 -1.12 18.67 -2.54
C PHE B 224 -2.02 18.69 -3.75
N ILE B 225 -1.54 19.26 -4.87
CA ILE B 225 -2.38 19.38 -6.04
C ILE B 225 -2.84 18.02 -6.55
N GLU B 226 -1.96 17.02 -6.55
CA GLU B 226 -2.34 15.74 -7.12
C GLU B 226 -3.29 14.92 -6.26
N LYS B 227 -3.33 15.11 -4.94
CA LYS B 227 -4.09 14.19 -4.12
C LYS B 227 -5.04 14.79 -3.09
N GLN B 228 -5.02 16.10 -2.86
CA GLN B 228 -5.83 16.65 -1.78
C GLN B 228 -6.79 17.75 -2.19
N LEU B 229 -6.61 18.34 -3.37
CA LEU B 229 -7.43 19.49 -3.76
C LEU B 229 -8.90 19.11 -3.83
N ILE B 230 -9.19 17.91 -4.32
CA ILE B 230 -10.57 17.53 -4.63
C ILE B 230 -11.46 17.51 -3.40
N ASP B 231 -10.89 17.42 -2.21
CA ASP B 231 -11.66 17.39 -0.97
C ASP B 231 -11.58 18.70 -0.20
N TYR B 232 -11.07 19.76 -0.81
CA TYR B 232 -10.87 21.02 -0.11
C TYR B 232 -12.20 21.61 0.36
N ALA B 233 -13.23 21.51 -0.48
CA ALA B 233 -14.51 22.12 -0.15
C ALA B 233 -15.14 21.49 1.07
N LYS B 234 -14.73 20.27 1.42
CA LYS B 234 -15.29 19.61 2.59
C LYS B 234 -14.37 19.73 3.81
N ASN B 235 -13.10 19.42 3.65
CA ASN B 235 -12.18 19.47 4.78
C ASN B 235 -11.91 20.90 5.24
N SER B 236 -12.24 21.89 4.42
CA SER B 236 -11.85 23.26 4.71
C SER B 236 -12.69 23.93 5.79
N LYS B 237 -13.48 23.17 6.54
CA LYS B 237 -14.20 23.73 7.68
C LYS B 237 -13.95 22.98 8.97
N LYS B 238 -13.08 21.97 8.95
CA LYS B 238 -12.77 21.19 10.13
C LYS B 238 -11.33 21.46 10.56
N VAL B 239 -11.15 21.76 11.85
CA VAL B 239 -9.90 22.29 12.34
C VAL B 239 -8.96 21.21 12.83
N VAL B 240 -9.32 19.94 12.70
CA VAL B 240 -8.51 18.88 13.29
C VAL B 240 -7.76 18.14 12.18
N GLY B 241 -6.57 17.67 12.54
CA GLY B 241 -5.75 16.95 11.59
C GLY B 241 -4.93 17.91 10.75
N ASN B 242 -4.90 17.68 9.44
CA ASN B 242 -4.32 18.64 8.50
C ASN B 242 -5.22 18.64 7.26
N SER B 243 -5.97 19.71 7.09
CA SER B 243 -6.95 19.79 6.02
C SER B 243 -6.57 20.76 4.91
N THR B 244 -5.99 21.91 5.24
CA THR B 244 -5.64 22.91 4.25
C THR B 244 -4.32 22.53 3.58
N SER B 245 -3.71 23.47 2.85
CA SER B 245 -2.57 23.15 2.01
C SER B 245 -1.22 23.37 2.69
N LEU B 246 -1.13 24.30 3.64
CA LEU B 246 0.11 24.59 4.38
C LEU B 246 1.20 25.14 3.47
N LEU B 247 0.91 26.25 2.79
CA LEU B 247 1.89 26.88 1.91
C LEU B 247 2.28 28.29 2.32
N SER B 248 1.73 28.82 3.41
CA SER B 248 1.97 30.23 3.73
C SER B 248 3.41 30.56 4.06
N PRO B 249 4.14 29.80 4.90
CA PRO B 249 5.55 30.15 5.10
C PRO B 249 6.38 30.04 3.84
N TYR B 250 6.04 29.13 2.92
CA TYR B 250 6.78 29.06 1.67
C TYR B 250 6.48 30.22 0.76
N LEU B 251 5.24 30.71 0.76
CA LEU B 251 4.90 31.86 -0.07
C LEU B 251 5.45 33.16 0.48
N HIS B 252 5.62 33.27 1.79
CA HIS B 252 6.11 34.52 2.36
C HIS B 252 7.54 34.82 1.95
N PHE B 253 8.37 33.79 1.83
CA PHE B 253 9.77 33.94 1.45
C PHE B 253 9.99 33.77 -0.04
N GLY B 254 8.94 33.60 -0.81
CA GLY B 254 9.10 33.53 -2.24
C GLY B 254 9.81 32.31 -2.75
N GLU B 255 9.75 31.20 -2.04
CA GLU B 255 10.38 29.98 -2.51
C GLU B 255 9.52 29.24 -3.53
N ILE B 256 8.29 29.68 -3.75
CA ILE B 256 7.42 29.10 -4.77
C ILE B 256 6.74 30.26 -5.50
N SER B 257 6.29 30.02 -6.72
CA SER B 257 5.74 31.07 -7.56
C SER B 257 4.21 31.06 -7.53
N VAL B 258 3.63 32.20 -7.15
CA VAL B 258 2.17 32.28 -7.05
C VAL B 258 1.54 32.06 -8.41
N ARG B 259 2.20 32.48 -9.48
CA ARG B 259 1.72 32.19 -10.82
C ARG B 259 1.72 30.70 -11.09
N HIS B 260 2.73 29.98 -10.59
CA HIS B 260 2.77 28.53 -10.74
C HIS B 260 1.59 27.87 -10.04
N VAL B 261 1.31 28.30 -8.81
CA VAL B 261 0.18 27.75 -8.06
C VAL B 261 -1.12 28.02 -8.81
N PHE B 262 -1.28 29.25 -9.30
CA PHE B 262 -2.49 29.64 -10.00
C PHE B 262 -2.71 28.78 -11.24
N GLN B 263 -1.66 28.57 -12.02
CA GLN B 263 -1.81 27.77 -13.24
C GLN B 263 -2.21 26.35 -12.91
N CYS B 264 -1.59 25.75 -11.89
CA CYS B 264 -1.93 24.35 -11.57
C CYS B 264 -3.39 24.21 -11.17
N ALA B 265 -3.85 25.11 -10.29
CA ALA B 265 -5.25 25.03 -9.86
C ALA B 265 -6.21 25.24 -11.02
N ARG B 266 -5.92 26.23 -11.89
CA ARG B 266 -6.82 26.49 -13.00
C ARG B 266 -6.89 25.31 -13.95
N MET B 267 -5.77 24.65 -14.23
CA MET B 267 -5.82 23.51 -15.13
C MET B 267 -6.65 22.37 -14.54
N LYS B 268 -6.51 22.10 -13.25
CA LYS B 268 -7.38 21.09 -12.64
C LYS B 268 -8.85 21.48 -12.77
N GLN B 269 -9.16 22.75 -12.56
CA GLN B 269 -10.55 23.19 -12.64
C GLN B 269 -11.13 23.00 -14.04
N ILE B 270 -10.33 23.27 -15.06
CA ILE B 270 -10.82 23.11 -16.44
C ILE B 270 -11.21 21.66 -16.69
N ILE B 271 -10.35 20.72 -16.31
CA ILE B 271 -10.69 19.31 -16.54
C ILE B 271 -11.94 18.92 -15.77
N TRP B 272 -12.03 19.30 -14.50
CA TRP B 272 -13.20 18.90 -13.71
C TRP B 272 -14.48 19.49 -14.26
N ALA B 273 -14.44 20.76 -14.68
CA ALA B 273 -15.62 21.37 -15.27
C ALA B 273 -16.00 20.71 -16.58
N ARG B 274 -15.03 20.22 -17.35
CA ARG B 274 -15.38 19.52 -18.58
C ARG B 274 -16.14 18.24 -18.30
N ASP B 275 -15.69 17.46 -17.31
CA ASP B 275 -16.29 16.15 -17.08
C ASP B 275 -17.42 16.17 -16.06
N LYS B 276 -17.97 17.35 -15.75
CA LYS B 276 -19.16 17.48 -14.90
C LYS B 276 -18.94 16.92 -13.50
N ASN B 277 -18.00 17.51 -12.78
CA ASN B 277 -17.70 17.15 -11.40
C ASN B 277 -17.98 18.37 -10.53
N SER B 278 -19.19 18.44 -9.99
CA SER B 278 -19.61 19.62 -9.24
C SER B 278 -18.75 19.84 -8.01
N GLU B 279 -18.43 18.77 -7.27
CA GLU B 279 -17.58 18.89 -6.11
C GLU B 279 -16.20 19.41 -6.50
N GLY B 280 -15.66 18.91 -7.60
CA GLY B 280 -14.38 19.42 -8.08
C GLY B 280 -14.43 20.92 -8.36
N GLU B 281 -15.50 21.36 -9.03
CA GLU B 281 -15.62 22.79 -9.32
C GLU B 281 -15.67 23.61 -8.04
N GLU B 282 -16.45 23.15 -7.06
CA GLU B 282 -16.57 23.90 -5.82
C GLU B 282 -15.22 24.01 -5.12
N SER B 283 -14.49 22.90 -5.05
CA SER B 283 -13.19 22.91 -4.40
C SER B 283 -12.23 23.86 -5.08
N ALA B 284 -12.14 23.78 -6.41
CA ALA B 284 -11.20 24.63 -7.13
C ALA B 284 -11.55 26.11 -6.98
N ASP B 285 -12.84 26.44 -7.04
CA ASP B 285 -13.25 27.84 -6.89
C ASP B 285 -12.90 28.36 -5.51
N LEU B 286 -13.13 27.55 -4.47
CA LEU B 286 -12.78 27.98 -3.12
C LEU B 286 -11.29 28.24 -2.99
N PHE B 287 -10.47 27.34 -3.54
CA PHE B 287 -9.02 27.52 -3.42
C PHE B 287 -8.57 28.78 -4.14
N LEU B 288 -9.10 29.05 -5.33
CA LEU B 288 -8.67 30.23 -6.07
C LEU B 288 -9.16 31.52 -5.42
N ARG B 289 -10.34 31.50 -4.78
CA ARG B 289 -10.76 32.67 -4.00
C ARG B 289 -9.79 32.93 -2.86
N GLY B 290 -9.37 31.87 -2.17
CA GLY B 290 -8.34 32.02 -1.16
C GLY B 290 -7.08 32.65 -1.71
N ILE B 291 -6.65 32.20 -2.89
CA ILE B 291 -5.44 32.77 -3.50
C ILE B 291 -5.63 34.25 -3.77
N GLY B 292 -6.80 34.64 -4.29
CA GLY B 292 -7.04 36.03 -4.64
C GLY B 292 -7.14 36.97 -3.46
N LEU B 293 -7.46 36.44 -2.28
CA LEU B 293 -7.50 37.32 -1.10
C LEU B 293 -6.14 37.95 -0.80
N ARG B 294 -5.04 37.28 -1.14
CA ARG B 294 -3.72 37.85 -0.92
C ARG B 294 -3.47 39.05 -1.83
N GLU B 295 -3.79 38.89 -3.12
CA GLU B 295 -3.77 40.00 -4.06
C GLU B 295 -4.55 41.17 -3.53
N TYR B 296 -5.78 40.92 -3.06
CA TYR B 296 -6.60 42.00 -2.55
C TYR B 296 -5.94 42.69 -1.36
N SER B 297 -5.30 41.92 -0.48
CA SER B 297 -4.63 42.50 0.68
C SER B 297 -3.54 43.47 0.26
N ARG B 298 -2.68 43.05 -0.67
CA ARG B 298 -1.63 43.96 -1.14
C ARG B 298 -2.22 45.18 -1.84
N TYR B 299 -3.30 44.97 -2.60
CA TYR B 299 -3.94 46.06 -3.32
C TYR B 299 -4.42 47.14 -2.37
N ILE B 300 -5.15 46.76 -1.32
CA ILE B 300 -5.69 47.77 -0.42
C ILE B 300 -4.56 48.46 0.35
N CYS B 301 -3.51 47.72 0.70
CA CYS B 301 -2.40 48.36 1.39
C CYS B 301 -1.70 49.37 0.51
N PHE B 302 -1.56 49.09 -0.79
CA PHE B 302 -0.94 50.05 -1.69
C PHE B 302 -1.83 51.27 -1.91
N ASN B 303 -3.13 51.07 -2.09
CA ASN B 303 -3.98 52.17 -2.50
C ASN B 303 -4.44 53.04 -1.34
N PHE B 304 -4.52 52.47 -0.14
CA PHE B 304 -4.99 53.25 1.00
C PHE B 304 -4.03 53.13 2.18
N PRO B 305 -2.92 53.88 2.17
CA PRO B 305 -1.90 53.84 3.24
C PRO B 305 -2.47 54.12 4.62
N PRO B 320 -10.30 52.76 25.64
CA PRO B 320 -10.70 52.38 27.01
C PRO B 320 -10.40 50.92 27.33
N TRP B 321 -9.20 50.47 26.99
CA TRP B 321 -8.76 49.12 27.31
C TRP B 321 -8.44 49.01 28.80
N ASP B 322 -8.37 47.77 29.27
CA ASP B 322 -7.85 47.47 30.60
C ASP B 322 -6.39 47.05 30.46
N ALA B 323 -5.48 47.88 30.98
CA ALA B 323 -4.06 47.58 30.92
C ALA B 323 -3.70 46.53 31.96
N ASP B 324 -4.19 45.30 31.74
CA ASP B 324 -4.01 44.21 32.68
C ASP B 324 -2.97 43.24 32.13
N VAL B 325 -1.96 42.95 32.94
CA VAL B 325 -0.83 42.16 32.47
C VAL B 325 -1.09 40.66 32.65
N ASP B 326 -1.66 40.27 33.79
CA ASP B 326 -1.88 38.87 34.05
C ASP B 326 -2.95 38.28 33.15
N LYS B 327 -3.94 39.09 32.77
CA LYS B 327 -4.93 38.63 31.80
C LYS B 327 -4.28 38.27 30.49
N PHE B 328 -3.36 39.12 30.03
CA PHE B 328 -2.63 38.84 28.80
C PHE B 328 -1.77 37.59 28.93
N LYS B 329 -1.12 37.42 30.09
CA LYS B 329 -0.29 36.25 30.29
C LYS B 329 -1.11 34.96 30.26
N ALA B 330 -2.27 34.97 30.93
CA ALA B 330 -3.15 33.82 30.90
C ALA B 330 -3.63 33.52 29.49
N TRP B 331 -3.98 34.57 28.75
CA TRP B 331 -4.36 34.39 27.36
C TRP B 331 -3.27 33.66 26.59
N ARG B 332 -2.02 34.12 26.72
CA ARG B 332 -0.98 33.57 25.89
C ARG B 332 -0.50 32.20 26.34
N GLN B 333 -0.70 31.85 27.61
CA GLN B 333 -0.32 30.51 28.06
C GLN B 333 -1.43 29.48 27.91
N GLY B 334 -2.69 29.90 27.87
CA GLY B 334 -3.78 28.96 27.62
C GLY B 334 -4.51 28.50 28.86
N ARG B 335 -4.86 29.44 29.73
CA ARG B 335 -5.54 29.15 31.00
C ARG B 335 -6.80 29.97 31.14
N THR B 336 -7.47 30.25 30.02
CA THR B 336 -8.71 31.03 30.03
C THR B 336 -9.89 30.24 30.56
N GLY B 337 -10.01 28.98 30.16
CA GLY B 337 -11.17 28.16 30.48
C GLY B 337 -11.97 27.71 29.29
N TYR B 338 -11.82 28.35 28.13
CA TYR B 338 -12.60 28.00 26.95
C TYR B 338 -11.83 27.01 26.08
N PRO B 339 -12.37 25.82 25.84
CA PRO B 339 -11.57 24.76 25.23
C PRO B 339 -10.97 25.11 23.88
N LEU B 340 -11.69 25.82 23.01
CA LEU B 340 -11.15 26.10 21.69
C LEU B 340 -9.99 27.09 21.76
N VAL B 341 -10.12 28.10 22.62
CA VAL B 341 -9.03 29.04 22.83
C VAL B 341 -7.82 28.33 23.41
N ASP B 342 -8.04 27.46 24.40
CA ASP B 342 -6.92 26.76 25.03
C ASP B 342 -6.18 25.88 24.04
N ALA B 343 -6.90 25.10 23.24
CA ALA B 343 -6.22 24.23 22.29
C ALA B 343 -5.54 25.03 21.18
N GLY B 344 -6.12 26.16 20.79
CA GLY B 344 -5.47 26.98 19.77
C GLY B 344 -4.14 27.53 20.24
N MET B 345 -4.11 28.09 21.45
CA MET B 345 -2.84 28.61 21.94
C MET B 345 -1.84 27.49 22.20
N ARG B 346 -2.32 26.34 22.66
CA ARG B 346 -1.45 25.20 22.91
C ARG B 346 -0.78 24.71 21.64
N GLU B 347 -1.51 24.64 20.53
CA GLU B 347 -0.89 24.23 19.28
C GLU B 347 -0.01 25.31 18.69
N LEU B 348 -0.38 26.58 18.87
CA LEU B 348 0.45 27.66 18.34
C LEU B 348 1.84 27.63 18.96
N TRP B 349 1.94 27.59 20.28
CA TRP B 349 3.27 27.63 20.86
C TRP B 349 4.13 26.43 20.51
N ALA B 350 3.53 25.31 20.13
CA ALA B 350 4.28 24.08 19.91
C ALA B 350 4.61 23.80 18.47
N THR B 351 3.86 24.35 17.50
CA THR B 351 4.19 24.11 16.11
C THR B 351 4.28 25.36 15.25
N GLY B 352 4.01 26.54 15.79
CA GLY B 352 4.09 27.75 15.01
C GLY B 352 3.06 27.87 13.91
N TRP B 353 1.81 27.51 14.18
CA TRP B 353 0.77 27.48 13.15
C TRP B 353 -0.58 27.30 13.84
N MET B 354 -1.65 27.64 13.12
CA MET B 354 -3.02 27.41 13.59
C MET B 354 -3.98 27.69 12.45
N HIS B 355 -5.14 27.02 12.48
CA HIS B 355 -6.13 27.07 11.42
C HIS B 355 -6.79 28.45 11.36
N ASN B 356 -7.42 28.73 10.22
N ASN B 356 -7.42 28.75 10.21
CA ASN B 356 -8.04 30.03 9.97
CA ASN B 356 -8.04 30.05 10.00
C ASN B 356 -9.17 30.30 10.95
C ASN B 356 -9.17 30.31 10.98
N ARG B 357 -10.02 29.30 11.20
CA ARG B 357 -11.09 29.48 12.16
C ARG B 357 -10.55 29.73 13.56
N ILE B 358 -9.45 29.07 13.91
CA ILE B 358 -8.86 29.30 15.23
C ILE B 358 -8.26 30.70 15.31
N ARG B 359 -7.69 31.21 14.21
CA ARG B 359 -7.20 32.58 14.21
C ARG B 359 -8.34 33.56 14.46
N VAL B 360 -9.45 33.36 13.74
CA VAL B 360 -10.63 34.20 13.96
C VAL B 360 -11.07 34.14 15.41
N ILE B 361 -11.18 32.91 15.94
CA ILE B 361 -11.75 32.71 17.28
C ILE B 361 -10.88 33.37 18.34
N VAL B 362 -9.58 33.09 18.31
CA VAL B 362 -8.69 33.60 19.36
C VAL B 362 -8.59 35.11 19.27
N SER B 363 -8.44 35.66 18.07
CA SER B 363 -8.34 37.12 17.95
C SER B 363 -9.60 37.80 18.45
N SER B 364 -10.77 37.31 18.02
CA SER B 364 -12.02 37.90 18.47
C SER B 364 -12.16 37.78 19.97
N PHE B 365 -11.77 36.66 20.55
CA PHE B 365 -11.82 36.52 22.00
C PHE B 365 -10.96 37.58 22.67
N GLY B 366 -9.73 37.76 22.18
CA GLY B 366 -8.81 38.66 22.83
C GLY B 366 -9.30 40.09 22.86
N VAL B 367 -10.00 40.52 21.83
CA VAL B 367 -10.49 41.90 21.76
C VAL B 367 -11.83 42.07 22.46
N LYS B 368 -12.79 41.17 22.17
CA LYS B 368 -14.16 41.40 22.61
C LYS B 368 -14.46 40.84 23.98
N PHE B 369 -13.57 40.03 24.56
CA PHE B 369 -13.85 39.43 25.85
C PHE B 369 -13.05 40.06 26.99
N LEU B 370 -11.73 40.10 26.86
CA LEU B 370 -10.87 40.65 27.88
C LEU B 370 -10.52 42.10 27.64
N LEU B 371 -10.98 42.68 26.54
CA LEU B 371 -10.78 44.10 26.22
C LEU B 371 -9.30 44.48 26.29
N LEU B 372 -8.50 43.82 25.46
CA LEU B 372 -7.06 44.01 25.43
C LEU B 372 -6.67 45.02 24.35
N PRO B 373 -5.58 45.74 24.54
CA PRO B 373 -5.05 46.56 23.44
C PRO B 373 -4.57 45.69 22.30
N TRP B 374 -5.17 45.89 21.12
CA TRP B 374 -4.94 45.00 20.00
C TRP B 374 -3.49 44.96 19.54
N LYS B 375 -2.69 45.97 19.92
CA LYS B 375 -1.28 45.97 19.55
C LYS B 375 -0.56 44.78 20.15
N TRP B 376 -0.89 44.40 21.38
CA TRP B 376 -0.24 43.27 22.00
C TRP B 376 -0.52 41.98 21.24
N GLY B 377 -1.77 41.78 20.85
CA GLY B 377 -2.10 40.60 20.07
C GLY B 377 -1.37 40.56 18.75
N MET B 378 -1.32 41.71 18.07
CA MET B 378 -0.58 41.78 16.82
C MET B 378 0.88 41.43 17.02
N LYS B 379 1.49 41.94 18.09
CA LYS B 379 2.92 41.71 18.31
C LYS B 379 3.22 40.26 18.68
N TYR B 380 2.39 39.64 19.52
CA TYR B 380 2.62 38.25 19.87
C TYR B 380 2.47 37.35 18.64
N PHE B 381 1.46 37.61 17.82
CA PHE B 381 1.37 36.88 16.56
C PHE B 381 2.60 37.11 15.71
N TRP B 382 3.13 38.34 15.72
CA TRP B 382 4.31 38.67 14.93
C TRP B 382 5.51 37.81 15.34
N ASP B 383 5.70 37.63 16.65
CA ASP B 383 6.87 36.90 17.12
C ASP B 383 6.70 35.38 17.04
N THR B 384 5.48 34.85 17.15
CA THR B 384 5.34 33.39 17.17
C THR B 384 5.02 32.77 15.82
N LEU B 385 4.19 33.41 15.00
CA LEU B 385 3.76 32.80 13.75
C LEU B 385 4.95 32.57 12.82
N LEU B 386 5.01 31.38 12.23
CA LEU B 386 6.11 31.05 11.32
C LEU B 386 6.03 31.78 10.00
N ASP B 387 4.94 32.50 9.72
CA ASP B 387 4.76 33.14 8.42
C ASP B 387 4.29 34.58 8.58
N ALA B 388 4.84 35.30 9.55
CA ALA B 388 4.34 36.63 9.87
C ALA B 388 4.50 37.56 8.68
N ASP B 389 3.36 38.00 8.13
CA ASP B 389 3.33 38.80 6.92
C ASP B 389 2.48 40.04 7.17
N LEU B 390 3.00 41.20 6.80
CA LEU B 390 2.42 42.47 7.24
C LEU B 390 1.03 42.69 6.65
N GLU B 391 0.90 42.54 5.33
CA GLU B 391 -0.37 42.85 4.68
C GLU B 391 -1.47 41.89 5.12
N CYS B 392 -1.18 40.59 5.10
CA CYS B 392 -2.19 39.61 5.50
C CYS B 392 -2.57 39.79 6.95
N ASP B 393 -1.59 40.06 7.81
CA ASP B 393 -1.88 40.32 9.21
C ASP B 393 -2.84 41.49 9.39
N ILE B 394 -2.55 42.61 8.72
CA ILE B 394 -3.38 43.79 8.86
C ILE B 394 -4.78 43.55 8.32
N LEU B 395 -4.88 42.89 7.16
CA LEU B 395 -6.18 42.61 6.57
C LEU B 395 -7.04 41.75 7.51
N GLY B 396 -6.44 40.69 8.07
CA GLY B 396 -7.20 39.82 8.95
C GLY B 396 -7.66 40.55 10.20
N TRP B 397 -6.79 41.35 10.80
CA TRP B 397 -7.20 42.06 12.01
C TRP B 397 -8.29 43.09 11.74
N GLN B 398 -8.22 43.79 10.60
CA GLN B 398 -9.30 44.69 10.25
C GLN B 398 -10.61 43.94 10.09
N TYR B 399 -10.58 42.81 9.39
CA TYR B 399 -11.80 42.03 9.20
C TYR B 399 -12.42 41.64 10.53
N ILE B 400 -11.64 41.05 11.43
CA ILE B 400 -12.25 40.57 12.67
C ILE B 400 -12.67 41.75 13.55
N SER B 401 -11.95 42.86 13.48
CA SER B 401 -12.28 44.00 14.34
C SER B 401 -13.42 44.83 13.83
N GLY B 402 -13.91 44.58 12.62
CA GLY B 402 -15.13 45.21 12.16
C GLY B 402 -14.94 46.58 11.56
N SER B 403 -13.72 46.93 11.16
CA SER B 403 -13.47 48.19 10.46
C SER B 403 -13.75 48.06 8.97
N ILE B 404 -14.18 46.89 8.53
CA ILE B 404 -14.57 46.67 7.13
C ILE B 404 -16.04 46.29 7.10
N PRO B 405 -16.87 46.93 6.26
CA PRO B 405 -18.29 46.57 6.22
C PRO B 405 -18.54 45.10 5.87
N ASP B 406 -17.65 44.49 5.10
CA ASP B 406 -17.70 43.06 4.82
C ASP B 406 -17.06 42.27 5.94
N GLY B 407 -17.87 41.78 6.89
CA GLY B 407 -17.33 41.02 8.00
C GLY B 407 -18.38 40.84 9.09
N HIS B 408 -17.90 40.60 10.29
CA HIS B 408 -18.76 40.48 11.47
C HIS B 408 -18.57 41.69 12.37
N GLU B 409 -19.65 42.43 12.60
CA GLU B 409 -19.59 43.68 13.34
C GLU B 409 -19.26 43.41 14.81
N LEU B 410 -18.64 44.40 15.45
CA LEU B 410 -18.12 44.23 16.81
C LEU B 410 -19.21 43.85 17.80
N ASP B 411 -20.47 44.17 17.48
CA ASP B 411 -21.55 44.03 18.46
C ASP B 411 -21.78 42.58 18.88
N ARG B 412 -21.72 41.63 17.94
CA ARG B 412 -22.21 40.28 18.19
C ARG B 412 -21.09 39.33 18.60
N LEU B 413 -21.31 38.60 19.68
CA LEU B 413 -20.43 37.55 20.16
C LEU B 413 -21.06 36.19 19.88
N ASP B 414 -20.23 35.22 19.51
CA ASP B 414 -20.73 33.93 19.07
C ASP B 414 -20.79 32.96 20.25
N ASN B 415 -21.57 31.89 20.08
CA ASN B 415 -21.85 30.94 21.14
C ASN B 415 -20.95 29.71 20.99
N PRO B 416 -20.19 29.36 22.04
CA PRO B 416 -19.25 28.24 21.93
C PRO B 416 -19.89 26.93 21.51
N ALA B 417 -21.11 26.64 21.98
CA ALA B 417 -21.76 25.40 21.58
C ALA B 417 -21.97 25.34 20.08
N LEU B 418 -22.45 26.44 19.49
CA LEU B 418 -22.68 26.47 18.05
C LEU B 418 -21.37 26.43 17.28
N GLN B 419 -20.35 27.15 17.75
CA GLN B 419 -19.03 27.08 17.12
C GLN B 419 -18.53 25.65 17.07
N GLY B 420 -18.58 24.95 18.20
CA GLY B 420 -18.15 23.58 18.27
C GLY B 420 -18.97 22.67 17.39
N ALA B 421 -20.29 22.77 17.45
CA ALA B 421 -21.11 21.91 16.60
C ALA B 421 -20.79 22.12 15.14
N LYS B 422 -20.46 23.35 14.75
CA LYS B 422 -20.19 23.66 13.35
C LYS B 422 -18.83 23.15 12.90
N TYR B 423 -17.78 23.34 13.72
CA TYR B 423 -16.43 23.09 13.25
C TYR B 423 -15.77 21.83 13.84
N ASP B 424 -16.12 21.45 15.05
CA ASP B 424 -15.49 20.33 15.76
C ASP B 424 -16.58 19.37 16.22
N PRO B 425 -17.20 18.66 15.29
CA PRO B 425 -18.44 17.93 15.63
C PRO B 425 -18.26 16.77 16.59
N GLU B 426 -17.03 16.28 16.80
CA GLU B 426 -16.82 15.09 17.62
C GLU B 426 -15.85 15.28 18.78
N GLY B 427 -15.29 16.46 18.96
CA GLY B 427 -14.45 16.70 20.10
C GLY B 427 -13.03 16.23 19.99
N GLU B 428 -12.59 15.76 18.81
CA GLU B 428 -11.24 15.23 18.67
C GLU B 428 -10.18 16.31 18.88
N TYR B 429 -10.38 17.48 18.29
CA TYR B 429 -9.44 18.57 18.45
C TYR B 429 -9.28 18.92 19.91
N ILE B 430 -10.38 18.87 20.67
CA ILE B 430 -10.29 19.16 22.09
C ILE B 430 -9.53 18.08 22.82
N ARG B 431 -9.90 16.82 22.59
CA ARG B 431 -9.32 15.75 23.39
C ARG B 431 -7.87 15.47 23.05
N GLN B 432 -7.38 15.92 21.90
CA GLN B 432 -5.97 15.70 21.57
C GLN B 432 -5.05 16.71 22.26
N TRP B 433 -5.38 17.99 22.21
CA TRP B 433 -4.53 19.00 22.82
C TRP B 433 -4.83 19.26 24.28
N LEU B 434 -5.97 18.78 24.80
CA LEU B 434 -6.31 18.89 26.21
C LEU B 434 -6.68 17.52 26.76
N PRO B 435 -5.70 16.64 26.98
CA PRO B 435 -6.03 15.25 27.33
C PRO B 435 -6.79 15.09 28.63
N GLU B 436 -6.62 15.98 29.61
CA GLU B 436 -7.33 15.85 30.87
C GLU B 436 -8.83 16.01 30.73
N LEU B 437 -9.33 16.17 29.52
CA LEU B 437 -10.75 16.20 29.22
C LEU B 437 -11.10 15.12 28.21
N ALA B 438 -10.56 13.92 28.37
CA ALA B 438 -10.75 12.87 27.38
C ALA B 438 -11.95 11.98 27.66
N ARG B 439 -12.67 12.20 28.76
CA ARG B 439 -13.87 11.41 29.06
C ARG B 439 -15.05 12.27 29.46
N LEU B 440 -15.21 13.43 28.83
CA LEU B 440 -16.43 14.24 28.84
C LEU B 440 -17.25 13.92 27.60
N PRO B 441 -18.55 13.74 27.73
CA PRO B 441 -19.37 13.38 26.56
C PRO B 441 -19.34 14.47 25.51
N THR B 442 -19.54 14.07 24.26
CA THR B 442 -19.47 15.00 23.14
C THR B 442 -20.54 16.07 23.22
N GLU B 443 -21.57 15.90 24.06
CA GLU B 443 -22.60 16.91 24.16
C GLU B 443 -22.14 18.14 24.94
N TRP B 444 -21.38 17.94 26.03
CA TRP B 444 -21.02 19.05 26.92
C TRP B 444 -19.54 19.42 26.83
N ILE B 445 -18.80 18.91 25.86
CA ILE B 445 -17.36 19.09 25.89
C ILE B 445 -16.93 20.51 25.58
N HIS B 446 -17.81 21.34 25.04
CA HIS B 446 -17.42 22.67 24.62
C HIS B 446 -17.86 23.77 25.59
N HIS B 447 -18.83 23.52 26.46
CA HIS B 447 -19.29 24.52 27.44
C HIS B 447 -19.46 23.87 28.80
N PRO B 448 -18.36 23.48 29.45
CA PRO B 448 -18.48 22.63 30.65
C PRO B 448 -19.27 23.27 31.76
N TRP B 449 -19.23 24.59 31.91
CA TRP B 449 -19.95 25.23 33.00
C TRP B 449 -21.45 25.00 32.92
N ASP B 450 -21.92 24.30 31.88
CA ASP B 450 -23.32 23.94 31.78
C ASP B 450 -23.62 22.57 32.36
N ALA B 451 -22.73 21.60 32.17
CA ALA B 451 -23.03 20.23 32.53
C ALA B 451 -23.20 20.09 34.04
N PRO B 452 -24.16 19.29 34.49
CA PRO B 452 -24.41 19.17 35.92
C PRO B 452 -23.29 18.43 36.65
N LEU B 453 -23.25 18.65 37.97
CA LEU B 453 -22.19 18.08 38.79
C LEU B 453 -22.22 16.56 38.79
N THR B 454 -23.38 15.94 38.53
CA THR B 454 -23.41 14.49 38.40
C THR B 454 -22.54 14.03 37.23
N VAL B 455 -22.66 14.68 36.08
CA VAL B 455 -21.81 14.33 34.95
C VAL B 455 -20.36 14.74 35.20
N LEU B 456 -20.13 15.88 35.84
CA LEU B 456 -18.76 16.27 36.13
C LEU B 456 -18.11 15.42 37.21
N LYS B 457 -18.88 14.58 37.90
CA LYS B 457 -18.30 13.59 38.80
C LYS B 457 -18.10 12.25 38.12
N ALA B 458 -19.05 11.84 37.29
CA ALA B 458 -18.88 10.60 36.53
C ALA B 458 -17.68 10.69 35.61
N SER B 459 -17.48 11.86 34.99
CA SER B 459 -16.23 12.12 34.30
C SER B 459 -15.14 12.42 35.32
N GLY B 460 -13.90 12.43 34.87
CA GLY B 460 -12.87 12.76 35.82
C GLY B 460 -12.66 14.23 36.05
N VAL B 461 -13.33 15.08 35.26
CA VAL B 461 -13.04 16.50 35.23
C VAL B 461 -13.41 17.13 36.56
N GLU B 462 -12.61 18.11 36.98
CA GLU B 462 -12.86 18.80 38.24
C GLU B 462 -12.41 20.25 38.11
N LEU B 463 -13.36 21.16 37.90
CA LEU B 463 -13.04 22.56 37.68
C LEU B 463 -12.43 23.16 38.94
N GLY B 464 -11.43 24.01 38.75
CA GLY B 464 -10.70 24.61 39.83
C GLY B 464 -9.47 23.83 40.26
N THR B 465 -9.51 22.51 40.18
CA THR B 465 -8.42 21.67 40.67
C THR B 465 -7.51 21.15 39.56
N ASN B 466 -8.09 20.64 38.46
CA ASN B 466 -7.27 20.26 37.31
C ASN B 466 -7.80 20.82 36.00
N TYR B 467 -8.65 21.84 36.04
CA TYR B 467 -9.01 22.63 34.87
C TYR B 467 -9.69 23.90 35.36
N ALA B 468 -9.46 25.00 34.65
CA ALA B 468 -9.79 26.31 35.18
C ALA B 468 -11.25 26.68 34.90
N LYS B 469 -11.89 27.27 35.90
CA LYS B 469 -13.19 27.89 35.74
C LYS B 469 -13.06 29.14 34.88
N PRO B 470 -14.10 29.48 34.11
CA PRO B 470 -13.95 30.54 33.11
C PRO B 470 -13.45 31.84 33.72
N ILE B 471 -12.48 32.46 33.05
CA ILE B 471 -11.75 33.57 33.64
C ILE B 471 -12.64 34.79 33.81
N VAL B 472 -13.52 35.05 32.86
CA VAL B 472 -14.50 36.12 32.96
C VAL B 472 -15.83 35.58 32.46
N ASP B 473 -16.92 35.94 33.14
CA ASP B 473 -18.22 35.44 32.72
C ASP B 473 -18.62 36.06 31.39
N ILE B 474 -19.26 35.26 30.54
CA ILE B 474 -19.62 35.70 29.20
C ILE B 474 -20.63 36.83 29.24
N ASP B 475 -21.61 36.75 30.14
CA ASP B 475 -22.71 37.72 30.17
C ASP B 475 -22.21 39.12 30.55
N THR B 476 -21.36 39.21 31.57
CA THR B 476 -20.88 40.52 32.00
C THR B 476 -20.03 41.20 30.94
N ALA B 477 -19.17 40.43 30.27
CA ALA B 477 -18.37 40.99 29.18
C ALA B 477 -19.27 41.46 28.04
N ARG B 478 -20.34 40.70 27.75
CA ARG B 478 -21.27 41.14 26.72
C ARG B 478 -21.94 42.45 27.11
N GLU B 479 -22.28 42.61 28.39
CA GLU B 479 -22.88 43.86 28.86
C GLU B 479 -21.90 45.03 28.73
N LEU B 480 -20.63 44.82 29.12
CA LEU B 480 -19.66 45.90 28.98
C LEU B 480 -19.44 46.30 27.53
N LEU B 481 -19.32 45.32 26.63
CA LEU B 481 -19.23 45.65 25.21
C LEU B 481 -20.51 46.32 24.71
N ALA B 482 -21.67 45.96 25.29
CA ALA B 482 -22.91 46.63 24.94
C ALA B 482 -22.88 48.09 25.35
N LYS B 483 -22.24 48.39 26.48
CA LYS B 483 -22.01 49.78 26.84
C LYS B 483 -21.23 50.50 25.74
N ALA B 484 -20.09 49.93 25.36
CA ALA B 484 -19.19 50.59 24.43
C ALA B 484 -19.79 50.67 23.02
N ILE B 485 -20.76 49.80 22.72
CA ILE B 485 -21.37 49.78 21.40
C ILE B 485 -22.61 50.67 21.36
N SER B 486 -23.51 50.52 22.34
CA SER B 486 -24.71 51.35 22.38
C SER B 486 -24.36 52.81 22.64
N ARG B 487 -23.12 53.10 23.04
CA ARG B 487 -22.67 54.48 22.97
C ARG B 487 -22.77 55.03 21.54
N THR B 488 -22.50 54.18 20.54
CA THR B 488 -22.63 54.60 19.14
C THR B 488 -24.09 54.86 18.78
N LYS C 5 12.73 -48.42 25.96
CA LYS C 5 11.81 -47.59 25.19
C LYS C 5 12.46 -47.10 23.92
N LYS C 6 12.50 -47.95 22.89
CA LYS C 6 13.07 -47.58 21.61
C LYS C 6 12.04 -47.87 20.52
N THR C 7 11.77 -46.84 19.71
CA THR C 7 10.71 -46.91 18.71
C THR C 7 11.26 -46.51 17.34
N ILE C 8 10.73 -47.15 16.31
CA ILE C 8 11.06 -46.83 14.93
C ILE C 8 9.84 -46.19 14.29
N VAL C 9 10.00 -44.96 13.81
CA VAL C 9 8.94 -44.23 13.16
C VAL C 9 9.13 -44.36 11.65
N TRP C 10 8.08 -44.80 10.96
CA TRP C 10 8.16 -45.02 9.52
C TRP C 10 7.45 -43.89 8.79
N PHE C 11 8.15 -43.23 7.86
CA PHE C 11 7.60 -42.12 7.08
C PHE C 11 7.33 -42.60 5.66
N ARG C 12 6.08 -42.45 5.21
CA ARG C 12 5.77 -42.77 3.82
C ARG C 12 5.18 -41.59 3.05
N ARG C 13 4.08 -41.00 3.50
CA ARG C 13 3.46 -39.89 2.78
C ARG C 13 2.87 -38.86 3.72
N ASP C 14 3.58 -38.54 4.80
CA ASP C 14 3.08 -37.64 5.84
C ASP C 14 4.17 -36.67 6.23
N LEU C 15 4.78 -36.03 5.23
CA LEU C 15 6.03 -35.30 5.42
C LEU C 15 5.80 -33.98 6.16
N ARG C 16 5.31 -34.10 7.39
CA ARG C 16 5.09 -32.94 8.24
C ARG C 16 5.37 -33.33 9.67
N ILE C 17 5.43 -32.34 10.56
CA ILE C 17 5.63 -32.60 11.98
C ILE C 17 4.46 -32.18 12.84
N GLU C 18 3.53 -31.37 12.33
CA GLU C 18 2.33 -31.00 13.08
C GLU C 18 1.23 -32.00 12.78
N ASP C 19 0.46 -32.35 13.81
CA ASP C 19 -0.67 -33.25 13.66
C ASP C 19 -0.25 -34.56 13.03
N ASN C 20 0.88 -35.08 13.48
CA ASN C 20 1.37 -36.37 13.03
C ASN C 20 1.20 -37.36 14.17
N PRO C 21 0.21 -38.24 14.12
CA PRO C 21 -0.09 -39.07 15.30
C PRO C 21 0.98 -40.07 15.64
N ALA C 22 1.55 -40.76 14.64
CA ALA C 22 2.58 -41.75 14.94
C ALA C 22 3.81 -41.11 15.56
N LEU C 23 4.27 -40.00 15.00
CA LEU C 23 5.42 -39.32 15.57
C LEU C 23 5.13 -38.81 16.97
N ALA C 24 3.94 -38.23 17.19
CA ALA C 24 3.61 -37.74 18.51
C ALA C 24 3.58 -38.86 19.54
N ALA C 25 3.01 -40.00 19.18
CA ALA C 25 2.99 -41.15 20.08
C ALA C 25 4.39 -41.61 20.44
N ALA C 26 5.23 -41.82 19.42
CA ALA C 26 6.58 -42.33 19.70
C ALA C 26 7.39 -41.35 20.53
N ALA C 27 7.31 -40.07 20.20
CA ALA C 27 8.09 -39.07 20.93
C ALA C 27 7.66 -38.97 22.38
N HIS C 28 6.35 -39.03 22.64
CA HIS C 28 5.90 -39.04 24.02
C HIS C 28 6.27 -40.32 24.75
N GLU C 29 6.40 -41.42 24.01
CA GLU C 29 6.73 -42.70 24.64
C GLU C 29 8.19 -42.76 25.07
N GLY C 30 9.12 -42.32 24.21
CA GLY C 30 10.53 -42.51 24.51
C GLY C 30 11.51 -42.02 23.47
N SER C 31 12.47 -42.87 23.10
CA SER C 31 13.47 -42.53 22.10
C SER C 31 13.07 -43.04 20.72
N VAL C 32 13.41 -42.25 19.69
CA VAL C 32 12.87 -42.42 18.35
C VAL C 32 13.99 -42.60 17.34
N PHE C 33 13.66 -43.24 16.23
CA PHE C 33 14.60 -43.47 15.13
C PHE C 33 13.87 -43.36 13.80
N PRO C 34 13.73 -42.14 13.27
CA PRO C 34 12.94 -41.95 12.05
C PRO C 34 13.60 -42.62 10.86
N VAL C 35 12.77 -43.07 9.90
CA VAL C 35 13.33 -43.72 8.73
C VAL C 35 12.40 -43.54 7.54
N PHE C 36 13.00 -43.41 6.36
CA PHE C 36 12.32 -43.38 5.08
C PHE C 36 12.93 -44.47 4.19
N ILE C 37 12.07 -45.29 3.60
CA ILE C 37 12.47 -46.46 2.84
C ILE C 37 11.86 -46.35 1.45
N TRP C 38 12.71 -46.34 0.42
CA TRP C 38 12.27 -46.20 -0.96
C TRP C 38 12.53 -47.50 -1.69
N CYS C 39 11.50 -48.07 -2.31
CA CYS C 39 11.60 -49.37 -2.98
C CYS C 39 10.84 -49.36 -4.29
N PRO C 40 11.54 -49.14 -5.41
CA PRO C 40 10.83 -49.05 -6.70
C PRO C 40 10.08 -50.31 -7.09
N GLU C 41 10.61 -51.49 -6.77
CA GLU C 41 10.07 -52.71 -7.34
C GLU C 41 8.69 -53.05 -6.78
N GLU C 42 8.42 -52.69 -5.53
CA GLU C 42 7.14 -53.06 -4.94
C GLU C 42 5.99 -52.23 -5.49
N GLU C 43 6.29 -51.05 -6.06
CA GLU C 43 5.23 -50.14 -6.48
C GLU C 43 4.46 -50.68 -7.68
N GLY C 44 5.14 -51.37 -8.59
CA GLY C 44 4.46 -51.96 -9.72
C GLY C 44 4.32 -51.00 -10.87
N GLN C 45 3.07 -50.71 -11.25
CA GLN C 45 2.79 -49.71 -12.27
C GLN C 45 2.25 -48.41 -11.68
N PHE C 46 2.10 -48.34 -10.37
CA PHE C 46 1.79 -47.09 -9.69
C PHE C 46 3.05 -46.33 -9.32
N TYR C 47 4.12 -46.55 -10.06
CA TYR C 47 5.36 -45.83 -9.83
C TYR C 47 5.16 -44.35 -10.12
N PRO C 48 5.57 -43.46 -9.22
CA PRO C 48 5.34 -42.03 -9.43
C PRO C 48 6.09 -41.48 -10.63
N GLY C 49 5.53 -40.39 -11.18
CA GLY C 49 6.08 -39.75 -12.37
C GLY C 49 7.01 -38.60 -12.04
N ARG C 50 7.55 -38.01 -13.12
CA ARG C 50 8.68 -37.08 -13.01
C ARG C 50 8.34 -35.85 -12.19
N ALA C 51 7.21 -35.23 -12.48
CA ALA C 51 6.80 -34.06 -11.74
C ALA C 51 6.55 -34.36 -10.28
N SER C 52 6.23 -35.61 -9.95
CA SER C 52 6.03 -36.00 -8.57
C SER C 52 7.36 -36.28 -7.86
N ARG C 53 8.31 -36.90 -8.55
CA ARG C 53 9.60 -37.16 -7.94
C ARG C 53 10.34 -35.86 -7.65
N TRP C 54 10.22 -34.87 -8.53
CA TRP C 54 10.87 -33.59 -8.26
C TRP C 54 10.36 -32.98 -6.95
N TRP C 55 9.05 -32.90 -6.78
CA TRP C 55 8.48 -32.34 -5.56
C TRP C 55 8.86 -33.18 -4.35
N MET C 56 8.90 -34.49 -4.51
CA MET C 56 9.24 -35.36 -3.38
C MET C 56 10.66 -35.12 -2.90
N LYS C 57 11.60 -34.94 -3.81
CA LYS C 57 12.98 -34.67 -3.41
C LYS C 57 13.11 -33.36 -2.65
N GLN C 58 12.48 -32.30 -3.15
CA GLN C 58 12.56 -31.03 -2.44
C GLN C 58 11.95 -31.13 -1.04
N SER C 59 10.80 -31.79 -0.94
CA SER C 59 10.16 -31.93 0.36
C SER C 59 11.01 -32.78 1.30
N LEU C 60 11.70 -33.78 0.78
CA LEU C 60 12.55 -34.61 1.64
C LEU C 60 13.72 -33.82 2.19
N ALA C 61 14.34 -32.98 1.37
CA ALA C 61 15.43 -32.14 1.91
C ALA C 61 14.92 -31.19 3.00
N HIS C 62 13.78 -30.55 2.75
CA HIS C 62 13.19 -29.66 3.75
C HIS C 62 12.93 -30.40 5.06
N LEU C 63 12.34 -31.59 4.97
CA LEU C 63 12.02 -32.35 6.17
C LEU C 63 13.28 -32.80 6.89
N SER C 64 14.33 -33.18 6.17
CA SER C 64 15.56 -33.61 6.81
C SER C 64 16.18 -32.48 7.62
N GLN C 65 16.25 -31.28 7.05
CA GLN C 65 16.75 -30.15 7.83
C GLN C 65 15.89 -29.90 9.06
N SER C 66 14.57 -30.00 8.89
CA SER C 66 13.66 -29.76 10.01
C SER C 66 13.94 -30.73 11.16
N LEU C 67 14.13 -32.01 10.83
CA LEU C 67 14.38 -33.01 11.87
C LEU C 67 15.74 -32.79 12.52
N LYS C 68 16.77 -32.51 11.73
CA LYS C 68 18.10 -32.31 12.28
C LYS C 68 18.15 -31.11 13.23
N ALA C 69 17.36 -30.08 12.97
CA ALA C 69 17.30 -28.97 13.92
C ALA C 69 16.72 -29.41 15.25
N LEU C 70 15.68 -30.26 15.22
CA LEU C 70 15.05 -30.69 16.46
C LEU C 70 15.96 -31.58 17.30
N GLY C 71 16.77 -32.43 16.68
CA GLY C 71 17.72 -33.18 17.47
C GLY C 71 17.89 -34.63 17.08
N SER C 72 17.21 -35.06 16.03
CA SER C 72 17.43 -36.39 15.47
C SER C 72 17.72 -36.21 14.00
N ASP C 73 17.72 -37.29 13.24
CA ASP C 73 18.05 -37.17 11.82
C ASP C 73 17.30 -38.22 11.02
N LEU C 74 16.90 -37.84 9.81
CA LEU C 74 16.26 -38.76 8.90
C LEU C 74 17.30 -39.68 8.28
N THR C 75 16.91 -40.93 8.06
CA THR C 75 17.78 -41.92 7.45
C THR C 75 17.09 -42.49 6.23
N LEU C 76 17.80 -42.53 5.12
CA LEU C 76 17.22 -42.91 3.84
C LEU C 76 17.80 -44.23 3.38
N ILE C 77 16.93 -45.18 3.03
CA ILE C 77 17.36 -46.51 2.61
C ILE C 77 16.71 -46.85 1.29
N GLN C 78 17.52 -47.18 0.28
CA GLN C 78 17.03 -47.73 -0.97
C GLN C 78 17.35 -49.22 -1.00
N THR C 79 16.34 -50.04 -1.23
CA THR C 79 16.47 -51.47 -1.05
C THR C 79 15.68 -52.23 -2.10
N HIS C 80 15.70 -53.55 -1.98
CA HIS C 80 14.87 -54.43 -2.78
C HIS C 80 13.78 -55.12 -1.96
N ASN C 81 13.86 -55.03 -0.64
CA ASN C 81 12.90 -55.63 0.26
C ASN C 81 12.70 -54.71 1.46
N THR C 82 11.46 -54.60 1.91
CA THR C 82 11.16 -53.72 3.04
C THR C 82 11.32 -54.45 4.37
N ILE C 83 10.92 -55.72 4.41
CA ILE C 83 11.08 -56.50 5.63
C ILE C 83 12.55 -56.61 5.99
N SER C 84 13.41 -56.83 4.99
CA SER C 84 14.83 -56.93 5.25
C SER C 84 15.37 -55.64 5.86
N ALA C 85 14.97 -54.50 5.33
CA ALA C 85 15.47 -53.22 5.85
C ALA C 85 15.00 -52.99 7.27
N ILE C 86 13.73 -53.27 7.55
CA ILE C 86 13.23 -53.08 8.90
C ILE C 86 13.94 -54.00 9.87
N LEU C 87 14.13 -55.26 9.48
CA LEU C 87 14.81 -56.21 10.35
C LEU C 87 16.26 -55.82 10.60
N ASP C 88 16.94 -55.31 9.57
CA ASP C 88 18.30 -54.83 9.76
C ASP C 88 18.36 -53.67 10.73
N CYS C 89 17.44 -52.71 10.60
CA CYS C 89 17.40 -51.61 11.55
C CYS C 89 17.16 -52.12 12.96
N ILE C 90 16.29 -53.11 13.10
CA ILE C 90 16.03 -53.70 14.41
C ILE C 90 17.30 -54.32 14.97
N ARG C 91 17.98 -55.14 14.16
CA ARG C 91 19.17 -55.83 14.60
C ARG C 91 20.28 -54.87 14.99
N VAL C 92 20.34 -53.71 14.35
CA VAL C 92 21.41 -52.76 14.64
C VAL C 92 21.11 -51.84 15.82
N THR C 93 19.86 -51.42 16.01
CA THR C 93 19.60 -50.45 17.07
C THR C 93 18.98 -51.06 18.32
N GLY C 94 18.43 -52.27 18.25
CA GLY C 94 17.80 -52.90 19.39
C GLY C 94 16.56 -52.17 19.87
N PRO C 95 15.54 -52.08 19.02
CA PRO C 95 14.34 -51.32 19.37
C PRO C 95 13.32 -52.20 20.07
N THR C 96 12.16 -51.62 20.32
CA THR C 96 11.04 -52.37 20.88
C THR C 96 9.76 -52.22 20.09
N LYS C 97 9.55 -51.09 19.42
CA LYS C 97 8.26 -50.80 18.80
C LYS C 97 8.43 -50.22 17.40
N VAL C 98 7.38 -50.35 16.60
CA VAL C 98 7.31 -49.79 15.24
C VAL C 98 5.96 -49.12 15.07
N VAL C 99 5.95 -47.89 14.57
CA VAL C 99 4.70 -47.15 14.38
C VAL C 99 4.66 -46.51 12.99
N PHE C 100 3.46 -46.43 12.42
CA PHE C 100 3.27 -45.72 11.15
C PHE C 100 1.81 -45.29 11.00
N ASN C 101 1.47 -44.80 9.81
CA ASN C 101 0.16 -44.23 9.48
C ASN C 101 -0.49 -45.00 8.33
N HIS C 102 -1.79 -44.78 8.16
CA HIS C 102 -2.59 -45.56 7.25
C HIS C 102 -2.60 -44.97 5.84
N LEU C 103 -2.64 -45.86 4.86
CA LEU C 103 -2.88 -45.49 3.47
C LEU C 103 -3.92 -46.45 2.90
N TYR C 104 -4.63 -46.01 1.87
CA TYR C 104 -5.73 -46.77 1.33
C TYR C 104 -5.52 -47.19 -0.11
N ASP C 105 -4.29 -47.15 -0.60
CA ASP C 105 -3.96 -47.72 -1.89
C ASP C 105 -3.97 -49.25 -1.78
N PRO C 106 -4.26 -49.96 -2.87
CA PRO C 106 -4.20 -51.43 -2.82
C PRO C 106 -2.85 -51.97 -2.37
N VAL C 107 -1.78 -51.48 -2.99
CA VAL C 107 -0.43 -51.89 -2.61
C VAL C 107 -0.17 -51.56 -1.15
N SER C 108 -0.61 -50.39 -0.71
CA SER C 108 -0.38 -50.00 0.68
C SER C 108 -1.07 -50.95 1.63
N LEU C 109 -2.31 -51.34 1.34
CA LEU C 109 -3.03 -52.24 2.23
C LEU C 109 -2.31 -53.58 2.33
N VAL C 110 -1.92 -54.15 1.20
CA VAL C 110 -1.24 -55.44 1.21
C VAL C 110 0.07 -55.35 1.99
N ARG C 111 0.87 -54.32 1.72
CA ARG C 111 2.16 -54.20 2.38
C ARG C 111 2.00 -54.00 3.88
N ASP C 112 1.04 -53.19 4.30
CA ASP C 112 0.83 -52.97 5.73
C ASP C 112 0.43 -54.27 6.43
N HIS C 113 -0.48 -55.04 5.82
CA HIS C 113 -0.88 -56.30 6.44
C HIS C 113 0.30 -57.24 6.57
N THR C 114 1.08 -57.38 5.50
CA THR C 114 2.23 -58.28 5.54
C THR C 114 3.22 -57.87 6.62
N VAL C 115 3.50 -56.56 6.72
CA VAL C 115 4.43 -56.09 7.73
C VAL C 115 3.92 -56.41 9.12
N LYS C 116 2.64 -56.10 9.38
CA LYS C 116 2.08 -56.35 10.71
C LYS C 116 2.21 -57.80 11.10
N GLU C 117 1.86 -58.71 10.19
CA GLU C 117 1.91 -60.13 10.52
C GLU C 117 3.35 -60.60 10.76
N LYS C 118 4.24 -60.35 9.79
CA LYS C 118 5.59 -60.88 9.90
C LYS C 118 6.38 -60.22 11.02
N LEU C 119 5.89 -59.10 11.55
CA LEU C 119 6.57 -58.50 12.70
C LEU C 119 6.03 -59.01 14.01
N VAL C 120 4.71 -59.26 14.10
CA VAL C 120 4.15 -59.78 15.33
C VAL C 120 4.57 -61.22 15.56
N GLU C 121 5.06 -61.91 14.52
CA GLU C 121 5.60 -63.24 14.73
C GLU C 121 6.79 -63.24 15.70
N ARG C 122 7.68 -62.26 15.59
CA ARG C 122 8.91 -62.24 16.36
C ARG C 122 8.79 -61.50 17.67
N GLY C 123 7.58 -61.27 18.16
CA GLY C 123 7.43 -60.65 19.47
C GLY C 123 7.74 -59.18 19.53
N ILE C 124 7.66 -58.47 18.42
CA ILE C 124 7.83 -57.02 18.38
C ILE C 124 6.47 -56.40 18.09
N SER C 125 6.07 -55.45 18.93
CA SER C 125 4.74 -54.84 18.82
C SER C 125 4.73 -53.76 17.74
N VAL C 126 3.61 -53.67 17.04
CA VAL C 126 3.42 -52.71 15.95
C VAL C 126 2.19 -51.88 16.24
N GLN C 127 2.09 -50.74 15.56
CA GLN C 127 0.94 -49.87 15.75
C GLN C 127 0.78 -48.95 14.55
N SER C 128 -0.47 -48.73 14.14
CA SER C 128 -0.77 -47.87 13.01
C SER C 128 -1.87 -46.90 13.41
N TYR C 129 -1.85 -45.73 12.79
CA TYR C 129 -2.81 -44.69 13.12
C TYR C 129 -3.55 -44.20 11.87
N ASN C 130 -4.29 -43.11 12.00
CA ASN C 130 -5.06 -42.53 10.92
C ASN C 130 -4.67 -41.07 10.76
N GLY C 131 -4.14 -40.71 9.61
CA GLY C 131 -3.61 -39.38 9.44
C GLY C 131 -4.07 -38.61 8.22
N ASP C 132 -4.91 -39.20 7.38
CA ASP C 132 -5.23 -38.58 6.10
C ASP C 132 -6.71 -38.44 5.81
N LEU C 133 -7.60 -38.73 6.77
CA LEU C 133 -9.03 -38.68 6.47
C LEU C 133 -9.80 -38.07 7.64
N LEU C 134 -11.04 -37.69 7.35
CA LEU C 134 -11.97 -37.22 8.37
C LEU C 134 -12.73 -38.37 9.01
N TYR C 135 -13.37 -39.21 8.19
CA TYR C 135 -14.04 -40.41 8.66
C TYR C 135 -13.46 -41.61 7.92
N GLU C 136 -13.19 -42.69 8.64
CA GLU C 136 -12.71 -43.89 7.98
C GLU C 136 -13.80 -44.50 7.13
N PRO C 137 -13.45 -45.16 6.03
CA PRO C 137 -14.48 -45.61 5.09
C PRO C 137 -15.43 -46.65 5.66
N TRP C 138 -15.08 -47.31 6.77
CA TRP C 138 -15.94 -48.33 7.35
C TRP C 138 -16.85 -47.78 8.44
N GLU C 139 -16.99 -46.47 8.54
CA GLU C 139 -17.68 -45.87 9.68
C GLU C 139 -19.02 -45.24 9.30
N ILE C 140 -19.28 -45.06 8.01
CA ILE C 140 -20.51 -44.42 7.54
C ILE C 140 -21.32 -45.44 6.75
N TYR C 141 -22.57 -45.63 7.15
CA TYR C 141 -23.45 -46.57 6.48
C TYR C 141 -24.89 -46.11 6.65
N CYS C 142 -25.79 -46.70 5.87
CA CYS C 142 -27.20 -46.33 5.91
C CYS C 142 -27.95 -47.16 6.94
N GLU C 143 -29.25 -46.88 7.08
CA GLU C 143 -30.04 -47.46 8.17
C GLU C 143 -30.03 -48.99 8.12
N LYS C 144 -30.04 -49.57 6.93
CA LYS C 144 -29.97 -51.01 6.77
C LYS C 144 -28.53 -51.52 6.77
N GLY C 145 -27.58 -50.71 7.23
CA GLY C 145 -26.19 -51.14 7.29
C GLY C 145 -25.53 -51.23 5.94
N LYS C 146 -26.05 -50.51 4.96
CA LYS C 146 -25.55 -50.56 3.59
C LYS C 146 -24.74 -49.32 3.26
N PRO C 147 -23.75 -49.44 2.39
CA PRO C 147 -23.04 -48.25 1.90
C PRO C 147 -23.94 -47.38 1.04
N PHE C 148 -23.68 -46.08 1.08
CA PHE C 148 -24.39 -45.14 0.23
C PHE C 148 -23.97 -45.30 -1.22
N THR C 149 -24.76 -44.72 -2.11
CA THR C 149 -24.50 -44.82 -3.55
C THR C 149 -24.43 -43.49 -4.27
N SER C 150 -24.82 -42.38 -3.64
CA SER C 150 -24.79 -41.08 -4.29
C SER C 150 -24.15 -40.06 -3.37
N PHE C 151 -23.43 -39.12 -4.01
CA PHE C 151 -22.66 -38.16 -3.25
C PHE C 151 -23.56 -37.29 -2.38
N ASN C 152 -24.75 -36.95 -2.85
CA ASN C 152 -25.61 -36.05 -2.09
C ASN C 152 -26.03 -36.66 -0.76
N SER C 153 -26.55 -37.88 -0.80
CA SER C 153 -26.93 -38.56 0.44
C SER C 153 -25.72 -38.81 1.32
N TYR C 154 -24.60 -39.23 0.72
CA TYR C 154 -23.39 -39.46 1.49
C TYR C 154 -22.98 -38.20 2.27
N TRP C 155 -22.91 -37.07 1.58
CA TRP C 155 -22.44 -35.85 2.21
C TRP C 155 -23.45 -35.33 3.21
N LYS C 156 -24.74 -35.53 2.96
CA LYS C 156 -25.74 -35.15 3.95
C LYS C 156 -25.56 -35.92 5.25
N LYS C 157 -25.35 -37.23 5.15
CA LYS C 157 -25.10 -38.03 6.34
C LYS C 157 -23.83 -37.59 7.05
N CYS C 158 -22.76 -37.36 6.29
CA CYS C 158 -21.49 -36.96 6.89
C CYS C 158 -21.62 -35.62 7.61
N LEU C 159 -22.33 -34.67 7.02
CA LEU C 159 -22.58 -33.41 7.70
C LEU C 159 -23.39 -33.61 8.97
N ASP C 160 -24.40 -34.50 8.92
CA ASP C 160 -25.24 -34.72 10.09
C ASP C 160 -24.42 -35.27 11.26
N MET C 161 -23.53 -36.22 10.99
CA MET C 161 -22.77 -36.84 12.06
C MET C 161 -21.80 -35.86 12.69
N SER C 162 -21.07 -36.31 13.71
CA SER C 162 -20.08 -35.47 14.38
C SER C 162 -18.71 -36.12 14.33
N ILE C 163 -17.67 -35.30 14.22
CA ILE C 163 -16.30 -35.76 14.04
C ILE C 163 -15.78 -36.37 15.34
N GLU C 164 -14.92 -37.38 15.21
CA GLU C 164 -14.41 -38.15 16.34
C GLU C 164 -12.88 -38.13 16.35
N SER C 165 -12.28 -36.96 16.15
CA SER C 165 -10.84 -36.83 16.08
C SER C 165 -10.39 -35.55 16.74
N VAL C 166 -9.24 -35.61 17.40
CA VAL C 166 -8.62 -34.44 18.02
C VAL C 166 -7.33 -34.12 17.28
N MET C 167 -6.78 -32.95 17.54
CA MET C 167 -5.54 -32.53 16.92
C MET C 167 -4.41 -32.55 17.93
N LEU C 168 -3.21 -32.89 17.47
CA LEU C 168 -2.05 -33.11 18.31
C LEU C 168 -0.99 -32.06 18.07
N PRO C 169 -0.38 -31.52 19.11
CA PRO C 169 0.69 -30.53 18.92
C PRO C 169 1.96 -31.20 18.45
N PRO C 170 2.88 -30.46 17.85
CA PRO C 170 4.13 -31.05 17.38
C PRO C 170 5.02 -31.44 18.55
N PRO C 171 5.86 -32.47 18.38
CA PRO C 171 6.80 -32.82 19.44
C PRO C 171 7.82 -31.71 19.68
N TRP C 172 8.23 -31.55 20.93
CA TRP C 172 9.12 -30.46 21.29
C TRP C 172 10.57 -30.78 20.96
N ARG C 173 11.07 -31.92 21.44
CA ARG C 173 12.43 -32.36 21.17
C ARG C 173 12.40 -33.87 20.97
N LEU C 174 13.48 -34.39 20.40
CA LEU C 174 13.62 -35.82 20.15
C LEU C 174 14.91 -36.32 20.80
N MET C 175 14.81 -37.43 21.52
CA MET C 175 15.99 -38.05 22.11
C MET C 175 16.65 -38.95 21.09
N PRO C 176 17.88 -38.68 20.68
CA PRO C 176 18.47 -39.40 19.56
C PRO C 176 18.77 -40.85 19.86
N ILE C 177 19.29 -41.55 18.86
CA ILE C 177 19.71 -42.93 18.98
C ILE C 177 20.92 -43.19 18.08
N ILE C 184 24.24 -51.35 7.23
CA ILE C 184 22.87 -50.84 7.26
C ILE C 184 22.50 -50.29 5.90
N TRP C 185 23.50 -49.83 5.15
CA TRP C 185 23.34 -49.34 3.79
C TRP C 185 22.46 -48.09 3.71
N ALA C 186 22.66 -47.17 4.65
CA ALA C 186 22.03 -45.86 4.55
C ALA C 186 22.72 -45.05 3.46
N CYS C 187 21.97 -44.17 2.79
CA CYS C 187 22.55 -43.38 1.72
C CYS C 187 22.10 -41.93 1.85
N SER C 188 22.35 -41.16 0.79
CA SER C 188 22.10 -39.72 0.77
C SER C 188 21.06 -39.39 -0.30
N ILE C 189 20.48 -38.20 -0.18
CA ILE C 189 19.36 -37.80 -1.01
C ILE C 189 19.70 -37.82 -2.50
N GLU C 190 20.98 -37.90 -2.85
CA GLU C 190 21.38 -37.88 -4.25
C GLU C 190 21.54 -39.26 -4.86
N GLU C 191 21.72 -40.30 -4.04
CA GLU C 191 21.85 -41.65 -4.57
C GLU C 191 20.53 -42.40 -4.63
N LEU C 192 19.43 -41.79 -4.17
CA LEU C 192 18.12 -42.38 -4.35
C LEU C 192 17.73 -42.47 -5.82
N GLY C 193 18.39 -41.72 -6.69
CA GLY C 193 18.08 -41.75 -8.10
C GLY C 193 16.70 -41.23 -8.42
N LEU C 194 16.30 -40.14 -7.76
CA LEU C 194 14.96 -39.59 -7.99
C LEU C 194 14.86 -38.86 -9.31
N GLU C 195 15.94 -38.26 -9.80
CA GLU C 195 15.91 -37.45 -11.01
C GLU C 195 16.89 -37.99 -12.04
N ASN C 196 16.51 -37.92 -13.30
CA ASN C 196 17.41 -38.30 -14.37
C ASN C 196 18.56 -37.29 -14.47
N GLU C 197 19.46 -37.56 -15.40
CA GLU C 197 20.65 -36.73 -15.58
C GLU C 197 20.45 -35.62 -16.60
N ALA C 198 19.75 -35.89 -17.68
CA ALA C 198 19.56 -34.87 -18.72
C ALA C 198 18.52 -33.84 -18.32
N GLU C 199 17.60 -34.19 -17.42
CA GLU C 199 16.41 -33.39 -17.17
C GLU C 199 16.50 -32.61 -15.86
N LYS C 200 17.70 -32.33 -15.40
CA LYS C 200 17.79 -31.49 -14.22
C LYS C 200 17.64 -30.02 -14.57
N PRO C 201 18.36 -29.49 -15.58
CA PRO C 201 18.18 -28.08 -15.94
C PRO C 201 16.78 -27.74 -16.42
N SER C 202 16.09 -28.65 -17.10
CA SER C 202 14.73 -28.37 -17.53
C SER C 202 13.76 -28.39 -16.34
N ASN C 203 13.88 -29.39 -15.47
CA ASN C 203 13.01 -29.46 -14.31
C ASN C 203 13.21 -28.27 -13.38
N ALA C 204 14.40 -27.70 -13.37
CA ALA C 204 14.67 -26.61 -12.44
C ALA C 204 13.77 -25.42 -12.67
N LEU C 205 13.16 -25.30 -13.85
CA LEU C 205 12.38 -24.11 -14.17
C LEU C 205 11.08 -24.01 -13.37
N LEU C 206 10.54 -25.14 -12.91
CA LEU C 206 9.26 -25.11 -12.19
C LEU C 206 9.34 -24.28 -10.92
N THR C 207 10.53 -24.08 -10.35
CA THR C 207 10.68 -23.20 -9.20
C THR C 207 10.16 -21.80 -9.48
N ARG C 208 9.91 -21.45 -10.74
CA ARG C 208 9.34 -20.14 -11.04
C ARG C 208 7.94 -19.97 -10.46
N ALA C 209 7.18 -21.05 -10.29
CA ALA C 209 5.80 -20.94 -9.84
C ALA C 209 5.54 -21.56 -8.47
N TRP C 210 6.19 -22.67 -8.13
CA TRP C 210 5.91 -23.42 -6.93
C TRP C 210 7.09 -23.37 -5.98
N SER C 211 6.86 -23.76 -4.73
CA SER C 211 7.94 -23.86 -3.74
C SER C 211 7.54 -24.85 -2.65
N PRO C 212 8.03 -26.08 -2.72
CA PRO C 212 7.56 -27.14 -1.83
C PRO C 212 8.06 -26.98 -0.40
N GLY C 213 7.39 -27.69 0.51
CA GLY C 213 7.75 -27.70 1.92
C GLY C 213 6.60 -27.35 2.84
N TRP C 214 6.54 -28.02 3.98
CA TRP C 214 5.40 -27.81 4.88
C TRP C 214 5.40 -26.42 5.47
N SER C 215 6.56 -25.83 5.68
CA SER C 215 6.62 -24.44 6.12
C SER C 215 5.99 -23.49 5.11
N ASN C 216 5.98 -23.87 3.83
CA ASN C 216 5.33 -23.07 2.81
C ASN C 216 3.86 -23.39 2.66
N ALA C 217 3.46 -24.64 2.91
CA ALA C 217 2.05 -24.98 2.88
C ALA C 217 1.26 -24.19 3.94
N ASP C 218 1.81 -24.08 5.15
CA ASP C 218 1.14 -23.29 6.18
C ASP C 218 0.99 -21.83 5.76
N LYS C 219 2.06 -21.26 5.22
CA LYS C 219 2.04 -19.87 4.81
C LYS C 219 1.03 -19.62 3.69
N LEU C 220 0.83 -20.60 2.81
CA LEU C 220 -0.15 -20.44 1.76
C LEU C 220 -1.57 -20.53 2.29
N LEU C 221 -1.84 -21.50 3.16
CA LEU C 221 -3.20 -21.68 3.66
C LEU C 221 -3.69 -20.48 4.44
N ASN C 222 -2.84 -19.92 5.30
CA ASN C 222 -3.26 -18.79 6.12
C ASN C 222 -3.70 -17.63 5.25
N GLU C 223 -2.91 -17.31 4.23
CA GLU C 223 -3.23 -16.20 3.35
C GLU C 223 -4.51 -16.46 2.56
N PHE C 224 -4.68 -17.68 2.03
CA PHE C 224 -5.93 -17.97 1.33
C PHE C 224 -7.13 -17.75 2.22
N ILE C 225 -7.13 -18.38 3.41
CA ILE C 225 -8.29 -18.27 4.28
C ILE C 225 -8.56 -16.84 4.67
N GLU C 226 -7.53 -16.05 4.97
CA GLU C 226 -7.77 -14.70 5.45
C GLU C 226 -8.22 -13.72 4.38
N LYS C 227 -7.91 -13.94 3.09
CA LYS C 227 -8.18 -12.90 2.12
C LYS C 227 -8.88 -13.32 0.84
N GLN C 228 -9.09 -14.60 0.56
CA GLN C 228 -9.65 -15.00 -0.72
C GLN C 228 -10.89 -15.85 -0.64
N LEU C 229 -11.21 -16.42 0.52
CA LEU C 229 -12.33 -17.35 0.61
C LEU C 229 -13.64 -16.66 0.26
N ILE C 230 -13.80 -15.41 0.68
CA ILE C 230 -15.08 -14.73 0.59
C ILE C 230 -15.55 -14.54 -0.84
N ASP C 231 -14.65 -14.63 -1.81
CA ASP C 231 -15.00 -14.47 -3.22
C ASP C 231 -14.98 -15.79 -3.99
N TYR C 232 -14.91 -16.92 -3.28
CA TYR C 232 -14.80 -18.21 -3.94
C TYR C 232 -16.02 -18.51 -4.79
N ALA C 233 -17.21 -18.17 -4.29
CA ALA C 233 -18.44 -18.49 -5.01
C ALA C 233 -18.52 -17.77 -6.34
N LYS C 234 -17.78 -16.69 -6.50
CA LYS C 234 -17.81 -15.97 -7.77
C LYS C 234 -16.63 -16.32 -8.66
N ASN C 235 -15.41 -16.28 -8.13
CA ASN C 235 -14.25 -16.57 -8.94
C ASN C 235 -14.17 -18.03 -9.35
N SER C 236 -14.93 -18.91 -8.70
CA SER C 236 -14.78 -20.34 -8.91
C SER C 236 -15.39 -20.83 -10.21
N LYS C 237 -15.74 -19.94 -11.13
CA LYS C 237 -16.20 -20.37 -12.44
C LYS C 237 -15.43 -19.73 -13.58
N LYS C 238 -14.40 -18.94 -13.28
CA LYS C 238 -13.59 -18.29 -14.28
C LYS C 238 -12.19 -18.88 -14.29
N VAL C 239 -11.72 -19.25 -15.47
CA VAL C 239 -10.51 -20.06 -15.59
C VAL C 239 -9.26 -19.23 -15.75
N VAL C 240 -9.36 -17.90 -15.68
CA VAL C 240 -8.21 -17.06 -15.97
C VAL C 240 -7.67 -16.48 -14.67
N GLY C 241 -6.35 -16.29 -14.65
CA GLY C 241 -5.71 -15.74 -13.46
C GLY C 241 -5.40 -16.82 -12.47
N ASN C 242 -5.71 -16.55 -11.20
CA ASN C 242 -5.66 -17.59 -10.16
C ASN C 242 -6.85 -17.35 -9.24
N SER C 243 -7.84 -18.23 -9.33
CA SER C 243 -9.08 -18.06 -8.60
C SER C 243 -9.26 -19.05 -7.46
N THR C 244 -8.87 -20.30 -7.64
CA THR C 244 -9.07 -21.33 -6.64
C THR C 244 -7.95 -21.23 -5.59
N SER C 245 -7.80 -22.25 -4.76
CA SER C 245 -6.91 -22.16 -3.60
C SER C 245 -5.50 -22.70 -3.86
N LEU C 246 -5.35 -23.65 -4.78
CA LEU C 246 -4.05 -24.23 -5.14
C LEU C 246 -3.40 -24.97 -3.97
N LEU C 247 -4.12 -25.98 -3.43
CA LEU C 247 -3.60 -26.78 -2.33
C LEU C 247 -3.42 -28.25 -2.66
N SER C 248 -3.73 -28.68 -3.88
CA SER C 248 -3.72 -30.11 -4.17
C SER C 248 -2.36 -30.76 -4.06
N PRO C 249 -1.27 -30.21 -4.61
CA PRO C 249 0.03 -30.86 -4.42
C PRO C 249 0.46 -30.89 -2.96
N TYR C 250 0.06 -29.91 -2.16
CA TYR C 250 0.41 -29.96 -0.75
C TYR C 250 -0.40 -31.00 0.00
N LEU C 251 -1.65 -31.20 -0.38
CA LEU C 251 -2.46 -32.23 0.28
C LEU C 251 -2.08 -33.63 -0.14
N HIS C 252 -1.55 -33.81 -1.34
CA HIS C 252 -1.21 -35.16 -1.78
C HIS C 252 -0.06 -35.74 -0.99
N PHE C 253 0.91 -34.92 -0.60
CA PHE C 253 2.06 -35.37 0.17
C PHE C 253 1.87 -35.20 1.67
N GLY C 254 0.70 -34.78 2.11
CA GLY C 254 0.44 -34.70 3.52
C GLY C 254 1.22 -33.65 4.26
N GLU C 255 1.62 -32.58 3.60
CA GLU C 255 2.32 -31.51 4.28
C GLU C 255 1.40 -30.56 5.02
N ILE C 256 0.08 -30.71 4.86
CA ILE C 256 -0.91 -29.93 5.60
C ILE C 256 -1.99 -30.89 6.05
N SER C 257 -2.72 -30.53 7.10
CA SER C 257 -3.71 -31.40 7.70
C SER C 257 -5.12 -31.06 7.23
N VAL C 258 -5.80 -32.05 6.64
CA VAL C 258 -7.14 -31.81 6.13
C VAL C 258 -8.08 -31.42 7.25
N ARG C 259 -7.87 -31.95 8.46
CA ARG C 259 -8.66 -31.51 9.60
C ARG C 259 -8.40 -30.05 9.92
N HIS C 260 -7.17 -29.59 9.76
CA HIS C 260 -6.86 -28.18 9.96
C HIS C 260 -7.61 -27.30 8.96
N VAL C 261 -7.59 -27.69 7.69
CA VAL C 261 -8.31 -26.93 6.67
C VAL C 261 -9.80 -26.88 6.99
N PHE C 262 -10.35 -28.03 7.37
CA PHE C 262 -11.78 -28.13 7.67
C PHE C 262 -12.16 -27.21 8.82
N GLN C 263 -11.36 -27.20 9.89
CA GLN C 263 -11.69 -26.35 11.02
C GLN C 263 -11.66 -24.88 10.64
N CYS C 264 -10.65 -24.46 9.88
CA CYS C 264 -10.56 -23.05 9.52
C CYS C 264 -11.78 -22.61 8.71
N ALA C 265 -12.15 -23.41 7.71
CA ALA C 265 -13.30 -23.04 6.89
C ALA C 265 -14.58 -23.01 7.71
N ARG C 266 -14.78 -24.00 8.58
CA ARG C 266 -16.00 -24.02 9.38
C ARG C 266 -16.09 -22.82 10.30
N MET C 267 -14.99 -22.41 10.92
CA MET C 267 -15.04 -21.25 11.80
C MET C 267 -15.41 -19.99 11.04
N LYS C 268 -14.84 -19.80 9.85
CA LYS C 268 -15.24 -18.64 9.05
C LYS C 268 -16.73 -18.70 8.74
N GLN C 269 -17.24 -19.88 8.39
CA GLN C 269 -18.66 -20.00 8.05
C GLN C 269 -19.55 -19.64 9.22
N ILE C 270 -19.17 -20.05 10.43
CA ILE C 270 -19.99 -19.74 11.60
C ILE C 270 -20.13 -18.24 11.78
N ILE C 271 -19.01 -17.52 11.69
CA ILE C 271 -19.08 -16.06 11.87
C ILE C 271 -19.94 -15.43 10.79
N TRP C 272 -19.73 -15.82 9.53
CA TRP C 272 -20.49 -15.21 8.44
C TRP C 272 -21.98 -15.49 8.59
N ALA C 273 -22.34 -16.72 8.95
CA ALA C 273 -23.74 -17.04 9.13
C ALA C 273 -24.35 -16.27 10.31
N ARG C 274 -23.56 -15.98 11.34
CA ARG C 274 -24.09 -15.19 12.44
C ARG C 274 -24.43 -13.77 11.98
N ASP C 275 -23.56 -13.15 11.20
CA ASP C 275 -23.77 -11.74 10.85
C ASP C 275 -24.52 -11.55 9.54
N LYS C 276 -25.20 -12.58 9.05
CA LYS C 276 -26.09 -12.48 7.89
C LYS C 276 -25.36 -12.04 6.63
N ASN C 277 -24.39 -12.84 6.20
CA ASN C 277 -23.63 -12.59 4.98
C ASN C 277 -23.90 -13.75 4.03
N SER C 278 -24.89 -13.57 3.15
CA SER C 278 -25.31 -14.65 2.28
C SER C 278 -24.19 -15.10 1.34
N GLU C 279 -23.46 -14.14 0.76
CA GLU C 279 -22.34 -14.49 -0.10
C GLU C 279 -21.28 -15.28 0.66
N GLY C 280 -21.00 -14.87 1.89
CA GLY C 280 -20.06 -15.64 2.70
C GLY C 280 -20.51 -17.07 2.90
N GLU C 281 -21.79 -17.25 3.22
CA GLU C 281 -22.30 -18.60 3.41
C GLU C 281 -22.16 -19.44 2.14
N GLU C 282 -22.50 -18.85 1.00
CA GLU C 282 -22.41 -19.60 -0.25
C GLU C 282 -20.97 -20.02 -0.53
N SER C 283 -20.02 -19.10 -0.34
CA SER C 283 -18.63 -19.41 -0.59
C SER C 283 -18.14 -20.53 0.31
N ALA C 284 -18.43 -20.43 1.61
CA ALA C 284 -17.95 -21.44 2.55
C ALA C 284 -18.56 -22.81 2.25
N ASP C 285 -19.85 -22.85 1.93
CA ASP C 285 -20.49 -24.13 1.61
C ASP C 285 -19.87 -24.76 0.37
N LEU C 286 -19.60 -23.95 -0.66
CA LEU C 286 -18.98 -24.49 -1.86
C LEU C 286 -17.60 -25.07 -1.56
N PHE C 287 -16.80 -24.36 -0.77
CA PHE C 287 -15.46 -24.85 -0.45
C PHE C 287 -15.53 -26.16 0.33
N LEU C 288 -16.44 -26.26 1.30
CA LEU C 288 -16.50 -27.49 2.08
C LEU C 288 -17.05 -28.66 1.26
N ARG C 289 -17.95 -28.40 0.31
CA ARG C 289 -18.37 -29.47 -0.59
C ARG C 289 -17.19 -29.97 -1.42
N GLY C 290 -16.37 -29.05 -1.90
CA GLY C 290 -15.15 -29.46 -2.57
C GLY C 290 -14.27 -30.32 -1.70
N ILE C 291 -14.12 -29.95 -0.43
CA ILE C 291 -13.30 -30.75 0.48
C ILE C 291 -13.88 -32.15 0.64
N GLY C 292 -15.20 -32.24 0.78
CA GLY C 292 -15.82 -33.54 1.00
C GLY C 292 -15.77 -34.48 -0.19
N LEU C 293 -15.62 -33.93 -1.41
CA LEU C 293 -15.50 -34.82 -2.56
C LEU C 293 -14.28 -35.74 -2.47
N ARG C 294 -13.21 -35.30 -1.81
CA ARG C 294 -12.04 -36.16 -1.64
C ARG C 294 -12.34 -37.35 -0.74
N GLU C 295 -12.97 -37.09 0.40
CA GLU C 295 -13.47 -38.15 1.26
C GLU C 295 -14.30 -39.14 0.48
N TYR C 296 -15.25 -38.64 -0.31
CA TYR C 296 -16.09 -39.53 -1.08
C TYR C 296 -15.29 -40.39 -2.04
N SER C 297 -14.26 -39.79 -2.67
CA SER C 297 -13.43 -40.56 -3.60
C SER C 297 -12.75 -41.72 -2.92
N ARG C 298 -12.13 -41.48 -1.76
CA ARG C 298 -11.49 -42.57 -1.04
C ARG C 298 -12.50 -43.61 -0.58
N TYR C 299 -13.69 -43.15 -0.17
CA TYR C 299 -14.74 -44.04 0.30
C TYR C 299 -15.14 -45.02 -0.79
N ILE C 300 -15.43 -44.52 -2.00
CA ILE C 300 -15.88 -45.43 -3.05
C ILE C 300 -14.76 -46.36 -3.47
N CYS C 301 -13.52 -45.88 -3.47
CA CYS C 301 -12.42 -46.77 -3.84
C CYS C 301 -12.26 -47.89 -2.82
N PHE C 302 -12.44 -47.59 -1.53
CA PHE C 302 -12.33 -48.64 -0.52
C PHE C 302 -13.48 -49.63 -0.61
N ASN C 303 -14.71 -49.15 -0.82
CA ASN C 303 -15.87 -50.03 -0.70
C ASN C 303 -16.13 -50.80 -1.99
N PHE C 304 -15.74 -50.27 -3.14
CA PHE C 304 -16.01 -50.96 -4.39
C PHE C 304 -14.74 -51.10 -5.22
N PRO C 305 -13.87 -52.07 -4.92
CA PRO C 305 -12.62 -52.29 -5.64
C PRO C 305 -12.80 -52.47 -7.14
N PRO C 320 -13.62 -50.11 -29.48
CA PRO C 320 -13.50 -49.70 -30.89
C PRO C 320 -12.82 -48.34 -31.06
N TRP C 321 -11.70 -48.15 -30.35
CA TRP C 321 -10.90 -46.94 -30.48
C TRP C 321 -10.14 -46.96 -31.81
N ASP C 322 -9.67 -45.78 -32.20
CA ASP C 322 -8.73 -45.64 -33.30
C ASP C 322 -7.32 -45.55 -32.73
N ALA C 323 -6.50 -46.57 -32.98
CA ALA C 323 -5.13 -46.59 -32.50
C ALA C 323 -4.26 -45.67 -33.36
N ASP C 324 -4.51 -44.37 -33.24
CA ASP C 324 -3.84 -43.37 -34.05
C ASP C 324 -2.82 -42.62 -33.20
N VAL C 325 -1.58 -42.59 -33.66
CA VAL C 325 -0.49 -42.04 -32.85
C VAL C 325 -0.35 -40.55 -33.04
N ASP C 326 -0.46 -40.08 -34.28
CA ASP C 326 -0.28 -38.65 -34.56
C ASP C 326 -1.43 -37.83 -33.99
N LYS C 327 -2.63 -38.38 -33.94
CA LYS C 327 -3.73 -37.69 -33.30
C LYS C 327 -3.43 -37.44 -31.83
N PHE C 328 -2.90 -38.46 -31.15
CA PHE C 328 -2.52 -38.32 -29.75
C PHE C 328 -1.41 -37.28 -29.59
N LYS C 329 -0.43 -37.29 -30.50
CA LYS C 329 0.66 -36.33 -30.40
C LYS C 329 0.16 -34.90 -30.57
N ALA C 330 -0.72 -34.68 -31.55
CA ALA C 330 -1.29 -33.35 -31.74
C ALA C 330 -2.09 -32.92 -30.53
N TRP C 331 -2.87 -33.84 -29.96
CA TRP C 331 -3.59 -33.54 -28.73
C TRP C 331 -2.63 -33.05 -27.66
N ARG C 332 -1.54 -33.77 -27.44
CA ARG C 332 -0.69 -33.43 -26.30
C ARG C 332 0.19 -32.21 -26.56
N GLN C 333 0.45 -31.86 -27.82
CA GLN C 333 1.23 -30.66 -28.08
C GLN C 333 0.37 -29.41 -28.24
N GLY C 334 -0.90 -29.54 -28.58
CA GLY C 334 -1.79 -28.39 -28.63
C GLY C 334 -2.01 -27.81 -30.01
N ARG C 335 -2.28 -28.68 -30.98
CA ARG C 335 -2.47 -28.29 -32.37
C ARG C 335 -3.79 -28.82 -32.91
N THR C 336 -4.80 -28.90 -32.04
CA THR C 336 -6.11 -29.40 -32.44
C THR C 336 -6.88 -28.40 -33.26
N GLY C 337 -6.84 -27.12 -32.88
CA GLY C 337 -7.65 -26.08 -33.50
C GLY C 337 -8.66 -25.43 -32.58
N TYR C 338 -8.99 -26.04 -31.45
CA TYR C 338 -9.99 -25.50 -30.54
C TYR C 338 -9.30 -24.68 -29.45
N PRO C 339 -9.62 -23.40 -29.34
CA PRO C 339 -8.83 -22.52 -28.47
C PRO C 339 -8.74 -22.95 -27.02
N LEU C 340 -9.82 -23.45 -26.43
CA LEU C 340 -9.77 -23.79 -25.02
C LEU C 340 -8.88 -25.01 -24.79
N VAL C 341 -8.97 -26.01 -25.67
CA VAL C 341 -8.09 -27.16 -25.60
C VAL C 341 -6.64 -26.75 -25.77
N ASP C 342 -6.37 -25.89 -26.74
CA ASP C 342 -4.99 -25.47 -27.00
C ASP C 342 -4.40 -24.74 -25.80
N ALA C 343 -5.14 -23.79 -25.23
CA ALA C 343 -4.60 -23.06 -24.08
C ALA C 343 -4.46 -23.96 -22.86
N GLY C 344 -5.36 -24.93 -22.69
CA GLY C 344 -5.22 -25.83 -21.56
C GLY C 344 -3.98 -26.68 -21.63
N MET C 345 -3.70 -27.27 -22.79
CA MET C 345 -2.50 -28.06 -22.92
C MET C 345 -1.25 -27.21 -22.83
N ARG C 346 -1.31 -25.99 -23.37
CA ARG C 346 -0.18 -25.08 -23.32
C ARG C 346 0.18 -24.69 -21.89
N GLU C 347 -0.81 -24.44 -21.04
CA GLU C 347 -0.51 -24.13 -19.64
C GLU C 347 -0.10 -25.36 -18.87
N LEU C 348 -0.67 -26.52 -19.19
CA LEU C 348 -0.29 -27.75 -18.48
C LEU C 348 1.19 -28.03 -18.65
N TRP C 349 1.68 -28.05 -19.89
CA TRP C 349 3.09 -28.42 -20.06
C TRP C 349 4.04 -27.42 -19.43
N ALA C 350 3.62 -26.18 -19.20
CA ALA C 350 4.52 -25.14 -18.73
C ALA C 350 4.46 -24.89 -17.24
N THR C 351 3.37 -25.23 -16.57
CA THR C 351 3.31 -25.02 -15.12
C THR C 351 2.87 -26.23 -14.32
N GLY C 352 2.53 -27.35 -14.96
CA GLY C 352 2.10 -28.53 -14.23
C GLY C 352 0.80 -28.37 -13.48
N TRP C 353 -0.21 -27.77 -14.10
CA TRP C 353 -1.47 -27.47 -13.42
C TRP C 353 -2.49 -27.02 -14.45
N MET C 354 -3.77 -27.10 -14.11
CA MET C 354 -4.86 -26.60 -14.94
C MET C 354 -6.15 -26.61 -14.15
N HIS C 355 -7.07 -25.71 -14.50
CA HIS C 355 -8.32 -25.51 -13.77
C HIS C 355 -9.26 -26.71 -13.96
N ASN C 356 -10.24 -26.82 -13.06
N ASN C 356 -10.24 -26.82 -13.06
CA ASN C 356 -11.15 -27.96 -13.09
CA ASN C 356 -11.15 -27.97 -13.07
C ASN C 356 -11.99 -28.00 -14.35
C ASN C 356 -12.00 -27.99 -14.34
N ARG C 357 -12.48 -26.84 -14.79
CA ARG C 357 -13.24 -26.80 -16.02
C ARG C 357 -12.38 -27.21 -17.20
N ILE C 358 -11.11 -26.82 -17.20
CA ILE C 358 -10.22 -27.22 -18.28
C ILE C 358 -9.95 -28.71 -18.24
N ARG C 359 -9.84 -29.29 -17.04
CA ARG C 359 -9.69 -30.74 -16.95
C ARG C 359 -10.89 -31.44 -17.55
N VAL C 360 -12.10 -30.99 -17.18
CA VAL C 360 -13.31 -31.57 -17.76
C VAL C 360 -13.28 -31.44 -19.28
N ILE C 361 -12.97 -30.25 -19.78
CA ILE C 361 -13.06 -29.97 -21.21
C ILE C 361 -12.07 -30.84 -22.00
N VAL C 362 -10.81 -30.85 -21.58
CA VAL C 362 -9.80 -31.58 -22.33
C VAL C 362 -10.05 -33.07 -22.27
N SER C 363 -10.39 -33.60 -21.09
CA SER C 363 -10.64 -35.04 -21.01
C SER C 363 -11.82 -35.44 -21.89
N SER C 364 -12.92 -34.69 -21.79
CA SER C 364 -14.09 -35.02 -22.60
C SER C 364 -13.76 -34.92 -24.08
N PHE C 365 -12.97 -33.92 -24.48
CA PHE C 365 -12.56 -33.83 -25.88
C PHE C 365 -11.79 -35.07 -26.30
N GLY C 366 -10.84 -35.49 -25.48
CA GLY C 366 -9.98 -36.60 -25.85
C GLY C 366 -10.74 -37.89 -26.08
N VAL C 367 -11.80 -38.12 -25.30
CA VAL C 367 -12.56 -39.36 -25.43
C VAL C 367 -13.65 -39.24 -26.51
N LYS C 368 -14.43 -38.16 -26.49
CA LYS C 368 -15.62 -38.10 -27.31
C LYS C 368 -15.38 -37.52 -28.69
N PHE C 369 -14.21 -36.95 -28.96
CA PHE C 369 -13.95 -36.34 -30.26
C PHE C 369 -13.02 -37.17 -31.12
N LEU C 370 -11.83 -37.48 -30.61
CA LEU C 370 -10.85 -38.25 -31.35
C LEU C 370 -10.90 -39.74 -31.08
N LEU C 371 -11.80 -40.17 -30.18
CA LEU C 371 -12.00 -41.58 -29.87
C LEU C 371 -10.69 -42.27 -29.51
N LEU C 372 -10.05 -41.77 -28.46
CA LEU C 372 -8.75 -42.27 -28.02
C LEU C 372 -8.93 -43.31 -26.91
N PRO C 373 -8.01 -44.26 -26.79
CA PRO C 373 -8.02 -45.15 -25.61
C PRO C 373 -7.72 -44.35 -24.35
N TRP C 374 -8.67 -44.39 -23.41
CA TRP C 374 -8.59 -43.52 -22.23
C TRP C 374 -7.36 -43.80 -21.38
N LYS C 375 -6.73 -44.97 -21.54
CA LYS C 375 -5.54 -45.27 -20.77
C LYS C 375 -4.43 -44.28 -21.09
N TRP C 376 -4.29 -43.88 -22.35
CA TRP C 376 -3.25 -42.93 -22.72
C TRP C 376 -3.45 -41.59 -22.02
N GLY C 377 -4.69 -41.10 -22.01
CA GLY C 377 -4.97 -39.86 -21.32
C GLY C 377 -4.67 -39.94 -19.85
N MET C 378 -5.07 -41.05 -19.22
CA MET C 378 -4.77 -41.24 -17.82
C MET C 378 -3.26 -41.23 -17.56
N LYS C 379 -2.50 -41.89 -18.43
CA LYS C 379 -1.06 -41.98 -18.20
C LYS C 379 -0.35 -40.65 -18.43
N TYR C 380 -0.74 -39.89 -19.46
CA TYR C 380 -0.12 -38.59 -19.66
C TYR C 380 -0.42 -37.64 -18.51
N PHE C 381 -1.66 -37.65 -18.02
CA PHE C 381 -1.96 -36.88 -16.83
C PHE C 381 -1.12 -37.35 -15.65
N TRP C 382 -0.90 -38.66 -15.55
CA TRP C 382 -0.09 -39.21 -14.47
C TRP C 382 1.33 -38.66 -14.48
N ASP C 383 1.93 -38.56 -15.65
CA ASP C 383 3.31 -38.11 -15.75
C ASP C 383 3.47 -36.59 -15.67
N THR C 384 2.48 -35.81 -16.11
CA THR C 384 2.66 -34.36 -16.13
C THR C 384 2.11 -33.64 -14.90
N LEU C 385 0.97 -34.06 -14.39
CA LEU C 385 0.33 -33.34 -13.29
C LEU C 385 1.21 -33.34 -12.05
N LEU C 386 1.35 -32.17 -11.42
CA LEU C 386 2.18 -32.06 -10.23
C LEU C 386 1.56 -32.72 -9.02
N ASP C 387 0.31 -33.16 -9.09
CA ASP C 387 -0.39 -33.71 -7.93
C ASP C 387 -1.09 -35.01 -8.26
N ALA C 388 -0.45 -35.87 -9.05
CA ALA C 388 -1.10 -37.07 -9.55
C ALA C 388 -1.52 -37.97 -8.40
N ASP C 389 -2.82 -38.13 -8.22
CA ASP C 389 -3.38 -38.87 -7.10
C ASP C 389 -4.38 -39.90 -7.64
N LEU C 390 -4.24 -41.14 -7.17
CA LEU C 390 -4.93 -42.26 -7.80
C LEU C 390 -6.45 -42.16 -7.65
N GLU C 391 -6.93 -41.94 -6.43
CA GLU C 391 -8.36 -41.94 -6.19
C GLU C 391 -9.05 -40.78 -6.89
N CYS C 392 -8.51 -39.58 -6.74
CA CYS C 392 -9.11 -38.41 -7.39
C CYS C 392 -9.08 -38.56 -8.90
N ASP C 393 -7.97 -39.06 -9.44
CA ASP C 393 -7.90 -39.29 -10.88
C ASP C 393 -8.99 -40.22 -11.36
N ILE C 394 -9.15 -41.37 -10.68
CA ILE C 394 -10.15 -42.34 -11.10
C ILE C 394 -11.56 -41.78 -10.98
N LEU C 395 -11.84 -41.09 -9.88
CA LEU C 395 -13.17 -40.51 -9.70
C LEU C 395 -13.50 -39.52 -10.81
N GLY C 396 -12.56 -38.63 -11.13
CA GLY C 396 -12.81 -37.65 -12.17
C GLY C 396 -13.03 -38.28 -13.53
N TRP C 397 -12.22 -39.28 -13.87
CA TRP C 397 -12.40 -39.92 -15.17
C TRP C 397 -13.72 -40.68 -15.26
N GLN C 398 -14.13 -41.34 -14.18
CA GLN C 398 -15.45 -41.98 -14.18
C GLN C 398 -16.55 -40.95 -14.40
N TYR C 399 -16.48 -39.83 -13.68
CA TYR C 399 -17.50 -38.79 -13.83
C TYR C 399 -17.61 -38.32 -15.26
N ILE C 400 -16.49 -37.94 -15.87
CA ILE C 400 -16.58 -37.39 -17.23
C ILE C 400 -16.98 -38.47 -18.23
N SER C 401 -16.57 -39.72 -17.99
CA SER C 401 -16.86 -40.78 -18.95
C SER C 401 -18.27 -41.33 -18.83
N GLY C 402 -19.02 -40.92 -17.80
CA GLY C 402 -20.42 -41.26 -17.74
C GLY C 402 -20.73 -42.63 -17.16
N SER C 403 -19.77 -43.23 -16.44
CA SER C 403 -20.03 -44.48 -15.74
C SER C 403 -20.70 -44.24 -14.39
N ILE C 404 -20.98 -42.99 -14.05
CA ILE C 404 -21.70 -42.66 -12.83
C ILE C 404 -23.00 -41.96 -13.21
N PRO C 405 -24.15 -42.38 -12.68
CA PRO C 405 -25.41 -41.71 -13.04
C PRO C 405 -25.42 -40.23 -12.74
N ASP C 406 -24.69 -39.79 -11.71
CA ASP C 406 -24.50 -38.38 -11.41
C ASP C 406 -23.41 -37.77 -12.28
N GLY C 407 -23.77 -37.15 -13.39
CA GLY C 407 -22.79 -36.57 -14.28
C GLY C 407 -23.41 -36.21 -15.61
N HIS C 408 -22.54 -36.11 -16.62
CA HIS C 408 -22.98 -35.84 -17.98
C HIS C 408 -22.80 -37.10 -18.82
N GLU C 409 -23.90 -37.58 -19.39
CA GLU C 409 -23.90 -38.84 -20.13
C GLU C 409 -23.10 -38.70 -21.43
N LEU C 410 -22.55 -39.82 -21.89
CA LEU C 410 -21.63 -39.81 -23.03
C LEU C 410 -22.27 -39.23 -24.29
N ASP C 411 -23.60 -39.26 -24.36
CA ASP C 411 -24.30 -38.92 -25.60
C ASP C 411 -24.07 -37.46 -26.02
N ARG C 412 -24.09 -36.52 -25.08
CA ARG C 412 -24.17 -35.11 -25.41
C ARG C 412 -22.81 -34.44 -25.44
N LEU C 413 -22.53 -33.71 -26.52
CA LEU C 413 -21.34 -32.89 -26.68
C LEU C 413 -21.71 -31.43 -26.54
N ASP C 414 -20.84 -30.64 -25.91
CA ASP C 414 -21.15 -29.26 -25.61
C ASP C 414 -20.65 -28.34 -26.72
N ASN C 415 -21.19 -27.12 -26.73
CA ASN C 415 -20.94 -26.16 -27.80
C ASN C 415 -19.87 -25.16 -27.36
N PRO C 416 -18.79 -25.02 -28.12
CA PRO C 416 -17.71 -24.13 -27.70
C PRO C 416 -18.13 -22.70 -27.44
N ALA C 417 -19.06 -22.16 -28.23
CA ALA C 417 -19.52 -20.80 -28.02
C ALA C 417 -20.15 -20.64 -26.64
N LEU C 418 -21.00 -21.60 -26.25
CA LEU C 418 -21.64 -21.54 -24.94
C LEU C 418 -20.64 -21.75 -23.82
N GLN C 419 -19.72 -22.69 -24.00
CA GLN C 419 -18.65 -22.90 -23.01
C GLN C 419 -17.89 -21.60 -22.76
N GLY C 420 -17.46 -20.94 -23.83
CA GLY C 420 -16.73 -19.70 -23.72
C GLY C 420 -17.56 -18.61 -23.09
N ALA C 421 -18.79 -18.41 -23.54
CA ALA C 421 -19.61 -17.38 -22.94
C ALA C 421 -19.80 -17.61 -21.45
N LYS C 422 -19.86 -18.87 -21.03
CA LYS C 422 -20.10 -19.17 -19.63
C LYS C 422 -18.85 -18.95 -18.78
N TYR C 423 -17.68 -19.40 -19.26
CA TYR C 423 -16.49 -19.44 -18.41
C TYR C 423 -15.44 -18.38 -18.73
N ASP C 424 -15.33 -17.96 -19.99
CA ASP C 424 -14.29 -17.04 -20.44
C ASP C 424 -14.95 -15.88 -21.16
N PRO C 425 -15.66 -15.02 -20.44
CA PRO C 425 -16.55 -14.05 -21.09
C PRO C 425 -15.85 -12.98 -21.91
N GLU C 426 -14.54 -12.77 -21.74
CA GLU C 426 -13.84 -11.69 -22.41
C GLU C 426 -12.65 -12.12 -23.25
N GLY C 427 -12.32 -13.41 -23.30
CA GLY C 427 -11.25 -13.86 -24.16
C GLY C 427 -9.86 -13.70 -23.60
N GLU C 428 -9.70 -13.30 -22.34
CA GLU C 428 -8.37 -13.08 -21.78
C GLU C 428 -7.55 -14.38 -21.72
N TYR C 429 -8.18 -15.44 -21.26
CA TYR C 429 -7.49 -16.72 -21.15
C TYR C 429 -6.99 -17.14 -22.53
N ILE C 430 -7.77 -16.87 -23.57
CA ILE C 430 -7.34 -17.23 -24.92
C ILE C 430 -6.18 -16.36 -25.36
N ARG C 431 -6.32 -15.04 -25.20
CA ARG C 431 -5.31 -14.15 -25.75
C ARG C 431 -3.99 -14.18 -24.99
N GLN C 432 -3.98 -14.69 -23.76
CA GLN C 432 -2.71 -14.77 -23.04
C GLN C 432 -1.88 -15.98 -23.45
N TRP C 433 -2.48 -17.16 -23.55
CA TRP C 433 -1.73 -18.35 -23.90
C TRP C 433 -1.64 -18.59 -25.40
N LEU C 434 -2.44 -17.89 -26.22
CA LEU C 434 -2.36 -17.97 -27.68
C LEU C 434 -2.25 -16.56 -28.27
N PRO C 435 -1.08 -15.93 -28.15
CA PRO C 435 -0.98 -14.50 -28.54
C PRO C 435 -1.27 -14.23 -30.00
N GLU C 436 -1.02 -15.16 -30.91
CA GLU C 436 -1.28 -14.92 -32.32
C GLU C 436 -2.75 -14.75 -32.64
N LEU C 437 -3.61 -14.76 -31.62
CA LEU C 437 -5.03 -14.46 -31.75
C LEU C 437 -5.41 -13.30 -30.85
N ALA C 438 -4.60 -12.25 -30.81
CA ALA C 438 -4.84 -11.16 -29.89
C ALA C 438 -5.68 -10.04 -30.47
N ARG C 439 -6.08 -10.12 -31.75
CA ARG C 439 -6.93 -9.11 -32.35
C ARG C 439 -8.10 -9.70 -33.12
N LEU C 440 -8.69 -10.78 -32.61
CA LEU C 440 -9.99 -11.30 -33.00
C LEU C 440 -11.05 -10.76 -32.04
N PRO C 441 -12.20 -10.31 -32.54
CA PRO C 441 -13.22 -9.76 -31.65
C PRO C 441 -13.74 -10.79 -30.68
N THR C 442 -14.21 -10.30 -29.52
CA THR C 442 -14.68 -11.20 -28.47
C THR C 442 -15.88 -12.02 -28.90
N GLU C 443 -16.54 -11.65 -29.99
CA GLU C 443 -17.70 -12.41 -30.43
C GLU C 443 -17.30 -13.73 -31.08
N TRP C 444 -16.24 -13.75 -31.89
CA TRP C 444 -15.88 -14.92 -32.67
C TRP C 444 -14.62 -15.61 -32.17
N ILE C 445 -14.10 -15.24 -31.00
CA ILE C 445 -12.79 -15.73 -30.61
C ILE C 445 -12.79 -17.21 -30.24
N HIS C 446 -13.96 -17.80 -30.01
CA HIS C 446 -13.99 -19.18 -29.55
C HIS C 446 -14.35 -20.18 -30.63
N HIS C 447 -14.95 -19.76 -31.75
CA HIS C 447 -15.31 -20.66 -32.84
C HIS C 447 -14.93 -20.03 -34.18
N PRO C 448 -13.64 -19.90 -34.46
CA PRO C 448 -13.21 -19.10 -35.61
C PRO C 448 -13.75 -19.59 -36.93
N TRP C 449 -13.96 -20.88 -37.11
CA TRP C 449 -14.45 -21.39 -38.38
C TRP C 449 -15.82 -20.83 -38.73
N ASP C 450 -16.40 -20.01 -37.86
CA ASP C 450 -17.66 -19.35 -38.16
C ASP C 450 -17.48 -17.97 -38.75
N ALA C 451 -16.49 -17.22 -38.28
CA ALA C 451 -16.37 -15.83 -38.65
C ALA C 451 -16.05 -15.70 -40.14
N PRO C 452 -16.64 -14.72 -40.83
CA PRO C 452 -16.41 -14.60 -42.28
C PRO C 452 -15.01 -14.15 -42.62
N LEU C 453 -14.63 -14.40 -43.87
CA LEU C 453 -13.28 -14.11 -44.32
C LEU C 453 -12.97 -12.62 -44.28
N THR C 454 -13.99 -11.76 -44.35
CA THR C 454 -13.75 -10.33 -44.17
C THR C 454 -13.18 -10.04 -42.80
N VAL C 455 -13.78 -10.60 -41.75
CA VAL C 455 -13.23 -10.41 -40.41
C VAL C 455 -11.91 -11.14 -40.24
N LEU C 456 -11.74 -12.32 -40.82
CA LEU C 456 -10.47 -13.01 -40.71
C LEU C 456 -9.36 -12.36 -41.52
N LYS C 457 -9.69 -11.39 -42.38
CA LYS C 457 -8.68 -10.58 -43.03
C LYS C 457 -8.40 -9.29 -42.27
N ALA C 458 -9.44 -8.66 -41.75
CA ALA C 458 -9.23 -7.47 -40.93
C ALA C 458 -8.40 -7.79 -39.71
N SER C 459 -8.64 -8.95 -39.10
CA SER C 459 -7.75 -9.45 -38.08
C SER C 459 -6.51 -10.01 -38.74
N GLY C 460 -5.48 -10.28 -37.94
CA GLY C 460 -4.31 -10.86 -38.57
C GLY C 460 -4.38 -12.35 -38.77
N VAL C 461 -5.41 -13.00 -38.24
CA VAL C 461 -5.46 -14.45 -38.17
C VAL C 461 -5.56 -15.03 -39.58
N GLU C 462 -4.90 -16.17 -39.79
CA GLU C 462 -4.91 -16.82 -41.09
C GLU C 462 -4.85 -18.33 -40.89
N LEU C 463 -5.99 -19.01 -40.98
CA LEU C 463 -6.06 -20.44 -40.72
C LEU C 463 -5.25 -21.20 -41.77
N GLY C 464 -4.56 -22.23 -41.32
CA GLY C 464 -3.69 -23.02 -42.17
C GLY C 464 -2.26 -22.54 -42.19
N THR C 465 -2.03 -21.24 -42.09
CA THR C 465 -0.68 -20.68 -42.20
C THR C 465 -0.06 -20.32 -40.86
N ASN C 466 -0.80 -19.68 -39.96
CA ASN C 466 -0.30 -19.46 -38.61
C ASN C 466 -1.30 -19.82 -37.53
N TYR C 467 -2.30 -20.64 -37.85
CA TYR C 467 -3.14 -21.29 -36.87
C TYR C 467 -3.91 -22.40 -37.58
N ALA C 468 -4.13 -23.51 -36.88
CA ALA C 468 -4.59 -24.73 -37.52
C ALA C 468 -6.10 -24.77 -37.69
N LYS C 469 -6.54 -25.23 -38.86
CA LYS C 469 -7.92 -25.54 -39.11
C LYS C 469 -8.33 -26.76 -38.29
N PRO C 470 -9.60 -26.84 -37.87
CA PRO C 470 -9.99 -27.88 -36.91
C PRO C 470 -9.62 -29.28 -37.38
N ILE C 471 -9.06 -30.07 -36.48
CA ILE C 471 -8.44 -31.34 -36.87
C ILE C 471 -9.48 -32.34 -37.33
N VAL C 472 -10.64 -32.36 -36.70
CA VAL C 472 -11.76 -33.19 -37.13
C VAL C 472 -13.02 -32.37 -37.01
N ASP C 473 -13.90 -32.49 -38.00
N ASP C 473 -13.90 -32.48 -38.00
CA ASP C 473 -15.14 -31.72 -37.96
CA ASP C 473 -15.14 -31.72 -37.96
C ASP C 473 -16.04 -32.20 -36.83
C ASP C 473 -16.02 -32.20 -36.80
N ILE C 474 -16.71 -31.24 -36.17
CA ILE C 474 -17.53 -31.55 -35.01
C ILE C 474 -18.71 -32.44 -35.39
N ASP C 475 -19.34 -32.17 -36.54
CA ASP C 475 -20.56 -32.88 -36.92
C ASP C 475 -20.30 -34.36 -37.18
N THR C 476 -19.22 -34.68 -37.91
CA THR C 476 -18.93 -36.07 -38.23
C THR C 476 -18.60 -36.88 -36.98
N ALA C 477 -17.82 -36.30 -36.07
CA ALA C 477 -17.53 -36.99 -34.81
C ALA C 477 -18.81 -37.21 -34.01
N ARG C 478 -19.71 -36.23 -34.02
CA ARG C 478 -20.98 -36.42 -33.32
C ARG C 478 -21.77 -37.57 -33.94
N GLU C 479 -21.75 -37.69 -35.27
CA GLU C 479 -22.44 -38.79 -35.92
C GLU C 479 -21.83 -40.14 -35.56
N LEU C 480 -20.49 -40.23 -35.54
CA LEU C 480 -19.85 -41.49 -35.17
C LEU C 480 -20.16 -41.88 -33.73
N LEU C 481 -20.10 -40.92 -32.80
CA LEU C 481 -20.51 -41.21 -31.43
C LEU C 481 -21.99 -41.57 -31.36
N ALA C 482 -22.82 -40.99 -32.24
CA ALA C 482 -24.22 -41.36 -32.28
C ALA C 482 -24.40 -42.80 -32.72
N LYS C 483 -23.53 -43.28 -33.62
CA LYS C 483 -23.52 -44.69 -33.94
C LYS C 483 -23.27 -45.53 -32.69
N ALA C 484 -22.19 -45.20 -31.98
CA ALA C 484 -21.78 -46.03 -30.84
C ALA C 484 -22.76 -45.91 -29.68
N LYS D 5 -30.76 -37.88 28.29
CA LYS D 5 -29.52 -37.16 28.09
C LYS D 5 -29.75 -35.65 28.10
N LYS D 6 -29.83 -35.09 29.30
CA LYS D 6 -30.02 -33.65 29.47
C LYS D 6 -28.94 -33.11 30.38
N THR D 7 -28.23 -32.08 29.91
CA THR D 7 -27.08 -31.54 30.60
C THR D 7 -27.22 -30.04 30.76
N ILE D 8 -26.70 -29.54 31.89
CA ILE D 8 -26.67 -28.12 32.17
C ILE D 8 -25.21 -27.67 32.12
N VAL D 9 -24.93 -26.73 31.22
CA VAL D 9 -23.59 -26.17 31.07
C VAL D 9 -23.53 -24.86 31.83
N TRP D 10 -22.54 -24.73 32.70
CA TRP D 10 -22.40 -23.54 33.53
C TRP D 10 -21.28 -22.67 33.00
N PHE D 11 -21.59 -21.40 32.71
CA PHE D 11 -20.60 -20.45 32.19
C PHE D 11 -20.21 -19.48 33.30
N ARG D 12 -18.91 -19.38 33.60
CA ARG D 12 -18.45 -18.39 34.55
C ARG D 12 -17.42 -17.42 33.97
N ARG D 13 -16.30 -17.92 33.44
CA ARG D 13 -15.26 -17.03 32.91
C ARG D 13 -14.59 -17.63 31.68
N ASP D 14 -15.36 -18.24 30.80
CA ASP D 14 -14.83 -18.95 29.64
C ASP D 14 -15.66 -18.58 28.41
N LEU D 15 -15.85 -17.28 28.19
CA LEU D 15 -16.85 -16.80 27.25
C LEU D 15 -16.40 -17.00 25.81
N ARG D 16 -16.20 -18.25 25.44
CA ARG D 16 -15.82 -18.61 24.08
C ARG D 16 -16.48 -19.94 23.73
N ILE D 17 -16.40 -20.31 22.45
CA ILE D 17 -16.94 -21.59 22.00
C ILE D 17 -15.88 -22.52 21.45
N GLU D 18 -14.69 -22.03 21.14
CA GLU D 18 -13.59 -22.88 20.69
C GLU D 18 -12.79 -23.35 21.90
N ASP D 19 -12.36 -24.60 21.87
CA ASP D 19 -11.51 -25.16 22.92
C ASP D 19 -12.18 -24.98 24.29
N ASN D 20 -13.47 -25.25 24.34
CA ASN D 20 -14.21 -25.21 25.58
C ASN D 20 -14.56 -26.64 25.97
N PRO D 21 -13.86 -27.24 26.93
CA PRO D 21 -14.03 -28.68 27.18
C PRO D 21 -15.40 -29.06 27.71
N ALA D 22 -15.94 -28.29 28.66
CA ALA D 22 -17.25 -28.63 29.22
C ALA D 22 -18.33 -28.57 28.16
N LEU D 23 -18.34 -27.51 27.36
CA LEU D 23 -19.34 -27.39 26.31
C LEU D 23 -19.18 -28.51 25.27
N ALA D 24 -17.94 -28.82 24.89
CA ALA D 24 -17.74 -29.88 23.91
C ALA D 24 -18.22 -31.23 24.43
N ALA D 25 -17.94 -31.52 25.70
CA ALA D 25 -18.42 -32.76 26.30
C ALA D 25 -19.93 -32.84 26.30
N ALA D 26 -20.60 -31.80 26.79
CA ALA D 26 -22.06 -31.84 26.88
C ALA D 26 -22.69 -31.95 25.50
N ALA D 27 -22.20 -31.17 24.54
CA ALA D 27 -22.79 -31.20 23.21
C ALA D 27 -22.62 -32.55 22.53
N HIS D 28 -21.46 -33.18 22.70
CA HIS D 28 -21.29 -34.52 22.16
C HIS D 28 -22.15 -35.55 22.90
N GLU D 29 -22.45 -35.30 24.18
CA GLU D 29 -23.24 -36.25 24.94
C GLU D 29 -24.71 -36.22 24.54
N GLY D 30 -25.28 -35.03 24.38
CA GLY D 30 -26.73 -34.95 24.17
C GLY D 30 -27.33 -33.56 24.04
N SER D 31 -28.39 -33.29 24.78
CA SER D 31 -29.05 -32.00 24.74
C SER D 31 -28.56 -31.11 25.89
N VAL D 32 -28.47 -29.80 25.60
CA VAL D 32 -27.75 -28.86 26.45
C VAL D 32 -28.66 -27.71 26.86
N PHE D 33 -28.32 -27.09 27.99
CA PHE D 33 -29.08 -25.94 28.52
C PHE D 33 -28.10 -24.95 29.14
N PRO D 34 -27.52 -24.06 28.35
CA PRO D 34 -26.50 -23.15 28.87
C PRO D 34 -27.08 -22.18 29.87
N VAL D 35 -26.25 -21.76 30.83
CA VAL D 35 -26.75 -20.83 31.84
C VAL D 35 -25.60 -20.00 32.38
N PHE D 36 -25.90 -18.73 32.69
CA PHE D 36 -25.01 -17.80 33.37
C PHE D 36 -25.73 -17.27 34.61
N ILE D 37 -25.04 -17.33 35.75
CA ILE D 37 -25.62 -17.00 37.04
C ILE D 37 -24.75 -15.93 37.68
N TRP D 38 -25.35 -14.77 37.98
CA TRP D 38 -24.63 -13.64 38.56
C TRP D 38 -25.12 -13.43 39.99
N CYS D 39 -24.20 -13.41 40.94
CA CYS D 39 -24.55 -13.32 42.35
C CYS D 39 -23.58 -12.39 43.08
N PRO D 40 -23.95 -11.13 43.26
CA PRO D 40 -23.02 -10.17 43.89
C PRO D 40 -22.60 -10.53 45.31
N GLU D 41 -23.50 -11.14 46.09
CA GLU D 41 -23.24 -11.27 47.52
C GLU D 41 -22.15 -12.28 47.82
N GLU D 42 -22.01 -13.32 46.99
CA GLU D 42 -21.04 -14.36 47.27
C GLU D 42 -19.61 -13.88 46.98
N GLU D 43 -19.46 -12.84 46.16
CA GLU D 43 -18.12 -12.43 45.74
C GLU D 43 -17.32 -11.82 46.89
N GLY D 44 -17.99 -11.10 47.78
CA GLY D 44 -17.31 -10.54 48.94
C GLY D 44 -16.68 -9.19 48.63
N GLN D 45 -15.35 -9.12 48.76
CA GLN D 45 -14.60 -7.92 48.39
C GLN D 45 -13.84 -8.09 47.09
N PHE D 46 -13.93 -9.25 46.47
CA PHE D 46 -13.41 -9.44 45.13
C PHE D 46 -14.44 -9.11 44.07
N TYR D 47 -15.37 -8.23 44.40
CA TYR D 47 -16.38 -7.78 43.46
C TYR D 47 -15.71 -7.01 42.32
N PRO D 48 -16.01 -7.33 41.07
CA PRO D 48 -15.34 -6.66 39.95
C PRO D 48 -15.67 -5.17 39.87
N GLY D 49 -14.73 -4.43 39.27
CA GLY D 49 -14.84 -2.99 39.15
C GLY D 49 -15.45 -2.55 37.83
N ARG D 50 -15.57 -1.22 37.70
CA ARG D 50 -16.40 -0.62 36.64
C ARG D 50 -15.88 -0.96 35.25
N ALA D 51 -14.58 -0.80 35.04
CA ALA D 51 -14.00 -1.10 33.75
C ALA D 51 -14.13 -2.57 33.41
N SER D 52 -14.24 -3.44 34.40
CA SER D 52 -14.44 -4.86 34.17
C SER D 52 -15.89 -5.19 33.84
N ARG D 53 -16.83 -4.55 34.53
CA ARG D 53 -18.23 -4.81 34.26
C ARG D 53 -18.62 -4.34 32.86
N TRP D 54 -18.06 -3.22 32.41
CA TRP D 54 -18.34 -2.77 31.05
C TRP D 54 -17.94 -3.82 30.02
N TRP D 55 -16.71 -4.33 30.12
CA TRP D 55 -16.25 -5.34 29.17
C TRP D 55 -17.07 -6.61 29.29
N MET D 56 -17.46 -6.98 30.52
CA MET D 56 -18.23 -8.19 30.71
C MET D 56 -19.59 -8.11 30.01
N LYS D 57 -20.26 -6.96 30.10
CA LYS D 57 -21.56 -6.81 29.45
C LYS D 57 -21.44 -6.91 27.93
N GLN D 58 -20.45 -6.26 27.35
CA GLN D 58 -20.30 -6.36 25.90
C GLN D 58 -20.02 -7.78 25.47
N SER D 59 -19.14 -8.47 26.20
CA SER D 59 -18.83 -9.85 25.85
C SER D 59 -20.04 -10.75 26.02
N LEU D 60 -20.88 -10.49 27.02
CA LEU D 60 -22.07 -11.31 27.20
C LEU D 60 -23.05 -11.14 26.05
N ALA D 61 -23.24 -9.92 25.56
CA ALA D 61 -24.12 -9.74 24.40
C ALA D 61 -23.58 -10.47 23.18
N HIS D 62 -22.28 -10.33 22.92
CA HIS D 62 -21.66 -11.03 21.80
C HIS D 62 -21.87 -12.55 21.90
N LEU D 63 -21.63 -13.10 23.09
CA LEU D 63 -21.79 -14.54 23.28
C LEU D 63 -23.24 -14.98 23.11
N SER D 64 -24.19 -14.19 23.60
CA SER D 64 -25.59 -14.56 23.46
C SER D 64 -26.00 -14.64 22.00
N GLN D 65 -25.60 -13.65 21.19
CA GLN D 65 -25.91 -13.75 19.76
C GLN D 65 -25.26 -14.97 19.15
N SER D 66 -24.02 -15.25 19.54
CA SER D 66 -23.31 -16.40 18.98
C SER D 66 -24.06 -17.70 19.28
N LEU D 67 -24.54 -17.86 20.50
CA LEU D 67 -25.26 -19.08 20.86
C LEU D 67 -26.61 -19.17 20.14
N LYS D 68 -27.34 -18.06 20.07
CA LYS D 68 -28.63 -18.08 19.41
C LYS D 68 -28.51 -18.43 17.94
N ALA D 69 -27.43 -18.03 17.28
CA ALA D 69 -27.23 -18.44 15.89
C ALA D 69 -27.05 -19.94 15.78
N LEU D 70 -26.32 -20.56 16.71
CA LEU D 70 -26.09 -21.99 16.65
C LEU D 70 -27.35 -22.80 16.88
N GLY D 71 -28.25 -22.36 17.76
CA GLY D 71 -29.50 -23.06 17.91
C GLY D 71 -30.00 -23.24 19.32
N SER D 72 -29.30 -22.70 20.29
CA SER D 72 -29.77 -22.66 21.66
C SER D 72 -29.71 -21.20 22.12
N ASP D 73 -29.88 -20.97 23.41
CA ASP D 73 -29.89 -19.59 23.88
C ASP D 73 -29.34 -19.52 25.29
N LEU D 74 -28.63 -18.43 25.57
CA LEU D 74 -28.11 -18.18 26.90
C LEU D 74 -29.23 -17.70 27.81
N THR D 75 -29.19 -18.11 29.07
CA THR D 75 -30.18 -17.71 30.06
C THR D 75 -29.45 -17.06 31.22
N LEU D 76 -29.93 -15.89 31.64
CA LEU D 76 -29.25 -15.11 32.65
C LEU D 76 -30.09 -15.05 33.91
N ILE D 77 -29.48 -15.37 35.04
CA ILE D 77 -30.18 -15.39 36.32
C ILE D 77 -29.42 -14.56 37.33
N GLN D 78 -30.08 -13.58 37.93
CA GLN D 78 -29.54 -12.84 39.07
C GLN D 78 -30.27 -13.30 40.32
N THR D 79 -29.51 -13.71 41.33
CA THR D 79 -30.08 -14.39 42.47
C THR D 79 -29.35 -14.00 43.74
N HIS D 80 -29.77 -14.62 44.85
CA HIS D 80 -29.10 -14.51 46.13
C HIS D 80 -28.43 -15.81 46.54
N ASN D 81 -28.73 -16.90 45.86
CA ASN D 81 -28.16 -18.21 46.14
C ASN D 81 -27.94 -18.95 44.84
N THR D 82 -26.82 -19.67 44.76
CA THR D 82 -26.51 -20.39 43.54
C THR D 82 -27.11 -21.79 43.55
N ILE D 83 -27.11 -22.44 44.71
CA ILE D 83 -27.70 -23.76 44.82
C ILE D 83 -29.18 -23.69 44.50
N SER D 84 -29.86 -22.65 44.98
CA SER D 84 -31.28 -22.50 44.71
C SER D 84 -31.54 -22.37 43.21
N ALA D 85 -30.73 -21.57 42.52
CA ALA D 85 -30.93 -21.39 41.08
C ALA D 85 -30.70 -22.68 40.31
N ILE D 86 -29.63 -23.40 40.67
CA ILE D 86 -29.36 -24.65 39.97
C ILE D 86 -30.48 -25.65 40.22
N LEU D 87 -30.95 -25.75 41.46
CA LEU D 87 -32.02 -26.69 41.78
C LEU D 87 -33.31 -26.31 41.08
N ASP D 88 -33.61 -25.02 40.97
CA ASP D 88 -34.79 -24.60 40.23
C ASP D 88 -34.68 -24.99 38.76
N CYS D 89 -33.52 -24.77 38.14
CA CYS D 89 -33.36 -25.17 36.76
C CYS D 89 -33.54 -26.67 36.60
N ILE D 90 -33.02 -27.44 37.57
CA ILE D 90 -33.20 -28.89 37.54
C ILE D 90 -34.68 -29.25 37.61
N ARG D 91 -35.40 -28.66 38.57
CA ARG D 91 -36.81 -28.96 38.77
C ARG D 91 -37.64 -28.60 37.56
N VAL D 92 -37.24 -27.57 36.81
CA VAL D 92 -38.03 -27.14 35.66
C VAL D 92 -37.71 -27.91 34.38
N THR D 93 -36.45 -28.27 34.15
CA THR D 93 -36.13 -28.90 32.87
C THR D 93 -35.95 -30.41 32.95
N GLY D 94 -35.77 -30.98 34.14
CA GLY D 94 -35.58 -32.40 34.28
C GLY D 94 -34.29 -32.90 33.64
N PRO D 95 -33.16 -32.42 34.13
CA PRO D 95 -31.87 -32.78 33.53
C PRO D 95 -31.30 -34.04 34.16
N THR D 96 -30.08 -34.37 33.74
CA THR D 96 -29.35 -35.48 34.34
C THR D 96 -27.95 -35.10 34.80
N LYS D 97 -27.30 -34.14 34.14
CA LYS D 97 -25.90 -33.86 34.39
C LYS D 97 -25.63 -32.37 34.48
N VAL D 98 -24.53 -32.03 35.16
CA VAL D 98 -24.06 -30.65 35.28
C VAL D 98 -22.55 -30.63 35.02
N VAL D 99 -22.10 -29.71 34.16
CA VAL D 99 -20.68 -29.63 33.82
C VAL D 99 -20.20 -28.18 33.89
N PHE D 100 -18.93 -28.00 34.28
CA PHE D 100 -18.32 -26.68 34.27
C PHE D 100 -16.80 -26.80 34.21
N ASN D 101 -16.11 -25.67 34.39
CA ASN D 101 -14.66 -25.54 34.28
C ASN D 101 -14.05 -25.03 35.58
N HIS D 102 -12.74 -25.18 35.69
CA HIS D 102 -12.03 -24.91 36.93
C HIS D 102 -11.59 -23.47 37.05
N LEU D 103 -11.62 -22.96 38.28
CA LEU D 103 -11.03 -21.68 38.62
C LEU D 103 -10.23 -21.86 39.89
N TYR D 104 -9.24 -20.99 40.09
CA TYR D 104 -8.31 -21.15 41.21
C TYR D 104 -8.37 -19.99 42.18
N ASP D 105 -9.42 -19.18 42.15
CA ASP D 105 -9.66 -18.19 43.18
C ASP D 105 -10.10 -18.88 44.46
N PRO D 106 -9.82 -18.29 45.63
CA PRO D 106 -10.31 -18.89 46.88
C PRO D 106 -11.82 -19.10 46.90
N VAL D 107 -12.57 -18.05 46.58
CA VAL D 107 -14.02 -18.15 46.54
C VAL D 107 -14.46 -19.21 45.53
N SER D 108 -13.78 -19.28 44.38
CA SER D 108 -14.15 -20.27 43.38
C SER D 108 -13.95 -21.67 43.90
N LEU D 109 -12.84 -21.93 44.59
CA LEU D 109 -12.60 -23.28 45.11
C LEU D 109 -13.68 -23.68 46.11
N VAL D 110 -13.99 -22.79 47.05
CA VAL D 110 -15.00 -23.11 48.05
C VAL D 110 -16.35 -23.37 47.39
N ARG D 111 -16.75 -22.50 46.48
CA ARG D 111 -18.06 -22.64 45.84
C ARG D 111 -18.14 -23.93 45.02
N ASP D 112 -17.07 -24.25 44.29
CA ASP D 112 -17.09 -25.48 43.50
C ASP D 112 -17.20 -26.71 44.38
N HIS D 113 -16.46 -26.74 45.49
CA HIS D 113 -16.56 -27.90 46.38
C HIS D 113 -17.97 -28.04 46.94
N THR D 114 -18.54 -26.92 47.40
CA THR D 114 -19.88 -26.98 47.98
C THR D 114 -20.89 -27.46 46.95
N VAL D 115 -20.81 -26.96 45.73
CA VAL D 115 -21.74 -27.39 44.69
C VAL D 115 -21.61 -28.88 44.44
N LYS D 116 -20.37 -29.35 44.26
CA LYS D 116 -20.15 -30.77 43.98
C LYS D 116 -20.77 -31.65 45.06
N GLU D 117 -20.52 -31.32 46.33
CA GLU D 117 -21.04 -32.13 47.41
C GLU D 117 -22.57 -32.11 47.46
N LYS D 118 -23.15 -30.91 47.52
CA LYS D 118 -24.60 -30.81 47.69
C LYS D 118 -25.36 -31.30 46.48
N LEU D 119 -24.69 -31.47 45.34
CA LEU D 119 -25.37 -32.03 44.18
C LEU D 119 -25.25 -33.55 44.13
N VAL D 120 -24.10 -34.09 44.55
CA VAL D 120 -23.96 -35.54 44.54
C VAL D 120 -24.82 -36.18 45.62
N GLU D 121 -25.27 -35.40 46.60
CA GLU D 121 -26.20 -35.94 47.59
C GLU D 121 -27.49 -36.44 46.94
N ARG D 122 -28.03 -35.70 45.97
CA ARG D 122 -29.33 -36.01 45.40
C ARG D 122 -29.24 -36.89 44.17
N GLY D 123 -28.13 -37.59 43.96
CA GLY D 123 -28.06 -38.53 42.87
C GLY D 123 -27.95 -37.93 41.49
N ILE D 124 -27.46 -36.69 41.38
CA ILE D 124 -27.19 -36.06 40.10
C ILE D 124 -25.68 -35.96 39.92
N SER D 125 -25.19 -36.44 38.79
CA SER D 125 -23.76 -36.49 38.55
C SER D 125 -23.23 -35.14 38.09
N VAL D 126 -22.02 -34.81 38.52
CA VAL D 126 -21.37 -33.53 38.20
C VAL D 126 -20.02 -33.83 37.55
N GLN D 127 -19.47 -32.81 36.89
CA GLN D 127 -18.18 -32.99 36.25
C GLN D 127 -17.55 -31.62 36.01
N SER D 128 -16.24 -31.55 36.22
CA SER D 128 -15.48 -30.31 36.03
C SER D 128 -14.25 -30.61 35.19
N TYR D 129 -13.82 -29.60 34.45
CA TYR D 129 -12.68 -29.76 33.56
C TYR D 129 -11.61 -28.71 33.83
N ASN D 130 -10.63 -28.62 32.95
CA ASN D 130 -9.53 -27.67 33.06
C ASN D 130 -9.45 -26.85 31.78
N GLY D 131 -9.63 -25.54 31.90
CA GLY D 131 -9.71 -24.72 30.71
C GLY D 131 -8.84 -23.49 30.67
N ASP D 132 -8.06 -23.23 31.72
CA ASP D 132 -7.35 -21.96 31.80
C ASP D 132 -5.85 -22.10 32.07
N LEU D 133 -5.29 -23.30 32.05
CA LEU D 133 -3.87 -23.45 32.39
C LEU D 133 -3.20 -24.44 31.46
N LEU D 134 -1.87 -24.41 31.48
CA LEU D 134 -1.05 -25.39 30.78
C LEU D 134 -0.78 -26.63 31.63
N TYR D 135 -0.27 -26.43 32.84
CA TYR D 135 -0.06 -27.50 33.81
C TYR D 135 -0.82 -27.15 35.08
N GLU D 136 -1.52 -28.12 35.65
CA GLU D 136 -2.19 -27.87 36.91
C GLU D 136 -1.17 -27.69 38.02
N PRO D 137 -1.48 -26.88 39.04
CA PRO D 137 -0.48 -26.54 40.04
C PRO D 137 0.02 -27.73 40.86
N TRP D 138 -0.71 -28.84 40.88
CA TRP D 138 -0.30 -30.01 41.66
C TRP D 138 0.50 -31.01 40.85
N GLU D 139 1.00 -30.62 39.67
CA GLU D 139 1.60 -31.58 38.76
C GLU D 139 3.10 -31.39 38.62
N ILE D 140 3.65 -30.28 39.09
CA ILE D 140 5.07 -29.98 38.96
C ILE D 140 5.69 -29.93 40.34
N TYR D 141 6.74 -30.72 40.56
CA TYR D 141 7.42 -30.76 41.84
C TYR D 141 8.88 -31.15 41.61
N CYS D 142 9.70 -30.97 42.64
CA CYS D 142 11.12 -31.26 42.54
C CYS D 142 11.39 -32.70 42.94
N LYS D 146 9.02 -31.72 46.43
CA LYS D 146 8.80 -30.40 47.00
C LYS D 146 8.45 -29.40 45.92
N PRO D 147 7.64 -28.39 46.25
CA PRO D 147 7.41 -27.30 45.30
C PRO D 147 8.66 -26.47 45.08
N PHE D 148 8.79 -25.92 43.88
CA PHE D 148 9.89 -25.03 43.57
C PHE D 148 9.72 -23.70 44.29
N THR D 149 10.80 -22.91 44.32
CA THR D 149 10.79 -21.63 45.01
C THR D 149 11.25 -20.46 44.15
N SER D 150 11.81 -20.69 42.97
CA SER D 150 12.28 -19.61 42.12
C SER D 150 11.79 -19.82 40.70
N PHE D 151 11.50 -18.70 40.04
CA PHE D 151 10.92 -18.76 38.71
C PHE D 151 11.84 -19.44 37.72
N ASN D 152 13.15 -19.25 37.85
CA ASN D 152 14.06 -19.81 36.86
C ASN D 152 14.04 -21.33 36.87
N SER D 153 14.19 -21.93 38.06
CA SER D 153 14.12 -23.38 38.17
C SER D 153 12.74 -23.89 37.77
N TYR D 154 11.68 -23.20 38.21
CA TYR D 154 10.34 -23.61 37.84
C TYR D 154 10.17 -23.68 36.34
N TRP D 155 10.55 -22.61 35.64
CA TRP D 155 10.34 -22.55 34.20
C TRP D 155 11.25 -23.51 33.46
N LYS D 156 12.45 -23.76 33.99
CA LYS D 156 13.32 -24.77 33.39
C LYS D 156 12.68 -26.15 33.44
N LYS D 157 12.12 -26.50 34.61
CA LYS D 157 11.44 -27.78 34.73
C LYS D 157 10.24 -27.86 33.78
N CYS D 158 9.45 -26.80 33.74
CA CYS D 158 8.25 -26.79 32.89
C CYS D 158 8.62 -26.94 31.42
N LEU D 159 9.67 -26.26 30.98
CA LEU D 159 10.15 -26.43 29.62
C LEU D 159 10.61 -27.86 29.37
N ASP D 160 11.31 -28.46 30.34
CA ASP D 160 11.81 -29.81 30.15
C ASP D 160 10.68 -30.81 29.97
N MET D 161 9.62 -30.68 30.77
CA MET D 161 8.52 -31.64 30.69
C MET D 161 7.77 -31.52 29.36
N SER D 162 6.75 -32.36 29.18
CA SER D 162 5.95 -32.34 27.97
C SER D 162 4.48 -32.14 28.32
N ILE D 163 3.76 -31.42 27.46
CA ILE D 163 2.38 -31.04 27.72
C ILE D 163 1.47 -32.26 27.57
N GLU D 164 0.40 -32.29 28.36
CA GLU D 164 -0.52 -33.43 28.43
C GLU D 164 -1.94 -32.98 28.14
N SER D 165 -2.13 -32.17 27.09
CA SER D 165 -3.45 -31.64 26.77
C SER D 165 -3.63 -31.58 25.27
N VAL D 166 -4.85 -31.85 24.81
CA VAL D 166 -5.22 -31.75 23.41
C VAL D 166 -6.19 -30.60 23.24
N MET D 167 -6.43 -30.21 21.99
CA MET D 167 -7.35 -29.14 21.68
C MET D 167 -8.61 -29.70 21.04
N LEU D 168 -9.74 -29.08 21.34
CA LEU D 168 -11.05 -29.56 20.96
C LEU D 168 -11.71 -28.62 19.96
N PRO D 169 -12.32 -29.14 18.90
CA PRO D 169 -13.00 -28.29 17.94
C PRO D 169 -14.31 -27.76 18.52
N PRO D 170 -14.85 -26.67 17.96
CA PRO D 170 -16.11 -26.13 18.47
C PRO D 170 -17.27 -27.04 18.14
N PRO D 171 -18.31 -27.05 18.96
CA PRO D 171 -19.51 -27.85 18.62
C PRO D 171 -20.19 -27.31 17.38
N TRP D 172 -20.76 -28.22 16.60
CA TRP D 172 -21.35 -27.85 15.31
C TRP D 172 -22.76 -27.27 15.50
N ARG D 173 -23.63 -27.98 16.18
CA ARG D 173 -24.99 -27.52 16.46
C ARG D 173 -25.36 -27.94 17.87
N LEU D 174 -26.42 -27.33 18.39
CA LEU D 174 -26.91 -27.63 19.73
C LEU D 174 -28.37 -28.01 19.65
N MET D 175 -28.75 -29.10 20.31
CA MET D 175 -30.14 -29.51 20.38
C MET D 175 -30.82 -28.78 21.51
N PRO D 176 -31.83 -27.96 21.24
CA PRO D 176 -32.38 -27.08 22.28
C PRO D 176 -33.13 -27.83 23.36
N ILE D 177 -33.62 -27.08 24.33
CA ILE D 177 -34.44 -27.60 25.40
C ILE D 177 -35.48 -26.56 25.82
N ILE D 184 -38.89 -19.29 37.26
CA ILE D 184 -37.48 -19.53 37.04
C ILE D 184 -36.71 -18.23 37.25
N TRP D 185 -37.38 -17.11 37.00
CA TRP D 185 -36.83 -15.77 37.22
C TRP D 185 -35.63 -15.48 36.32
N ALA D 186 -35.73 -15.88 35.06
CA ALA D 186 -34.75 -15.46 34.06
C ALA D 186 -34.96 -13.99 33.72
N CYS D 187 -33.88 -13.29 33.38
CA CYS D 187 -34.00 -11.87 33.08
C CYS D 187 -33.18 -11.55 31.83
N SER D 188 -33.01 -10.26 31.58
CA SER D 188 -32.34 -9.74 30.38
C SER D 188 -31.08 -8.99 30.76
N ILE D 189 -30.21 -8.80 29.76
CA ILE D 189 -28.89 -8.24 29.98
C ILE D 189 -28.94 -6.86 30.61
N GLU D 190 -30.10 -6.21 30.61
CA GLU D 190 -30.20 -4.86 31.15
C GLU D 190 -30.63 -4.82 32.61
N GLU D 191 -31.25 -5.89 33.12
CA GLU D 191 -31.66 -5.91 34.51
C GLU D 191 -30.62 -6.54 35.43
N LEU D 192 -29.51 -7.03 34.88
CA LEU D 192 -28.41 -7.49 35.72
C LEU D 192 -27.79 -6.35 36.52
N GLY D 193 -28.04 -5.11 36.13
CA GLY D 193 -27.49 -3.97 36.86
C GLY D 193 -25.98 -3.90 36.79
N LEU D 194 -25.41 -4.17 35.61
CA LEU D 194 -23.96 -4.15 35.46
C LEU D 194 -23.40 -2.74 35.44
N GLU D 195 -24.15 -1.76 34.95
CA GLU D 195 -23.68 -0.40 34.79
C GLU D 195 -24.55 0.58 35.54
N ASN D 196 -23.93 1.60 36.12
CA ASN D 196 -24.69 2.65 36.78
C ASN D 196 -25.47 3.47 35.74
N GLU D 197 -26.22 4.44 36.24
CA GLU D 197 -27.06 5.27 35.37
C GLU D 197 -26.37 6.54 34.90
N ALA D 198 -25.57 7.16 35.76
CA ALA D 198 -24.92 8.41 35.35
C ALA D 198 -23.72 8.16 34.47
N GLU D 199 -23.12 6.97 34.52
CA GLU D 199 -21.82 6.70 33.92
C GLU D 199 -21.93 5.91 32.63
N LYS D 200 -23.06 5.96 31.96
CA LYS D 200 -23.14 5.28 30.68
C LYS D 200 -22.50 6.12 29.58
N PRO D 201 -22.85 7.41 29.44
CA PRO D 201 -22.20 8.23 28.41
C PRO D 201 -20.70 8.37 28.56
N SER D 202 -20.18 8.40 29.79
CA SER D 202 -18.74 8.49 29.98
C SER D 202 -18.06 7.17 29.64
N ASN D 203 -18.62 6.04 30.10
CA ASN D 203 -18.04 4.75 29.79
C ASN D 203 -18.06 4.46 28.30
N ALA D 204 -19.03 5.03 27.58
CA ALA D 204 -19.13 4.72 26.16
C ALA D 204 -17.90 5.12 25.37
N LEU D 205 -17.07 6.01 25.92
CA LEU D 205 -15.95 6.53 25.16
C LEU D 205 -14.85 5.49 24.94
N LEU D 206 -14.74 4.49 25.81
CA LEU D 206 -13.67 3.50 25.68
C LEU D 206 -13.75 2.74 24.37
N THR D 207 -14.91 2.67 23.74
CA THR D 207 -15.01 2.05 22.43
C THR D 207 -14.09 2.69 21.42
N ARG D 208 -13.50 3.85 21.72
CA ARG D 208 -12.53 4.45 20.82
C ARG D 208 -11.30 3.61 20.64
N ALA D 209 -10.91 2.82 21.64
CA ALA D 209 -9.67 2.05 21.59
C ALA D 209 -9.87 0.55 21.56
N TRP D 210 -10.85 0.02 22.26
CA TRP D 210 -11.03 -1.42 22.44
C TRP D 210 -12.31 -1.88 21.75
N SER D 211 -12.44 -3.18 21.58
CA SER D 211 -13.65 -3.78 21.02
C SER D 211 -13.76 -5.23 21.47
N PRO D 212 -14.57 -5.50 22.49
CA PRO D 212 -14.60 -6.83 23.10
C PRO D 212 -15.30 -7.87 22.23
N GLY D 213 -15.04 -9.14 22.56
CA GLY D 213 -15.64 -10.27 21.87
C GLY D 213 -14.63 -11.28 21.35
N TRP D 214 -14.98 -12.56 21.44
CA TRP D 214 -14.02 -13.58 21.05
C TRP D 214 -13.73 -13.57 19.56
N SER D 215 -14.70 -13.17 18.74
CA SER D 215 -14.44 -13.00 17.33
C SER D 215 -13.38 -11.94 17.07
N ASN D 216 -13.24 -10.97 17.96
CA ASN D 216 -12.21 -9.95 17.84
C ASN D 216 -10.89 -10.37 18.45
N ALA D 217 -10.93 -11.19 19.50
CA ALA D 217 -9.67 -11.72 20.05
C ALA D 217 -8.93 -12.56 19.03
N ASP D 218 -9.63 -13.42 18.29
CA ASP D 218 -8.96 -14.20 17.26
C ASP D 218 -8.33 -13.31 16.20
N LYS D 219 -9.07 -12.30 15.75
CA LYS D 219 -8.57 -11.41 14.72
C LYS D 219 -7.35 -10.64 15.19
N LEU D 220 -7.28 -10.31 16.47
CA LEU D 220 -6.10 -9.61 16.98
C LEU D 220 -4.89 -10.53 17.07
N LEU D 221 -5.09 -11.75 17.57
CA LEU D 221 -3.95 -12.65 17.76
C LEU D 221 -3.30 -13.02 16.43
N ASN D 222 -4.11 -13.30 15.41
CA ASN D 222 -3.54 -13.69 14.13
C ASN D 222 -2.62 -12.60 13.57
N GLU D 223 -3.08 -11.36 13.62
CA GLU D 223 -2.29 -10.25 13.10
C GLU D 223 -1.03 -10.04 13.91
N PHE D 224 -1.12 -10.11 15.24
CA PHE D 224 0.10 -9.97 16.03
C PHE D 224 1.13 -11.02 15.65
N ILE D 225 0.73 -12.29 15.67
CA ILE D 225 1.68 -13.35 15.39
C ILE D 225 2.28 -13.22 14.00
N GLU D 226 1.48 -12.87 13.00
CA GLU D 226 2.00 -12.82 11.64
C GLU D 226 2.90 -11.63 11.34
N LYS D 227 2.79 -10.51 12.07
CA LYS D 227 3.53 -9.34 11.64
C LYS D 227 4.30 -8.59 12.70
N GLN D 228 4.18 -8.91 13.99
CA GLN D 228 4.83 -8.11 15.00
C GLN D 228 5.74 -8.88 15.94
N LEU D 229 5.66 -10.21 15.97
CA LEU D 229 6.43 -10.97 16.94
C LEU D 229 7.92 -10.79 16.73
N ILE D 230 8.35 -10.71 15.47
CA ILE D 230 9.77 -10.74 15.15
C ILE D 230 10.53 -9.56 15.72
N ASP D 231 9.84 -8.48 16.06
CA ASP D 231 10.48 -7.29 16.62
C ASP D 231 10.24 -7.14 18.11
N TYR D 232 9.72 -8.16 18.77
CA TYR D 232 9.36 -8.06 20.18
C TYR D 232 10.59 -7.79 21.04
N ALA D 233 11.71 -8.45 20.73
CA ALA D 233 12.90 -8.31 21.55
C ALA D 233 13.44 -6.89 21.54
N LYS D 234 13.08 -6.10 20.53
CA LYS D 234 13.56 -4.73 20.47
C LYS D 234 12.51 -3.74 20.98
N ASN D 235 11.28 -3.84 20.49
CA ASN D 235 10.25 -2.90 20.90
C ASN D 235 9.84 -3.09 22.35
N SER D 236 10.18 -4.22 22.96
CA SER D 236 9.67 -4.55 24.28
C SER D 236 10.34 -3.79 25.41
N LYS D 237 11.10 -2.74 25.11
CA LYS D 237 11.65 -1.89 26.15
C LYS D 237 11.32 -0.43 25.97
N LYS D 238 10.53 -0.08 24.96
CA LYS D 238 10.15 1.29 24.69
C LYS D 238 8.66 1.47 24.97
N VAL D 239 8.33 2.50 25.74
CA VAL D 239 6.99 2.64 26.29
C VAL D 239 6.08 3.47 25.41
N VAL D 240 6.54 3.90 24.24
CA VAL D 240 5.76 4.81 23.43
C VAL D 240 5.17 4.07 22.24
N GLY D 241 3.99 4.51 21.83
CA GLY D 241 3.32 3.89 20.70
C GLY D 241 2.53 2.67 21.14
N ASN D 242 2.65 1.58 20.40
CA ASN D 242 2.11 0.29 20.82
C ASN D 242 3.14 -0.77 20.41
N SER D 243 3.84 -1.33 21.40
CA SER D 243 4.91 -2.27 21.14
C SER D 243 4.58 -3.69 21.53
N THR D 244 3.89 -3.91 22.64
CA THR D 244 3.58 -5.25 23.11
C THR D 244 2.37 -5.79 22.36
N SER D 245 1.78 -6.88 22.85
CA SER D 245 0.75 -7.59 22.09
C SER D 245 -0.67 -7.15 22.43
N LEU D 246 -0.93 -6.68 23.65
CA LEU D 246 -2.25 -6.22 24.08
C LEU D 246 -3.28 -7.34 24.10
N LEU D 247 -2.99 -8.40 24.87
CA LEU D 247 -3.91 -9.53 24.98
C LEU D 247 -4.44 -9.76 26.38
N SER D 248 -4.04 -8.96 27.36
CA SER D 248 -4.41 -9.27 28.74
C SER D 248 -5.90 -9.20 29.03
N PRO D 249 -6.66 -8.18 28.60
CA PRO D 249 -8.10 -8.24 28.85
C PRO D 249 -8.78 -9.40 28.15
N TYR D 250 -8.29 -9.82 26.99
CA TYR D 250 -8.89 -10.98 26.34
C TYR D 250 -8.57 -12.27 27.07
N LEU D 251 -7.37 -12.39 27.64
CA LEU D 251 -7.03 -13.60 28.37
C LEU D 251 -7.73 -13.67 29.72
N HIS D 252 -8.03 -12.53 30.33
CA HIS D 252 -8.67 -12.57 31.65
C HIS D 252 -10.06 -13.16 31.59
N PHE D 253 -10.80 -12.90 30.53
CA PHE D 253 -12.16 -13.41 30.36
C PHE D 253 -12.22 -14.70 29.58
N GLY D 254 -11.07 -15.26 29.22
CA GLY D 254 -11.07 -16.54 28.57
C GLY D 254 -11.64 -16.55 27.17
N GLU D 255 -11.58 -15.43 26.47
CA GLU D 255 -12.07 -15.41 25.09
C GLU D 255 -11.07 -15.96 24.10
N ILE D 256 -9.85 -16.26 24.54
CA ILE D 256 -8.84 -16.89 23.69
C ILE D 256 -8.17 -17.98 24.53
N SER D 257 -7.58 -18.96 23.86
CA SER D 257 -7.01 -20.12 24.53
C SER D 257 -5.51 -19.98 24.69
N VAL D 258 -5.04 -20.06 25.94
CA VAL D 258 -3.62 -19.92 26.20
C VAL D 258 -2.82 -21.02 25.52
N ARG D 259 -3.40 -22.22 25.40
CA ARG D 259 -2.76 -23.27 24.64
C ARG D 259 -2.64 -22.90 23.17
N HIS D 260 -3.63 -22.22 22.62
CA HIS D 260 -3.57 -21.75 21.24
C HIS D 260 -2.41 -20.77 21.06
N VAL D 261 -2.30 -19.80 21.97
CA VAL D 261 -1.22 -18.82 21.90
C VAL D 261 0.13 -19.52 21.96
N PHE D 262 0.25 -20.47 22.90
CA PHE D 262 1.51 -21.18 23.10
C PHE D 262 1.91 -21.93 21.85
N GLN D 263 0.97 -22.64 21.22
CA GLN D 263 1.30 -23.38 20.02
C GLN D 263 1.76 -22.48 18.90
N CYS D 264 1.08 -21.35 18.70
CA CYS D 264 1.46 -20.46 17.61
C CYS D 264 2.89 -19.94 17.80
N ALA D 265 3.20 -19.48 19.02
CA ALA D 265 4.54 -18.96 19.27
C ALA D 265 5.60 -20.04 19.09
N ARG D 266 5.33 -21.24 19.61
CA ARG D 266 6.32 -22.31 19.48
C ARG D 266 6.58 -22.68 18.03
N MET D 267 5.54 -22.74 17.21
CA MET D 267 5.76 -23.07 15.80
C MET D 267 6.61 -22.01 15.10
N LYS D 268 6.35 -20.73 15.36
CA LYS D 268 7.21 -19.70 14.79
C LYS D 268 8.66 -19.89 15.24
N GLN D 269 8.86 -20.20 16.52
CA GLN D 269 10.22 -20.35 17.02
C GLN D 269 10.94 -21.50 16.35
N ILE D 270 10.24 -22.61 16.10
CA ILE D 270 10.89 -23.75 15.45
C ILE D 270 11.41 -23.36 14.06
N ILE D 271 10.58 -22.67 13.27
CA ILE D 271 11.04 -22.29 11.94
C ILE D 271 12.23 -21.34 12.03
N TRP D 272 12.15 -20.34 12.90
CA TRP D 272 13.24 -19.37 12.98
C TRP D 272 14.54 -20.04 13.43
N ALA D 273 14.46 -20.94 14.40
CA ALA D 273 15.64 -21.64 14.85
C ALA D 273 16.21 -22.54 13.75
N ARG D 274 15.36 -23.10 12.89
CA ARG D 274 15.89 -23.90 11.81
C ARG D 274 16.69 -23.06 10.83
N ASP D 275 16.20 -21.87 10.47
CA ASP D 275 16.87 -21.08 9.44
C ASP D 275 17.87 -20.08 9.99
N LYS D 276 18.30 -20.25 11.24
CA LYS D 276 19.39 -19.47 11.84
C LYS D 276 19.06 -17.98 11.88
N ASN D 277 18.01 -17.63 12.61
CA ASN D 277 17.60 -16.24 12.80
C ASN D 277 17.69 -15.95 14.30
N SER D 278 18.83 -15.39 14.71
CA SER D 278 19.09 -15.18 16.13
C SER D 278 18.08 -14.21 16.73
N GLU D 279 17.78 -13.12 16.03
CA GLU D 279 16.79 -12.18 16.53
C GLU D 279 15.42 -12.83 16.68
N GLY D 280 15.03 -13.67 15.73
CA GLY D 280 13.80 -14.40 15.87
C GLY D 280 13.77 -15.26 17.11
N GLU D 281 14.86 -15.99 17.36
CA GLU D 281 14.92 -16.83 18.55
C GLU D 281 14.78 -16.01 19.82
N GLU D 282 15.49 -14.88 19.88
CA GLU D 282 15.42 -14.05 21.08
C GLU D 282 14.00 -13.55 21.32
N SER D 283 13.34 -13.08 20.27
CA SER D 283 11.98 -12.57 20.41
C SER D 283 11.04 -13.66 20.89
N ALA D 284 11.10 -14.84 20.27
CA ALA D 284 10.18 -15.92 20.64
C ALA D 284 10.42 -16.36 22.08
N ASP D 285 11.68 -16.48 22.50
CA ASP D 285 11.96 -16.88 23.86
C ASP D 285 11.45 -15.87 24.87
N LEU D 286 11.62 -14.58 24.58
CA LEU D 286 11.10 -13.55 25.48
C LEU D 286 9.59 -13.65 25.61
N PHE D 287 8.89 -13.82 24.49
CA PHE D 287 7.43 -13.90 24.55
C PHE D 287 6.97 -15.11 25.35
N LEU D 288 7.61 -16.25 25.16
CA LEU D 288 7.19 -17.44 25.90
C LEU D 288 7.51 -17.34 27.38
N ARG D 289 8.61 -16.68 27.74
CA ARG D 289 8.87 -16.42 29.16
C ARG D 289 7.76 -15.56 29.76
N GLY D 290 7.35 -14.53 29.03
CA GLY D 290 6.21 -13.74 29.48
C GLY D 290 4.97 -14.59 29.68
N ILE D 291 4.70 -15.50 28.75
CA ILE D 291 3.53 -16.38 28.89
C ILE D 291 3.65 -17.23 30.16
N GLY D 292 4.84 -17.78 30.41
CA GLY D 292 5.02 -18.65 31.56
C GLY D 292 4.92 -17.97 32.90
N LEU D 293 5.16 -16.65 32.95
CA LEU D 293 5.01 -15.95 34.22
C LEU D 293 3.59 -16.03 34.77
N ARG D 294 2.58 -16.13 33.90
CA ARG D 294 1.20 -16.26 34.37
C ARG D 294 0.97 -17.60 35.06
N GLU D 295 1.43 -18.68 34.43
CA GLU D 295 1.44 -19.99 35.05
C GLU D 295 2.08 -19.94 36.42
N TYR D 296 3.26 -19.33 36.50
CA TYR D 296 3.94 -19.26 37.79
C TYR D 296 3.12 -18.51 38.82
N SER D 297 2.44 -17.43 38.41
CA SER D 297 1.62 -16.67 39.35
C SER D 297 0.52 -17.53 39.94
N ARG D 298 -0.20 -18.26 39.10
CA ARG D 298 -1.26 -19.13 39.61
C ARG D 298 -0.69 -20.24 40.49
N TYR D 299 0.47 -20.75 40.11
CA TYR D 299 1.12 -21.82 40.87
C TYR D 299 1.42 -21.37 42.30
N ILE D 300 2.06 -20.21 42.45
CA ILE D 300 2.43 -19.78 43.79
C ILE D 300 1.18 -19.44 44.60
N CYS D 301 0.15 -18.89 43.96
CA CYS D 301 -1.06 -18.60 44.71
C CYS D 301 -1.73 -19.87 45.21
N PHE D 302 -1.71 -20.93 44.40
CA PHE D 302 -2.30 -22.20 44.84
C PHE D 302 -1.48 -22.84 45.95
N ASN D 303 -0.16 -22.83 45.84
CA ASN D 303 0.66 -23.61 46.76
C ASN D 303 0.93 -22.87 48.07
N PHE D 304 0.92 -21.54 48.05
CA PHE D 304 1.21 -20.80 49.27
C PHE D 304 0.14 -19.76 49.53
N PRO D 305 -1.01 -20.14 50.10
CA PRO D 305 -2.13 -19.24 50.40
C PRO D 305 -1.72 -18.05 51.26
N PRO D 320 3.92 2.13 59.39
CA PRO D 320 4.18 3.55 59.65
C PRO D 320 3.97 4.43 58.42
N TRP D 321 2.83 4.22 57.74
CA TRP D 321 2.46 5.04 56.60
C TRP D 321 2.00 6.42 57.07
N ASP D 322 1.95 7.35 56.13
CA ASP D 322 1.33 8.65 56.34
C ASP D 322 -0.08 8.60 55.76
N ALA D 323 -1.09 8.66 56.62
CA ALA D 323 -2.48 8.63 56.17
C ALA D 323 -2.87 9.99 55.60
N ASP D 324 -2.29 10.33 54.45
CA ASP D 324 -2.48 11.63 53.82
C ASP D 324 -3.39 11.47 52.62
N VAL D 325 -4.46 12.25 52.57
CA VAL D 325 -5.48 12.07 51.54
C VAL D 325 -5.14 12.86 50.29
N ASP D 326 -4.67 14.10 50.45
CA ASP D 326 -4.38 14.94 49.30
C ASP D 326 -3.18 14.44 48.52
N LYS D 327 -2.21 13.83 49.21
CA LYS D 327 -1.10 13.21 48.50
C LYS D 327 -1.59 12.11 47.57
N PHE D 328 -2.51 11.28 48.06
CA PHE D 328 -3.09 10.23 47.23
C PHE D 328 -3.86 10.81 46.07
N LYS D 329 -4.61 11.89 46.31
CA LYS D 329 -5.39 12.50 45.23
C LYS D 329 -4.48 13.06 44.15
N ALA D 330 -3.40 13.73 44.55
CA ALA D 330 -2.45 14.26 43.58
C ALA D 330 -1.80 13.13 42.79
N TRP D 331 -1.44 12.05 43.48
CA TRP D 331 -0.90 10.89 42.78
C TRP D 331 -1.86 10.42 41.70
N ARG D 332 -3.14 10.26 42.04
CA ARG D 332 -4.05 9.65 41.09
C ARG D 332 -4.48 10.62 39.98
N GLN D 333 -4.39 11.92 40.19
CA GLN D 333 -4.73 12.85 39.13
C GLN D 333 -3.54 13.22 38.25
N GLY D 334 -2.31 13.10 38.74
CA GLY D 334 -1.15 13.33 37.91
C GLY D 334 -0.51 14.70 38.07
N ARG D 335 -0.33 15.12 39.32
CA ARG D 335 0.23 16.43 39.64
C ARG D 335 1.42 16.32 40.57
N THR D 336 2.19 15.23 40.44
CA THR D 336 3.35 14.99 41.28
C THR D 336 4.52 15.89 40.90
N GLY D 337 4.77 16.05 39.61
CA GLY D 337 5.93 16.76 39.12
C GLY D 337 6.90 15.92 38.32
N TYR D 338 6.82 14.60 38.40
CA TYR D 338 7.74 13.72 37.69
C TYR D 338 7.14 13.29 36.36
N PRO D 339 7.78 13.60 35.24
CA PRO D 339 7.12 13.42 33.95
C PRO D 339 6.65 12.02 33.65
N LEU D 340 7.41 10.99 34.01
CA LEU D 340 6.99 9.64 33.68
C LEU D 340 5.77 9.21 34.48
N VAL D 341 5.73 9.57 35.77
CA VAL D 341 4.56 9.31 36.59
C VAL D 341 3.35 10.05 36.05
N ASP D 342 3.52 11.32 35.68
CA ASP D 342 2.40 12.11 35.18
C ASP D 342 1.82 11.52 33.91
N ALA D 343 2.68 11.17 32.95
CA ALA D 343 2.17 10.62 31.70
C ALA D 343 1.56 9.25 31.91
N GLY D 344 2.09 8.44 32.84
CA GLY D 344 1.49 7.15 33.09
C GLY D 344 0.09 7.25 33.65
N MET D 345 -0.11 8.11 34.64
CA MET D 345 -1.46 8.26 35.19
C MET D 345 -2.40 8.89 34.17
N ARG D 346 -1.89 9.81 33.36
CA ARG D 346 -2.70 10.46 32.34
C ARG D 346 -3.20 9.46 31.30
N GLU D 347 -2.35 8.53 30.87
CA GLU D 347 -2.81 7.53 29.91
C GLU D 347 -3.69 6.48 30.57
N LEU D 348 -3.43 6.15 31.83
CA LEU D 348 -4.27 5.17 32.52
C LEU D 348 -5.71 5.64 32.58
N TRP D 349 -5.94 6.85 33.07
CA TRP D 349 -7.34 7.27 33.22
C TRP D 349 -8.06 7.39 31.89
N ALA D 350 -7.35 7.54 30.78
CA ALA D 350 -7.99 7.81 29.50
C ALA D 350 -8.15 6.58 28.62
N THR D 351 -7.34 5.54 28.80
CA THR D 351 -7.50 4.35 27.99
C THR D 351 -7.59 3.05 28.76
N GLY D 352 -7.46 3.07 30.09
CA GLY D 352 -7.54 1.85 30.86
C GLY D 352 -6.41 0.87 30.62
N TRP D 353 -5.17 1.35 30.55
CA TRP D 353 -4.03 0.51 30.21
C TRP D 353 -2.75 1.29 30.46
N MET D 354 -1.64 0.58 30.59
CA MET D 354 -0.31 1.19 30.72
C MET D 354 0.76 0.10 30.61
N HIS D 355 1.94 0.49 30.13
CA HIS D 355 3.03 -0.44 29.86
C HIS D 355 3.60 -1.01 31.16
N ASN D 356 4.33 -2.13 31.01
N ASN D 356 4.32 -2.13 31.03
CA ASN D 356 4.88 -2.84 32.16
CA ASN D 356 4.86 -2.82 32.18
C ASN D 356 5.88 -1.98 32.92
C ASN D 356 5.87 -1.96 32.93
N ARG D 357 6.75 -1.29 32.21
CA ARG D 357 7.71 -0.41 32.87
C ARG D 357 7.00 0.71 33.61
N ILE D 358 5.92 1.23 33.04
CA ILE D 358 5.18 2.28 33.72
C ILE D 358 4.48 1.74 34.96
N ARG D 359 3.99 0.50 34.91
CA ARG D 359 3.42 -0.10 36.10
C ARG D 359 4.46 -0.20 37.21
N VAL D 360 5.65 -0.70 36.86
CA VAL D 360 6.73 -0.77 37.83
C VAL D 360 7.03 0.60 38.41
N ILE D 361 7.16 1.61 37.53
CA ILE D 361 7.60 2.93 37.95
C ILE D 361 6.58 3.57 38.89
N VAL D 362 5.31 3.57 38.48
CA VAL D 362 4.28 4.25 39.28
C VAL D 362 4.09 3.54 40.60
N SER D 363 4.03 2.20 40.60
CA SER D 363 3.84 1.49 41.86
C SER D 363 5.00 1.75 42.81
N SER D 364 6.23 1.64 42.32
CA SER D 364 7.39 1.88 43.17
C SER D 364 7.39 3.30 43.70
N PHE D 365 7.00 4.28 42.86
CA PHE D 365 6.91 5.65 43.34
C PHE D 365 5.91 5.76 44.48
N GLY D 366 4.73 5.16 44.30
CA GLY D 366 3.69 5.31 45.29
C GLY D 366 4.07 4.78 46.66
N VAL D 367 4.85 3.70 46.71
CA VAL D 367 5.25 3.11 47.98
C VAL D 367 6.50 3.77 48.55
N LYS D 368 7.54 3.94 47.73
CA LYS D 368 8.84 4.33 48.26
C LYS D 368 9.03 5.84 48.33
N PHE D 369 8.13 6.64 47.74
CA PHE D 369 8.32 8.08 47.76
C PHE D 369 7.36 8.79 48.70
N LEU D 370 6.06 8.57 48.54
CA LEU D 370 5.07 9.21 49.37
C LEU D 370 4.64 8.36 50.55
N LEU D 371 5.19 7.16 50.68
CA LEU D 371 4.92 6.28 51.82
C LEU D 371 3.42 6.07 52.03
N LEU D 372 2.76 5.54 51.01
CA LEU D 372 1.32 5.33 51.02
C LEU D 372 0.98 3.92 51.45
N PRO D 373 -0.18 3.71 52.08
CA PRO D 373 -0.65 2.34 52.32
C PRO D 373 -0.94 1.63 51.01
N TRP D 374 -0.23 0.52 50.78
CA TRP D 374 -0.28 -0.15 49.49
C TRP D 374 -1.67 -0.65 49.12
N LYS D 375 -2.56 -0.77 50.11
CA LYS D 375 -3.92 -1.20 49.81
C LYS D 375 -4.63 -0.22 48.88
N TRP D 376 -4.41 1.08 49.09
CA TRP D 376 -5.04 2.07 48.23
C TRP D 376 -4.59 1.93 46.79
N GLY D 377 -3.29 1.74 46.57
CA GLY D 377 -2.80 1.55 45.22
C GLY D 377 -3.39 0.31 44.58
N MET D 378 -3.44 -0.78 45.34
CA MET D 378 -4.04 -1.99 44.81
C MET D 378 -5.50 -1.77 44.43
N LYS D 379 -6.26 -1.05 45.26
CA LYS D 379 -7.68 -0.85 44.99
C LYS D 379 -7.91 0.07 43.80
N TYR D 380 -7.14 1.15 43.66
CA TYR D 380 -7.31 2.01 42.51
C TYR D 380 -6.97 1.28 41.21
N PHE D 381 -5.90 0.49 41.22
CA PHE D 381 -5.63 -0.34 40.06
C PHE D 381 -6.77 -1.29 39.79
N TRP D 382 -7.38 -1.83 40.85
CA TRP D 382 -8.50 -2.76 40.70
C TRP D 382 -9.66 -2.11 39.98
N ASP D 383 -9.98 -0.87 40.32
CA ASP D 383 -11.13 -0.21 39.72
C ASP D 383 -10.86 0.36 38.33
N THR D 384 -9.63 0.76 38.01
CA THR D 384 -9.39 1.40 36.73
C THR D 384 -8.89 0.44 35.64
N LEU D 385 -8.02 -0.52 35.98
CA LEU D 385 -7.42 -1.36 34.96
C LEU D 385 -8.49 -2.19 34.24
N LEU D 386 -8.41 -2.24 32.92
CA LEU D 386 -9.37 -2.99 32.14
C LEU D 386 -9.21 -4.50 32.28
N ASP D 387 -8.15 -4.98 32.92
CA ASP D 387 -7.87 -6.40 33.00
C ASP D 387 -7.52 -6.83 34.41
N ALA D 388 -8.21 -6.29 35.41
CA ALA D 388 -7.84 -6.51 36.79
C ALA D 388 -7.94 -7.99 37.15
N ASP D 389 -6.78 -8.59 37.44
CA ASP D 389 -6.68 -10.02 37.68
C ASP D 389 -5.95 -10.24 39.00
N LEU D 390 -6.51 -11.10 39.84
CA LEU D 390 -6.06 -11.18 41.23
C LEU D 390 -4.64 -11.72 41.34
N GLU D 391 -4.36 -12.84 40.69
CA GLU D 391 -3.05 -13.47 40.83
C GLU D 391 -1.94 -12.61 40.25
N CYS D 392 -2.13 -12.11 39.04
CA CYS D 392 -1.12 -11.27 38.41
C CYS D 392 -0.90 -9.99 39.21
N ASP D 393 -1.98 -9.39 39.70
CA ASP D 393 -1.86 -8.20 40.54
C ASP D 393 -1.00 -8.47 41.77
N ILE D 394 -1.30 -9.56 42.49
CA ILE D 394 -0.57 -9.87 43.72
C ILE D 394 0.90 -10.16 43.40
N LEU D 395 1.16 -10.94 42.35
CA LEU D 395 2.53 -11.25 42.01
C LEU D 395 3.34 -10.00 41.69
N GLY D 396 2.77 -9.10 40.89
CA GLY D 396 3.48 -7.88 40.56
C GLY D 396 3.76 -7.01 41.76
N TRP D 397 2.77 -6.85 42.64
CA TRP D 397 3.01 -6.02 43.82
C TRP D 397 4.04 -6.63 44.75
N GLN D 398 4.04 -7.95 44.92
CA GLN D 398 5.10 -8.58 45.71
C GLN D 398 6.46 -8.32 45.10
N TYR D 399 6.58 -8.48 43.79
CA TYR D 399 7.87 -8.25 43.13
C TYR D 399 8.37 -6.85 43.38
N ILE D 400 7.55 -5.84 43.13
CA ILE D 400 8.04 -4.47 43.27
C ILE D 400 8.29 -4.13 44.73
N SER D 401 7.51 -4.71 45.65
CA SER D 401 7.66 -4.37 47.06
C SER D 401 8.80 -5.10 47.73
N GLY D 402 9.43 -6.06 47.05
CA GLY D 402 10.64 -6.66 47.57
C GLY D 402 10.43 -7.78 48.56
N SER D 403 9.22 -8.37 48.59
CA SER D 403 8.97 -9.54 49.41
C SER D 403 9.42 -10.82 48.72
N ILE D 404 9.97 -10.72 47.52
CA ILE D 404 10.52 -11.86 46.80
C ILE D 404 12.01 -11.63 46.59
N PRO D 405 12.87 -12.60 46.92
CA PRO D 405 14.31 -12.39 46.73
C PRO D 405 14.70 -12.09 45.29
N ASP D 406 13.94 -12.60 44.32
CA ASP D 406 14.12 -12.25 42.91
C ASP D 406 13.42 -10.94 42.59
N GLY D 407 14.15 -9.84 42.61
CA GLY D 407 13.56 -8.54 42.31
C GLY D 407 14.49 -7.42 42.71
N HIS D 408 13.89 -6.25 42.92
CA HIS D 408 14.64 -5.08 43.38
C HIS D 408 14.27 -4.79 44.83
N GLU D 409 15.27 -4.80 45.70
CA GLU D 409 15.05 -4.65 47.14
C GLU D 409 14.59 -3.23 47.45
N LEU D 410 13.84 -3.09 48.55
CA LEU D 410 13.19 -1.83 48.89
C LEU D 410 14.19 -0.69 49.06
N ASP D 411 15.45 -1.03 49.35
CA ASP D 411 16.43 -0.01 49.74
C ASP D 411 16.72 0.98 48.62
N ARG D 412 16.82 0.52 47.37
CA ARG D 412 17.38 1.34 46.30
C ARG D 412 16.28 2.03 45.48
N LEU D 413 16.44 3.33 45.28
CA LEU D 413 15.57 4.14 44.43
C LEU D 413 16.32 4.49 43.15
N ASP D 414 15.61 4.49 42.03
CA ASP D 414 16.24 4.67 40.73
C ASP D 414 16.24 6.15 40.34
N ASN D 415 17.11 6.48 39.38
CA ASN D 415 17.33 7.86 38.96
C ASN D 415 16.53 8.18 37.71
N PRO D 416 15.71 9.22 37.74
CA PRO D 416 14.85 9.52 36.57
C PRO D 416 15.62 9.72 35.28
N ALA D 417 16.80 10.35 35.33
CA ALA D 417 17.57 10.55 34.12
C ALA D 417 17.96 9.23 33.48
N LEU D 418 18.40 8.27 34.28
CA LEU D 418 18.78 6.97 33.76
C LEU D 418 17.57 6.20 33.27
N GLN D 419 16.46 6.26 34.01
CA GLN D 419 15.22 5.62 33.54
C GLN D 419 14.83 6.14 32.17
N GLY D 420 14.81 7.45 32.00
CA GLY D 420 14.46 8.05 30.74
C GLY D 420 15.43 7.69 29.64
N ALA D 421 16.74 7.79 29.89
CA ALA D 421 17.69 7.43 28.86
C ALA D 421 17.52 5.99 28.43
N LYS D 422 17.15 5.11 29.35
CA LYS D 422 17.00 3.69 29.02
C LYS D 422 15.74 3.41 28.24
N TYR D 423 14.60 4.00 28.63
CA TYR D 423 13.32 3.59 28.07
C TYR D 423 12.70 4.59 27.11
N ASP D 424 12.94 5.88 27.28
CA ASP D 424 12.31 6.94 26.49
C ASP D 424 13.41 7.83 25.92
N PRO D 425 14.18 7.33 24.96
CA PRO D 425 15.42 8.02 24.57
C PRO D 425 15.21 9.36 23.88
N GLU D 426 14.01 9.67 23.40
CA GLU D 426 13.79 10.88 22.63
C GLU D 426 12.70 11.80 23.17
N GLY D 427 12.04 11.43 24.27
CA GLY D 427 11.07 12.32 24.85
C GLY D 427 9.70 12.31 24.22
N GLU D 428 9.42 11.41 23.27
CA GLU D 428 8.13 11.40 22.59
C GLU D 428 6.99 11.08 23.55
N TYR D 429 7.18 10.07 24.39
CA TYR D 429 6.15 9.69 25.35
C TYR D 429 5.82 10.86 26.25
N ILE D 430 6.82 11.65 26.61
CA ILE D 430 6.57 12.81 27.46
C ILE D 430 5.80 13.88 26.69
N ARG D 431 6.28 14.22 25.49
CA ARG D 431 5.70 15.34 24.78
C ARG D 431 4.31 15.05 24.24
N GLN D 432 3.92 13.78 24.13
CA GLN D 432 2.57 13.49 23.64
C GLN D 432 1.53 13.63 24.74
N TRP D 433 1.77 13.08 25.92
CA TRP D 433 0.79 13.15 27.00
C TRP D 433 0.92 14.39 27.85
N LEU D 434 2.02 15.13 27.75
CA LEU D 434 2.20 16.40 28.46
C LEU D 434 2.61 17.48 27.48
N PRO D 435 1.67 17.99 26.67
CA PRO D 435 2.06 18.90 25.58
C PRO D 435 2.68 20.20 26.04
N GLU D 436 2.35 20.71 27.23
CA GLU D 436 2.93 21.95 27.70
C GLU D 436 4.42 21.87 27.95
N LEU D 437 5.03 20.73 27.66
CA LEU D 437 6.47 20.54 27.71
C LEU D 437 7.00 20.09 26.34
N ALA D 438 6.53 20.70 25.27
CA ALA D 438 6.89 20.26 23.94
C ALA D 438 8.11 20.96 23.37
N ARG D 439 8.70 21.91 24.09
CA ARG D 439 9.91 22.58 23.62
C ARG D 439 10.98 22.69 24.70
N LEU D 440 11.13 21.64 25.51
CA LEU D 440 12.28 21.39 26.38
C LEU D 440 13.25 20.46 25.66
N PRO D 441 14.55 20.75 25.69
CA PRO D 441 15.50 19.89 24.98
C PRO D 441 15.51 18.48 25.53
N THR D 442 15.87 17.52 24.68
CA THR D 442 15.86 16.12 25.07
C THR D 442 16.83 15.82 26.19
N GLU D 443 17.77 16.72 26.48
CA GLU D 443 18.72 16.47 27.55
C GLU D 443 18.09 16.64 28.93
N TRP D 444 17.24 17.64 29.12
CA TRP D 444 16.70 17.97 30.43
C TRP D 444 15.23 17.64 30.59
N ILE D 445 14.63 16.92 29.64
CA ILE D 445 13.19 16.77 29.67
C ILE D 445 12.69 15.88 30.79
N HIS D 446 13.58 15.10 31.42
CA HIS D 446 13.14 14.15 32.42
C HIS D 446 13.39 14.60 33.85
N HIS D 447 14.28 15.55 34.09
CA HIS D 447 14.57 16.06 35.43
C HIS D 447 14.65 17.59 35.42
N PRO D 448 13.51 18.26 35.21
CA PRO D 448 13.55 19.71 34.94
C PRO D 448 14.17 20.51 36.06
N TRP D 449 14.03 20.09 37.31
CA TRP D 449 14.59 20.86 38.41
C TRP D 449 16.10 20.98 38.33
N ASP D 450 16.72 20.37 37.32
CA ASP D 450 18.15 20.51 37.09
C ASP D 450 18.47 21.63 36.12
N ALA D 451 17.67 21.80 35.08
CA ALA D 451 18.03 22.71 34.00
C ALA D 451 18.05 24.15 34.50
N PRO D 452 19.01 24.96 34.08
CA PRO D 452 19.11 26.33 34.57
C PRO D 452 17.98 27.21 34.08
N LEU D 453 17.78 28.32 34.80
CA LEU D 453 16.68 29.23 34.51
C LEU D 453 16.82 29.86 33.13
N THR D 454 18.03 29.97 32.59
CA THR D 454 18.18 30.44 31.23
C THR D 454 17.47 29.52 30.24
N VAL D 455 17.67 28.21 30.37
CA VAL D 455 16.96 27.27 29.51
C VAL D 455 15.48 27.22 29.82
N LEU D 456 15.11 27.33 31.10
CA LEU D 456 13.68 27.32 31.42
C LEU D 456 12.98 28.62 31.02
N LYS D 457 13.73 29.65 30.63
CA LYS D 457 13.13 30.83 30.04
C LYS D 457 13.09 30.75 28.51
N ALA D 458 14.16 30.24 27.90
CA ALA D 458 14.14 30.05 26.45
C ALA D 458 13.05 29.09 26.05
N SER D 459 12.83 28.04 26.83
CA SER D 459 11.65 27.21 26.65
C SER D 459 10.44 27.94 27.21
N GLY D 460 9.26 27.45 26.92
CA GLY D 460 8.11 28.11 27.49
C GLY D 460 7.79 27.68 28.90
N VAL D 461 8.47 26.66 29.41
CA VAL D 461 8.08 26.02 30.66
C VAL D 461 8.27 27.00 31.82
N GLU D 462 7.37 26.92 32.79
CA GLU D 462 7.44 27.80 33.95
C GLU D 462 6.91 27.05 35.17
N LEU D 463 7.81 26.55 36.00
CA LEU D 463 7.42 25.74 37.16
C LEU D 463 6.64 26.59 38.15
N GLY D 464 5.60 26.00 38.74
CA GLY D 464 4.73 26.68 39.64
C GLY D 464 3.52 27.31 38.99
N THR D 465 3.66 27.80 37.76
CA THR D 465 2.57 28.51 37.08
C THR D 465 1.84 27.66 36.06
N ASN D 466 2.55 26.91 35.21
CA ASN D 466 1.88 25.97 34.32
C ASN D 466 2.51 24.58 34.34
N TYR D 467 3.28 24.26 35.37
CA TYR D 467 3.71 22.89 35.66
C TYR D 467 4.25 22.86 37.08
N ALA D 468 4.01 21.74 37.77
CA ALA D 468 4.21 21.70 39.20
C ALA D 468 5.65 21.39 39.58
N LYS D 469 6.14 22.10 40.59
CA LYS D 469 7.41 21.79 41.23
C LYS D 469 7.29 20.48 42.00
N PRO D 470 8.38 19.71 42.10
CA PRO D 470 8.27 18.36 42.65
C PRO D 470 7.61 18.33 44.02
N ILE D 471 6.68 17.39 44.21
CA ILE D 471 5.81 17.42 45.38
C ILE D 471 6.59 17.14 46.65
N VAL D 472 7.56 16.23 46.59
CA VAL D 472 8.45 15.95 47.71
C VAL D 472 9.85 15.81 47.15
N ASP D 473 10.83 16.35 47.87
CA ASP D 473 12.20 16.26 47.38
C ASP D 473 12.69 14.82 47.45
N ILE D 474 13.47 14.43 46.44
CA ILE D 474 13.94 13.05 46.34
C ILE D 474 14.87 12.69 47.49
N ASP D 475 15.76 13.61 47.88
CA ASP D 475 16.77 13.31 48.89
C ASP D 475 16.14 13.04 50.26
N THR D 476 15.18 13.87 50.67
CA THR D 476 14.57 13.69 51.99
C THR D 476 13.80 12.38 52.08
N ALA D 477 13.06 12.03 51.02
CA ALA D 477 12.36 10.76 51.00
C ALA D 477 13.34 9.60 51.05
N ARG D 478 14.46 9.72 50.36
CA ARG D 478 15.48 8.67 50.44
C ARG D 478 16.01 8.52 51.86
N GLU D 479 16.19 9.64 52.56
CA GLU D 479 16.66 9.58 53.95
C GLU D 479 15.63 8.92 54.86
N LEU D 480 14.34 9.27 54.69
CA LEU D 480 13.32 8.63 55.51
C LEU D 480 13.22 7.13 55.26
N LEU D 481 13.27 6.72 53.99
CA LEU D 481 13.31 5.29 53.70
C LEU D 481 14.58 4.65 54.25
N ALA D 482 15.69 5.39 54.28
CA ALA D 482 16.92 4.89 54.87
C ALA D 482 16.75 4.66 56.36
N LYS D 483 15.97 5.51 57.03
CA LYS D 483 15.61 5.24 58.41
C LYS D 483 14.90 3.89 58.54
N ALA D 484 13.85 3.71 57.74
CA ALA D 484 13.01 2.53 57.87
C ALA D 484 13.75 1.26 57.43
N ILE D 485 14.81 1.42 56.62
CA ILE D 485 15.55 0.26 56.13
C ILE D 485 16.73 -0.06 57.05
N SER D 486 17.52 0.96 57.41
CA SER D 486 18.65 0.73 58.31
C SER D 486 18.19 0.34 59.69
N ARG D 487 16.88 0.50 60.00
CA ARG D 487 16.34 -0.18 61.18
C ARG D 487 16.57 -1.69 61.10
N THR D 488 16.46 -2.27 59.90
CA THR D 488 16.70 -3.70 59.72
C THR D 488 18.18 -4.04 59.97
#